data_5XKM
#
_entry.id   5XKM
#
_cell.length_a   72.925
_cell.length_b   89.768
_cell.length_c   90.361
_cell.angle_alpha   107.31
_cell.angle_beta   113.85
_cell.angle_gamma   89.84
#
_symmetry.space_group_name_H-M   'P 1'
#
loop_
_entity.id
_entity.type
_entity.pdbx_description
1 polymer "cGMP-dependent 3',5'-cyclic phosphodiesterase"
2 non-polymer 'MAGNESIUM ION'
3 non-polymer 'ZINC ION'
4 non-polymer 6-methyl-N-[(1R)-1-[4-(trifluoromethyloxy)phenyl]propyl]pyrazolo[1,5-a]pyrimidine-3-carboxamide
5 water water
#
_entity_poly.entity_id   1
_entity_poly.type   'polypeptide(L)'
_entity_poly.pdbx_seq_one_letter_code
;GHASDDEYTKLLHDGIQPVAAIDSNFASFTYTPRSLPEDDTSMAILSMLQDMNFINNYKIDCPTLARFCLMVKKGYRDPP
YHNWMHAFSVSHFCYLLYKNLELTNYLEDIEIFALFISCMCHDLDHRGTNNSFQVASKSVLAALYSSEGSVMERHHFAQA
IAILNTHGCNIFDHFSRKDYQRMLDLMRDIILATDLAHHLRIFKDLQKMAEVGYDRNNKQHHRLLLCLLMTSCDLSDQTK
GWKTTRKIAELIYKEFFSQGDLEKAMGNRPMEMMDREKAYIPELQISFMEHIAMPIYKLLQDLFPKAAELYERVASNREH
WTKVSHKFTIRGLPSNNSLDFLDEE
;
_entity_poly.pdbx_strand_id   A,B,C,D,E,F
#
# COMPACT_ATOMS: atom_id res chain seq x y z
N ASP A 5 21.78 -28.71 -16.55
CA ASP A 5 23.07 -28.82 -15.79
C ASP A 5 22.79 -28.90 -14.29
N ASP A 6 22.21 -27.84 -13.74
CA ASP A 6 21.81 -27.80 -12.33
C ASP A 6 20.62 -28.70 -12.09
N GLU A 7 19.61 -28.58 -12.95
CA GLU A 7 18.41 -29.42 -12.90
C GLU A 7 18.70 -30.83 -13.40
N TYR A 8 19.74 -30.97 -14.24
CA TYR A 8 20.15 -32.26 -14.75
C TYR A 8 20.62 -33.20 -13.63
N THR A 9 21.51 -32.68 -12.77
CA THR A 9 22.00 -33.44 -11.62
C THR A 9 20.85 -33.83 -10.69
N LYS A 10 19.96 -32.87 -10.40
CA LYS A 10 18.77 -33.11 -9.60
C LYS A 10 17.91 -34.24 -10.16
N LEU A 11 17.62 -34.18 -11.46
CA LEU A 11 16.78 -35.17 -12.12
C LEU A 11 17.43 -36.55 -12.17
N LEU A 12 18.69 -36.58 -12.58
CA LEU A 12 19.43 -37.84 -12.71
C LEU A 12 19.54 -38.56 -11.36
N HIS A 13 19.94 -37.82 -10.33
CA HIS A 13 20.17 -38.39 -9.00
C HIS A 13 18.89 -38.78 -8.27
N ASP A 14 17.73 -38.37 -8.81
CA ASP A 14 16.44 -38.81 -8.29
C ASP A 14 16.18 -40.27 -8.64
N GLY A 15 16.59 -40.67 -9.84
CA GLY A 15 16.41 -42.05 -10.33
C GLY A 15 14.99 -42.36 -10.74
N ILE A 16 14.84 -43.22 -11.76
CA ILE A 16 13.52 -43.60 -12.28
C ILE A 16 12.73 -44.37 -11.22
N GLN A 17 11.59 -43.81 -10.84
CA GLN A 17 10.83 -44.29 -9.70
C GLN A 17 9.57 -45.03 -10.09
N PRO A 18 9.18 -46.08 -9.33
CA PRO A 18 7.91 -46.74 -9.57
C PRO A 18 6.75 -45.75 -9.47
N VAL A 19 5.77 -45.91 -10.34
CA VAL A 19 4.64 -44.98 -10.45
C VAL A 19 3.85 -44.84 -9.14
N ALA A 20 3.92 -45.86 -8.29
CA ALA A 20 3.25 -45.86 -6.98
C ALA A 20 3.85 -44.82 -6.03
N ALA A 21 5.18 -44.66 -6.09
CA ALA A 21 5.90 -43.74 -5.22
C ALA A 21 5.52 -42.27 -5.41
N ILE A 22 4.97 -41.95 -6.58
CA ILE A 22 4.48 -40.61 -6.88
C ILE A 22 3.13 -40.39 -6.19
N ASP A 23 2.20 -41.29 -6.45
CA ASP A 23 0.87 -41.30 -5.82
C ASP A 23 0.22 -42.65 -6.08
N SER A 24 -0.57 -43.12 -5.11
CA SER A 24 -1.27 -44.40 -5.24
C SER A 24 -2.40 -44.35 -6.28
N ASN A 25 -2.93 -43.14 -6.51
CA ASN A 25 -4.01 -42.93 -7.47
C ASN A 25 -3.51 -42.43 -8.83
N PHE A 26 -2.22 -42.58 -9.09
CA PHE A 26 -1.57 -41.98 -10.26
C PHE A 26 -2.06 -42.50 -11.61
N ALA A 27 -2.36 -43.80 -11.68
CA ALA A 27 -2.84 -44.46 -12.90
C ALA A 27 -4.36 -44.40 -13.08
N SER A 28 -5.04 -43.62 -12.24
CA SER A 28 -6.50 -43.52 -12.27
C SER A 28 -6.99 -42.30 -13.07
N PHE A 29 -8.16 -42.45 -13.69
CA PHE A 29 -8.80 -41.33 -14.40
C PHE A 29 -9.21 -40.17 -13.49
N THR A 30 -9.34 -40.45 -12.18
CA THR A 30 -9.73 -39.43 -11.20
C THR A 30 -8.57 -38.54 -10.77
N TYR A 31 -7.34 -38.99 -11.00
CA TYR A 31 -6.15 -38.23 -10.61
C TYR A 31 -5.99 -36.98 -11.46
N THR A 32 -5.63 -35.88 -10.80
CA THR A 32 -5.38 -34.61 -11.48
C THR A 32 -3.88 -34.32 -11.51
N PRO A 33 -3.24 -34.48 -12.68
CA PRO A 33 -1.80 -34.30 -12.83
C PRO A 33 -1.30 -32.92 -12.41
N ARG A 34 -2.20 -31.94 -12.38
CA ARG A 34 -1.85 -30.57 -12.00
C ARG A 34 -1.64 -30.42 -10.49
N SER A 35 -2.09 -31.41 -9.73
CA SER A 35 -1.86 -31.47 -8.29
C SER A 35 -0.39 -31.74 -7.97
N LEU A 36 0.32 -32.33 -8.91
CA LEU A 36 1.75 -32.61 -8.74
C LEU A 36 2.57 -31.34 -8.97
N PRO A 37 3.49 -31.04 -8.03
CA PRO A 37 4.34 -29.85 -8.16
C PRO A 37 5.21 -29.91 -9.41
N GLU A 38 5.41 -28.76 -10.04
CA GLU A 38 6.16 -28.65 -11.29
C GLU A 38 7.58 -29.23 -11.21
N ASP A 39 8.20 -29.09 -10.04
CA ASP A 39 9.55 -29.62 -9.80
C ASP A 39 9.62 -31.16 -9.75
N ASP A 40 8.46 -31.81 -9.76
CA ASP A 40 8.39 -33.27 -9.76
C ASP A 40 7.98 -33.85 -11.13
N THR A 41 7.58 -32.97 -12.06
CA THR A 41 7.02 -33.42 -13.34
C THR A 41 7.99 -34.20 -14.22
N SER A 42 9.23 -33.73 -14.30
CA SER A 42 10.25 -34.39 -15.13
C SER A 42 10.55 -35.83 -14.68
N MET A 43 10.53 -36.06 -13.37
CA MET A 43 10.71 -37.40 -12.83
C MET A 43 9.48 -38.26 -13.17
N ALA A 44 8.29 -37.67 -13.03
CA ALA A 44 7.04 -38.34 -13.36
C ALA A 44 6.98 -38.79 -14.83
N ILE A 45 7.51 -37.97 -15.74
CA ILE A 45 7.64 -38.35 -17.14
C ILE A 45 8.46 -39.66 -17.25
N LEU A 46 9.66 -39.65 -16.69
CA LEU A 46 10.54 -40.82 -16.69
C LEU A 46 9.87 -42.03 -16.08
N SER A 47 9.20 -41.83 -14.95
CA SER A 47 8.45 -42.87 -14.28
C SER A 47 7.40 -43.49 -15.20
N MET A 48 6.70 -42.65 -15.94
CA MET A 48 5.65 -43.10 -16.85
C MET A 48 6.21 -43.91 -18.02
N LEU A 49 7.32 -43.43 -18.58
CA LEU A 49 7.99 -44.16 -19.66
C LEU A 49 8.53 -45.51 -19.19
N GLN A 50 9.03 -45.54 -17.96
CA GLN A 50 9.48 -46.77 -17.32
C GLN A 50 8.32 -47.74 -17.12
N ASP A 51 7.19 -47.22 -16.64
CA ASP A 51 6.04 -48.05 -16.37
C ASP A 51 5.41 -48.65 -17.63
N MET A 52 5.56 -47.94 -18.75
CA MET A 52 5.09 -48.43 -20.05
C MET A 52 6.17 -49.28 -20.71
N ASN A 53 7.30 -49.41 -20.02
CA ASN A 53 8.45 -50.21 -20.46
C ASN A 53 9.10 -49.76 -21.76
N PHE A 54 8.99 -48.47 -22.08
CA PHE A 54 9.59 -47.98 -23.32
C PHE A 54 11.10 -47.79 -23.21
N ILE A 55 11.58 -47.60 -21.99
CA ILE A 55 13.01 -47.46 -21.74
C ILE A 55 13.75 -48.76 -22.02
N ASN A 56 13.28 -49.85 -21.42
CA ASN A 56 13.87 -51.17 -21.64
C ASN A 56 13.53 -51.75 -23.01
N ASN A 57 12.31 -51.51 -23.48
CA ASN A 57 11.87 -51.96 -24.81
C ASN A 57 12.80 -51.44 -25.90
N TYR A 58 13.02 -50.13 -25.92
CA TYR A 58 13.81 -49.49 -26.98
C TYR A 58 15.24 -49.20 -26.56
N LYS A 59 15.63 -49.65 -25.37
CA LYS A 59 16.97 -49.45 -24.81
C LYS A 59 17.45 -48.00 -24.93
N ILE A 60 16.62 -47.08 -24.44
CA ILE A 60 16.96 -45.66 -24.42
C ILE A 60 17.99 -45.40 -23.33
N ASP A 61 19.05 -44.68 -23.70
CA ASP A 61 20.05 -44.23 -22.75
C ASP A 61 19.41 -43.26 -21.78
N CYS A 62 19.41 -43.60 -20.49
CA CYS A 62 18.70 -42.82 -19.47
C CYS A 62 19.17 -41.37 -19.27
N PRO A 63 20.51 -41.13 -19.29
CA PRO A 63 20.96 -39.73 -19.26
C PRO A 63 20.53 -38.91 -20.48
N THR A 64 20.47 -39.56 -21.65
CA THR A 64 19.97 -38.91 -22.86
C THR A 64 18.49 -38.59 -22.68
N LEU A 65 17.75 -39.53 -22.09
CA LEU A 65 16.33 -39.36 -21.84
C LEU A 65 16.06 -38.25 -20.83
N ALA A 66 16.89 -38.17 -19.79
CA ALA A 66 16.82 -37.10 -18.81
C ALA A 66 17.00 -35.73 -19.48
N ARG A 67 18.07 -35.60 -20.25
CA ARG A 67 18.36 -34.36 -20.98
C ARG A 67 17.22 -33.98 -21.92
N PHE A 68 16.73 -34.96 -22.68
CA PHE A 68 15.60 -34.75 -23.57
C PHE A 68 14.40 -34.13 -22.83
N CYS A 69 14.00 -34.78 -21.74
CA CYS A 69 12.85 -34.34 -20.94
C CYS A 69 13.01 -32.93 -20.40
N LEU A 70 14.22 -32.61 -19.93
CA LEU A 70 14.51 -31.27 -19.43
C LEU A 70 14.47 -30.23 -20.54
N MET A 71 14.99 -30.59 -21.72
CA MET A 71 14.93 -29.72 -22.87
C MET A 71 13.50 -29.45 -23.30
N VAL A 72 12.69 -30.50 -23.38
CA VAL A 72 11.27 -30.35 -23.73
C VAL A 72 10.59 -29.39 -22.75
N LYS A 73 10.76 -29.66 -21.46
CA LYS A 73 10.21 -28.82 -20.39
C LYS A 73 10.64 -27.36 -20.55
N LYS A 74 11.93 -27.15 -20.78
CA LYS A 74 12.49 -25.81 -21.03
C LYS A 74 11.93 -25.18 -22.31
N GLY A 75 11.50 -26.01 -23.25
CA GLY A 75 11.01 -25.54 -24.55
C GLY A 75 9.62 -24.94 -24.52
N TYR A 76 8.98 -24.97 -23.36
CA TYR A 76 7.71 -24.28 -23.19
C TYR A 76 7.91 -22.90 -22.61
N ARG A 77 7.09 -21.95 -23.06
CA ARG A 77 7.05 -20.62 -22.47
C ARG A 77 6.03 -20.64 -21.34
N ASP A 78 5.70 -19.47 -20.80
CA ASP A 78 4.75 -19.40 -19.69
C ASP A 78 3.52 -18.52 -19.96
N PRO A 79 2.72 -18.84 -21.00
CA PRO A 79 1.42 -18.19 -21.06
C PRO A 79 0.48 -18.86 -20.03
N PRO A 80 -0.68 -18.24 -19.75
CA PRO A 80 -1.59 -18.81 -18.75
C PRO A 80 -1.95 -20.30 -18.95
N TYR A 81 -2.21 -20.72 -20.18
CA TYR A 81 -2.60 -22.12 -20.42
C TYR A 81 -1.51 -22.99 -21.05
N HIS A 82 -0.98 -22.56 -22.20
CA HIS A 82 -0.09 -23.39 -23.01
C HIS A 82 1.36 -23.39 -22.52
N ASN A 83 1.53 -23.82 -21.28
CA ASN A 83 2.83 -23.95 -20.63
C ASN A 83 3.16 -25.43 -20.42
N TRP A 84 4.29 -25.70 -19.77
CA TRP A 84 4.74 -27.09 -19.56
C TRP A 84 3.71 -27.93 -18.82
N MET A 85 3.02 -27.33 -17.85
CA MET A 85 2.01 -28.03 -17.06
C MET A 85 0.85 -28.56 -17.89
N HIS A 86 0.57 -27.89 -19.02
CA HIS A 86 -0.39 -28.41 -19.97
C HIS A 86 0.18 -29.65 -20.68
N ALA A 87 1.39 -29.52 -21.24
CA ALA A 87 2.07 -30.64 -21.89
C ALA A 87 2.22 -31.84 -20.96
N PHE A 88 2.56 -31.57 -19.70
CA PHE A 88 2.70 -32.63 -18.70
C PHE A 88 1.37 -33.36 -18.46
N SER A 89 0.31 -32.59 -18.21
CA SER A 89 -1.01 -33.14 -17.97
C SER A 89 -1.56 -33.93 -19.17
N VAL A 90 -1.30 -33.45 -20.37
CA VAL A 90 -1.63 -34.15 -21.61
C VAL A 90 -0.88 -35.48 -21.70
N SER A 91 0.42 -35.43 -21.42
CA SER A 91 1.26 -36.64 -21.35
C SER A 91 0.74 -37.64 -20.34
N HIS A 92 0.35 -37.14 -19.17
CA HIS A 92 -0.19 -38.00 -18.12
C HIS A 92 -1.46 -38.72 -18.58
N PHE A 93 -2.33 -38.01 -19.27
CA PHE A 93 -3.58 -38.60 -19.76
C PHE A 93 -3.30 -39.67 -20.81
N CYS A 94 -2.26 -39.47 -21.62
CA CYS A 94 -1.84 -40.48 -22.59
C CYS A 94 -1.44 -41.76 -21.86
N TYR A 95 -0.68 -41.59 -20.78
CA TYR A 95 -0.32 -42.67 -19.89
C TYR A 95 -1.56 -43.35 -19.31
N LEU A 96 -2.56 -42.55 -18.95
CA LEU A 96 -3.82 -43.05 -18.40
C LEU A 96 -4.56 -43.93 -19.41
N LEU A 97 -4.57 -43.48 -20.66
CA LEU A 97 -5.20 -44.24 -21.74
C LEU A 97 -4.50 -45.59 -21.95
N TYR A 98 -3.18 -45.58 -21.91
CA TYR A 98 -2.39 -46.79 -22.00
C TYR A 98 -2.74 -47.80 -20.89
N LYS A 99 -2.82 -47.32 -19.65
CA LYS A 99 -3.06 -48.19 -18.51
C LYS A 99 -4.51 -48.65 -18.42
N ASN A 100 -5.43 -47.75 -18.74
CA ASN A 100 -6.86 -48.00 -18.53
C ASN A 100 -7.59 -48.63 -19.72
N LEU A 101 -7.22 -48.21 -20.94
CA LEU A 101 -7.87 -48.74 -22.14
C LEU A 101 -7.07 -49.88 -22.79
N GLU A 102 -5.93 -50.21 -22.20
CA GLU A 102 -5.05 -51.27 -22.71
C GLU A 102 -4.70 -51.07 -24.19
N LEU A 103 -3.97 -49.99 -24.47
CA LEU A 103 -3.67 -49.59 -25.84
C LEU A 103 -2.80 -50.59 -26.61
N THR A 104 -2.03 -51.40 -25.89
CA THR A 104 -1.20 -52.45 -26.50
C THR A 104 -2.01 -53.45 -27.33
N ASN A 105 -3.29 -53.57 -27.02
CA ASN A 105 -4.18 -54.45 -27.78
C ASN A 105 -4.73 -53.81 -29.06
N TYR A 106 -4.31 -52.58 -29.35
CA TYR A 106 -4.87 -51.81 -30.46
C TYR A 106 -3.80 -51.22 -31.37
N LEU A 107 -2.67 -50.82 -30.79
CA LEU A 107 -1.62 -50.13 -31.52
C LEU A 107 -0.25 -50.77 -31.34
N GLU A 108 0.63 -50.52 -32.30
CA GLU A 108 2.03 -50.96 -32.22
C GLU A 108 2.74 -50.25 -31.07
N ASP A 109 3.73 -50.92 -30.48
CA ASP A 109 4.54 -50.32 -29.42
C ASP A 109 5.17 -49.00 -29.85
N ILE A 110 5.60 -48.93 -31.11
CA ILE A 110 6.22 -47.72 -31.64
C ILE A 110 5.22 -46.56 -31.75
N GLU A 111 3.96 -46.89 -32.01
CA GLU A 111 2.89 -45.90 -32.14
C GLU A 111 2.53 -45.29 -30.79
N ILE A 112 2.35 -46.13 -29.78
CA ILE A 112 2.08 -45.67 -28.41
C ILE A 112 3.25 -44.82 -27.90
N PHE A 113 4.47 -45.30 -28.14
CA PHE A 113 5.66 -44.54 -27.77
C PHE A 113 5.68 -43.17 -28.43
N ALA A 114 5.42 -43.12 -29.73
CA ALA A 114 5.31 -41.86 -30.46
C ALA A 114 4.17 -40.97 -29.96
N LEU A 115 3.07 -41.58 -29.53
CA LEU A 115 1.95 -40.81 -28.98
C LEU A 115 2.36 -40.06 -27.71
N PHE A 116 3.11 -40.74 -26.84
CA PHE A 116 3.51 -40.18 -25.56
C PHE A 116 4.54 -39.09 -25.73
N ILE A 117 5.55 -39.33 -26.56
CA ILE A 117 6.55 -38.30 -26.85
C ILE A 117 5.89 -37.09 -27.50
N SER A 118 4.96 -37.35 -28.43
CA SER A 118 4.23 -36.27 -29.09
C SER A 118 3.49 -35.39 -28.08
N CYS A 119 2.79 -36.03 -27.14
CA CYS A 119 2.08 -35.33 -26.07
C CYS A 119 2.99 -34.38 -25.31
N MET A 120 4.21 -34.82 -25.01
CA MET A 120 5.21 -34.00 -24.34
C MET A 120 5.56 -32.79 -25.17
N CYS A 121 5.65 -33.00 -26.49
CA CYS A 121 6.18 -32.00 -27.41
C CYS A 121 5.11 -31.16 -28.10
N HIS A 122 3.85 -31.55 -27.97
CA HIS A 122 2.79 -31.09 -28.87
C HIS A 122 2.49 -29.58 -28.88
N ASP A 123 2.82 -28.86 -27.80
CA ASP A 123 2.64 -27.41 -27.78
C ASP A 123 3.94 -26.63 -27.57
N LEU A 124 5.07 -27.24 -27.92
CA LEU A 124 6.40 -26.61 -27.72
C LEU A 124 6.46 -25.18 -28.26
N ASP A 125 6.98 -24.27 -27.44
CA ASP A 125 7.19 -22.87 -27.78
C ASP A 125 5.89 -22.13 -28.14
N HIS A 126 4.77 -22.58 -27.57
CA HIS A 126 3.49 -21.92 -27.76
C HIS A 126 3.56 -20.54 -27.13
N ARG A 127 3.00 -19.54 -27.82
CA ARG A 127 3.07 -18.15 -27.34
C ARG A 127 1.74 -17.64 -26.82
N GLY A 128 0.79 -18.56 -26.62
CA GLY A 128 -0.53 -18.21 -26.10
C GLY A 128 -1.48 -17.64 -27.13
N THR A 129 -1.15 -17.79 -28.41
CA THR A 129 -1.99 -17.29 -29.48
C THR A 129 -2.29 -18.41 -30.48
N ASN A 130 -3.46 -18.34 -31.13
CA ASN A 130 -3.85 -19.38 -32.09
C ASN A 130 -3.17 -19.24 -33.46
N ASN A 131 -3.51 -20.13 -34.38
CA ASN A 131 -2.98 -20.09 -35.74
C ASN A 131 -3.33 -18.80 -36.46
N SER A 132 -4.57 -18.35 -36.28
CA SER A 132 -5.07 -17.11 -36.87
C SER A 132 -4.21 -15.90 -36.53
N PHE A 133 -3.86 -15.76 -35.25
CA PHE A 133 -3.11 -14.60 -34.79
C PHE A 133 -1.70 -14.53 -35.39
N GLN A 134 -1.11 -15.68 -35.72
CA GLN A 134 0.21 -15.72 -36.33
C GLN A 134 0.20 -15.05 -37.69
N VAL A 135 -0.86 -15.30 -38.47
CA VAL A 135 -1.02 -14.68 -39.77
C VAL A 135 -1.31 -13.18 -39.64
N ALA A 136 -2.30 -12.84 -38.82
CA ALA A 136 -2.69 -11.44 -38.59
C ALA A 136 -1.49 -10.60 -38.16
N SER A 137 -0.70 -11.13 -37.23
CA SER A 137 0.45 -10.42 -36.70
C SER A 137 1.69 -10.53 -37.59
N LYS A 138 1.57 -11.28 -38.68
CA LYS A 138 2.69 -11.53 -39.60
C LYS A 138 3.95 -11.95 -38.83
N SER A 139 3.80 -12.99 -38.02
CA SER A 139 4.91 -13.55 -37.26
C SER A 139 5.83 -14.36 -38.18
N VAL A 140 7.05 -14.63 -37.71
CA VAL A 140 7.98 -15.51 -38.43
C VAL A 140 7.36 -16.89 -38.70
N LEU A 141 6.56 -17.38 -37.77
CA LEU A 141 5.93 -18.69 -37.91
C LEU A 141 4.93 -18.71 -39.07
N ALA A 142 4.20 -17.60 -39.26
CA ALA A 142 3.32 -17.46 -40.40
C ALA A 142 4.12 -17.42 -41.70
N ALA A 143 5.20 -16.64 -41.71
CA ALA A 143 6.11 -16.61 -42.85
C ALA A 143 6.56 -18.02 -43.22
N LEU A 144 6.91 -18.80 -42.21
CA LEU A 144 7.40 -20.17 -42.39
C LEU A 144 6.31 -21.18 -42.77
N TYR A 145 5.14 -21.08 -42.17
CA TYR A 145 4.15 -22.17 -42.23
C TYR A 145 2.74 -21.83 -42.74
N SER A 146 2.47 -20.54 -42.95
CA SER A 146 1.10 -20.10 -43.28
C SER A 146 0.54 -20.68 -44.58
N SER A 147 1.42 -20.95 -45.55
CA SER A 147 1.01 -21.54 -46.83
C SER A 147 0.74 -23.04 -46.69
N GLU A 148 1.28 -23.65 -45.65
CA GLU A 148 1.08 -25.07 -45.39
C GLU A 148 -0.12 -25.38 -44.48
N GLY A 149 -0.55 -24.39 -43.71
CA GLY A 149 -1.62 -24.59 -42.72
C GLY A 149 -1.07 -25.10 -41.40
N SER A 150 -1.94 -25.18 -40.38
CA SER A 150 -1.55 -25.60 -39.03
C SER A 150 -0.22 -24.97 -38.61
N VAL A 151 -0.19 -23.63 -38.57
CA VAL A 151 1.04 -22.87 -38.34
C VAL A 151 1.75 -23.28 -37.05
N MET A 152 1.04 -23.19 -35.93
CA MET A 152 1.62 -23.51 -34.63
C MET A 152 2.06 -24.96 -34.53
N GLU A 153 1.23 -25.87 -35.03
CA GLU A 153 1.48 -27.31 -34.97
C GLU A 153 2.76 -27.70 -35.72
N ARG A 154 3.01 -27.03 -36.84
CA ARG A 154 4.23 -27.23 -37.60
C ARG A 154 5.46 -26.69 -36.87
N HIS A 155 5.27 -25.60 -36.12
CA HIS A 155 6.34 -25.06 -35.28
C HIS A 155 6.66 -26.01 -34.12
N HIS A 156 5.63 -26.48 -33.43
CA HIS A 156 5.81 -27.45 -32.35
C HIS A 156 6.65 -28.64 -32.80
N PHE A 157 6.28 -29.21 -33.95
CA PHE A 157 7.05 -30.32 -34.54
C PHE A 157 8.48 -29.92 -34.84
N ALA A 158 8.66 -28.78 -35.51
CA ALA A 158 10.01 -28.28 -35.83
C ALA A 158 10.84 -28.09 -34.57
N GLN A 159 10.21 -27.63 -33.49
CA GLN A 159 10.87 -27.49 -32.20
C GLN A 159 11.29 -28.85 -31.63
N ALA A 160 10.39 -29.84 -31.71
CA ALA A 160 10.68 -31.20 -31.25
C ALA A 160 11.89 -31.80 -31.96
N ILE A 161 11.92 -31.62 -33.28
CA ILE A 161 13.06 -32.04 -34.11
C ILE A 161 14.36 -31.36 -33.68
N ALA A 162 14.31 -30.04 -33.50
CA ALA A 162 15.49 -29.27 -33.08
C ALA A 162 16.04 -29.78 -31.75
N ILE A 163 15.16 -30.18 -30.84
CA ILE A 163 15.56 -30.75 -29.56
C ILE A 163 16.30 -32.07 -29.77
N LEU A 164 15.72 -32.95 -30.60
CA LEU A 164 16.35 -34.23 -30.92
C LEU A 164 17.74 -34.07 -31.53
N ASN A 165 17.91 -33.02 -32.33
CA ASN A 165 19.20 -32.73 -32.96
C ASN A 165 20.15 -31.92 -32.09
N THR A 166 19.72 -31.59 -30.88
CA THR A 166 20.61 -30.99 -29.89
C THR A 166 21.50 -32.10 -29.33
N HIS A 167 22.80 -31.82 -29.25
CA HIS A 167 23.78 -32.80 -28.79
C HIS A 167 23.44 -33.36 -27.41
N GLY A 168 23.45 -34.69 -27.31
CA GLY A 168 23.13 -35.37 -26.06
C GLY A 168 21.65 -35.58 -25.80
N CYS A 169 20.80 -35.16 -26.73
CA CYS A 169 19.34 -35.19 -26.53
C CYS A 169 18.59 -36.14 -27.46
N ASN A 170 19.32 -36.82 -28.34
CA ASN A 170 18.67 -37.71 -29.30
C ASN A 170 18.32 -39.07 -28.71
N ILE A 171 17.09 -39.22 -28.26
CA ILE A 171 16.62 -40.47 -27.64
C ILE A 171 16.39 -41.60 -28.65
N PHE A 172 16.50 -41.29 -29.94
CA PHE A 172 16.30 -42.28 -30.99
C PHE A 172 17.60 -42.59 -31.78
N ASP A 173 18.72 -42.00 -31.39
CA ASP A 173 19.96 -42.13 -32.16
C ASP A 173 20.52 -43.55 -32.23
N HIS A 174 19.91 -44.46 -31.46
CA HIS A 174 20.28 -45.87 -31.44
C HIS A 174 19.19 -46.73 -32.12
N PHE A 175 18.08 -46.09 -32.51
CA PHE A 175 17.00 -46.74 -33.24
C PHE A 175 17.47 -47.18 -34.62
N SER A 176 16.89 -48.27 -35.12
CA SER A 176 17.14 -48.70 -36.48
C SER A 176 16.73 -47.57 -37.42
N ARG A 177 17.33 -47.55 -38.61
CA ARG A 177 17.00 -46.57 -39.64
C ARG A 177 15.49 -46.59 -39.94
N LYS A 178 14.92 -47.79 -40.06
CA LYS A 178 13.49 -47.96 -40.27
C LYS A 178 12.66 -47.36 -39.13
N ASP A 179 12.97 -47.75 -37.90
CA ASP A 179 12.27 -47.26 -36.72
C ASP A 179 12.40 -45.74 -36.54
N TYR A 180 13.58 -45.20 -36.85
CA TYR A 180 13.83 -43.77 -36.74
C TYR A 180 12.91 -42.93 -37.63
N GLN A 181 12.81 -43.31 -38.90
CA GLN A 181 11.92 -42.61 -39.84
C GLN A 181 10.46 -42.74 -39.39
N ARG A 182 10.07 -43.94 -38.97
CA ARG A 182 8.72 -44.21 -38.50
C ARG A 182 8.36 -43.25 -37.35
N MET A 183 9.26 -43.13 -36.39
CA MET A 183 9.09 -42.25 -35.24
C MET A 183 8.86 -40.79 -35.64
N LEU A 184 9.71 -40.29 -36.55
CA LEU A 184 9.59 -38.93 -37.07
C LEU A 184 8.27 -38.68 -37.78
N ASP A 185 7.86 -39.64 -38.63
CA ASP A 185 6.58 -39.56 -39.33
C ASP A 185 5.42 -39.55 -38.34
N LEU A 186 5.47 -40.45 -37.37
CA LEU A 186 4.42 -40.58 -36.36
C LEU A 186 4.27 -39.28 -35.56
N MET A 187 5.40 -38.76 -35.08
CA MET A 187 5.40 -37.50 -34.33
C MET A 187 4.80 -36.34 -35.12
N ARG A 188 5.13 -36.24 -36.40
CA ARG A 188 4.57 -35.19 -37.26
C ARG A 188 3.06 -35.34 -37.39
N ASP A 189 2.61 -36.53 -37.76
CA ASP A 189 1.17 -36.80 -37.93
C ASP A 189 0.38 -36.54 -36.64
N ILE A 190 0.90 -37.04 -35.53
CA ILE A 190 0.22 -36.92 -34.24
C ILE A 190 0.15 -35.46 -33.79
N ILE A 191 1.28 -34.74 -33.90
CA ILE A 191 1.32 -33.32 -33.51
C ILE A 191 0.38 -32.48 -34.38
N LEU A 192 0.34 -32.75 -35.69
CA LEU A 192 -0.57 -32.05 -36.59
C LEU A 192 -2.04 -32.35 -36.32
N ALA A 193 -2.30 -33.51 -35.73
CA ALA A 193 -3.66 -33.89 -35.32
C ALA A 193 -4.19 -32.99 -34.18
N THR A 194 -3.29 -32.23 -33.55
CA THR A 194 -3.71 -31.32 -32.46
C THR A 194 -4.36 -30.02 -32.97
N ASP A 195 -4.33 -29.79 -34.28
CA ASP A 195 -5.05 -28.67 -34.89
C ASP A 195 -6.54 -29.04 -34.96
N LEU A 196 -7.38 -28.18 -34.38
CA LEU A 196 -8.83 -28.40 -34.43
C LEU A 196 -9.34 -28.58 -35.87
N ALA A 197 -8.80 -27.78 -36.78
CA ALA A 197 -9.13 -27.86 -38.21
C ALA A 197 -8.97 -29.28 -38.76
N HIS A 198 -7.87 -29.93 -38.38
CA HIS A 198 -7.59 -31.31 -38.79
C HIS A 198 -8.61 -32.28 -38.20
N HIS A 199 -8.88 -32.15 -36.90
CA HIS A 199 -9.89 -32.97 -36.24
C HIS A 199 -11.24 -32.89 -36.94
N LEU A 200 -11.62 -31.68 -37.34
CA LEU A 200 -12.91 -31.45 -37.98
C LEU A 200 -12.98 -32.06 -39.39
N ARG A 201 -11.83 -32.11 -40.07
CA ARG A 201 -11.74 -32.73 -41.39
C ARG A 201 -11.86 -34.25 -41.33
N ILE A 202 -11.30 -34.87 -40.29
CA ILE A 202 -11.29 -36.33 -40.19
C ILE A 202 -12.45 -36.85 -39.34
N PHE A 203 -13.31 -35.95 -38.88
CA PHE A 203 -14.38 -36.30 -37.96
C PHE A 203 -15.33 -37.40 -38.45
N LYS A 204 -15.71 -37.34 -39.72
CA LYS A 204 -16.60 -38.34 -40.31
C LYS A 204 -15.92 -39.69 -40.51
N ASP A 205 -14.60 -39.68 -40.73
CA ASP A 205 -13.81 -40.90 -40.76
C ASP A 205 -13.80 -41.54 -39.38
N LEU A 206 -13.63 -40.71 -38.35
CA LEU A 206 -13.65 -41.17 -36.97
C LEU A 206 -15.01 -41.76 -36.58
N GLN A 207 -16.08 -41.12 -37.06
CA GLN A 207 -17.44 -41.60 -36.82
C GLN A 207 -17.68 -42.95 -37.48
N LYS A 208 -17.14 -43.12 -38.69
CA LYS A 208 -17.21 -44.39 -39.40
C LYS A 208 -16.48 -45.49 -38.65
N MET A 209 -15.24 -45.23 -38.25
CA MET A 209 -14.40 -46.20 -37.55
C MET A 209 -15.01 -46.65 -36.23
N ALA A 210 -15.58 -45.71 -35.48
CA ALA A 210 -16.19 -46.01 -34.18
C ALA A 210 -17.42 -46.89 -34.34
N GLU A 211 -18.20 -46.63 -35.39
CA GLU A 211 -19.41 -47.40 -35.65
C GLU A 211 -19.08 -48.82 -36.11
N VAL A 212 -18.19 -48.96 -37.09
CA VAL A 212 -17.83 -50.27 -37.63
C VAL A 212 -16.94 -51.09 -36.70
N GLY A 213 -16.34 -50.42 -35.72
CA GLY A 213 -15.37 -51.04 -34.83
C GLY A 213 -13.94 -50.84 -35.32
N TYR A 214 -13.01 -50.78 -34.37
CA TYR A 214 -11.59 -50.71 -34.67
C TYR A 214 -11.06 -52.06 -35.17
N ASP A 215 -10.44 -52.04 -36.35
CA ASP A 215 -9.78 -53.19 -36.93
C ASP A 215 -8.26 -53.02 -36.83
N ARG A 216 -7.63 -53.82 -35.96
CA ARG A 216 -6.19 -53.75 -35.73
C ARG A 216 -5.34 -54.01 -36.98
N ASN A 217 -5.89 -54.76 -37.94
CA ASN A 217 -5.19 -55.02 -39.20
C ASN A 217 -5.36 -53.90 -40.23
N ASN A 218 -6.11 -52.87 -39.87
CA ASN A 218 -6.35 -51.73 -40.75
C ASN A 218 -5.39 -50.58 -40.42
N LYS A 219 -4.44 -50.33 -41.31
CA LYS A 219 -3.43 -49.28 -41.10
C LYS A 219 -4.01 -47.87 -41.02
N GLN A 220 -5.12 -47.64 -41.74
CA GLN A 220 -5.82 -46.36 -41.66
C GLN A 220 -6.45 -46.15 -40.28
N HIS A 221 -7.02 -47.22 -39.72
CA HIS A 221 -7.57 -47.18 -38.36
C HIS A 221 -6.52 -46.81 -37.32
N HIS A 222 -5.31 -47.33 -37.47
CA HIS A 222 -4.18 -46.93 -36.62
C HIS A 222 -3.95 -45.42 -36.64
N ARG A 223 -3.88 -44.84 -37.85
CA ARG A 223 -3.73 -43.40 -38.02
C ARG A 223 -4.85 -42.62 -37.34
N LEU A 224 -6.09 -43.01 -37.62
CA LEU A 224 -7.26 -42.33 -37.08
C LEU A 224 -7.33 -42.41 -35.56
N LEU A 225 -7.07 -43.60 -35.02
CA LEU A 225 -7.08 -43.78 -33.56
C LEU A 225 -6.03 -42.90 -32.90
N LEU A 226 -4.82 -42.88 -33.46
CA LEU A 226 -3.74 -42.03 -32.93
C LEU A 226 -4.16 -40.57 -32.88
N CYS A 227 -4.85 -40.10 -33.91
CA CYS A 227 -5.39 -38.75 -33.96
C CYS A 227 -6.43 -38.51 -32.88
N LEU A 228 -7.40 -39.42 -32.78
CA LEU A 228 -8.47 -39.30 -31.81
C LEU A 228 -7.94 -39.31 -30.37
N LEU A 229 -7.02 -40.25 -30.10
CA LEU A 229 -6.35 -40.35 -28.80
C LEU A 229 -5.57 -39.07 -28.45
N MET A 230 -4.88 -38.50 -29.43
CA MET A 230 -4.13 -37.25 -29.24
C MET A 230 -5.05 -36.09 -28.86
N THR A 231 -6.18 -35.96 -29.56
CA THR A 231 -7.14 -34.90 -29.26
C THR A 231 -7.79 -35.11 -27.89
N SER A 232 -8.03 -36.37 -27.52
CA SER A 232 -8.56 -36.73 -26.20
C SER A 232 -7.65 -36.26 -25.07
N CYS A 233 -6.35 -36.48 -25.26
CA CYS A 233 -5.32 -36.04 -24.31
C CYS A 233 -5.27 -34.52 -24.20
N ASP A 234 -5.30 -33.86 -25.35
CA ASP A 234 -5.20 -32.41 -25.43
C ASP A 234 -6.32 -31.73 -24.65
N LEU A 235 -7.52 -32.35 -24.68
CA LEU A 235 -8.70 -31.74 -24.07
C LEU A 235 -9.04 -32.33 -22.71
N SER A 236 -8.12 -33.10 -22.15
CA SER A 236 -8.41 -33.95 -20.99
C SER A 236 -8.76 -33.20 -19.71
N ASP A 237 -8.45 -31.91 -19.66
CA ASP A 237 -8.84 -31.05 -18.53
C ASP A 237 -10.35 -31.00 -18.34
N GLN A 238 -11.09 -31.44 -19.36
CA GLN A 238 -12.55 -31.45 -19.33
C GLN A 238 -13.10 -32.76 -18.74
N THR A 239 -12.23 -33.72 -18.49
CA THR A 239 -12.62 -35.04 -17.99
C THR A 239 -12.41 -35.21 -16.49
N LYS A 240 -11.91 -34.18 -15.84
CA LYS A 240 -11.67 -34.22 -14.39
C LYS A 240 -12.87 -33.66 -13.64
N GLY A 241 -12.65 -33.15 -12.43
CA GLY A 241 -13.73 -32.58 -11.63
C GLY A 241 -14.06 -31.14 -12.01
N TRP A 242 -14.96 -30.53 -11.25
CA TRP A 242 -15.38 -29.15 -11.49
C TRP A 242 -14.24 -28.16 -11.28
N LYS A 243 -13.50 -28.34 -10.20
CA LYS A 243 -12.37 -27.46 -9.86
C LYS A 243 -11.40 -27.30 -11.04
N THR A 244 -11.02 -28.43 -11.64
CA THR A 244 -10.11 -28.46 -12.78
C THR A 244 -10.66 -27.70 -13.99
N THR A 245 -11.85 -28.09 -14.46
CA THR A 245 -12.46 -27.45 -15.64
C THR A 245 -12.64 -25.94 -15.47
N ARG A 246 -12.88 -25.52 -14.23
CA ARG A 246 -13.10 -24.13 -13.88
C ARG A 246 -11.78 -23.35 -13.86
N LYS A 247 -10.76 -23.93 -13.24
CA LYS A 247 -9.43 -23.33 -13.19
C LYS A 247 -8.85 -23.19 -14.59
N ILE A 248 -9.01 -24.24 -15.39
CA ILE A 248 -8.55 -24.27 -16.76
C ILE A 248 -9.25 -23.20 -17.61
N ALA A 249 -10.56 -23.06 -17.42
CA ALA A 249 -11.32 -22.01 -18.07
C ALA A 249 -10.69 -20.64 -17.79
N GLU A 250 -10.33 -20.39 -16.54
CA GLU A 250 -9.62 -19.17 -16.17
C GLU A 250 -8.40 -18.96 -17.07
N LEU A 251 -7.55 -19.98 -17.14
CA LEU A 251 -6.28 -19.88 -17.86
C LEU A 251 -6.49 -19.69 -19.36
N ILE A 252 -7.43 -20.44 -19.93
CA ILE A 252 -7.73 -20.40 -21.36
C ILE A 252 -8.35 -19.07 -21.79
N TYR A 253 -9.33 -18.60 -21.01
CA TYR A 253 -9.96 -17.31 -21.31
C TYR A 253 -9.01 -16.15 -21.07
N LYS A 254 -8.15 -16.25 -20.06
CA LYS A 254 -7.07 -15.28 -19.84
C LYS A 254 -6.22 -15.16 -21.11
N GLU A 255 -5.79 -16.31 -21.62
CA GLU A 255 -4.96 -16.36 -22.81
C GLU A 255 -5.69 -15.79 -24.03
N PHE A 256 -6.94 -16.21 -24.21
CA PHE A 256 -7.80 -15.77 -25.30
C PHE A 256 -7.98 -14.25 -25.34
N PHE A 257 -8.25 -13.65 -24.17
CA PHE A 257 -8.50 -12.21 -24.08
C PHE A 257 -7.24 -11.39 -24.26
N SER A 258 -6.10 -11.93 -23.84
CA SER A 258 -4.79 -11.34 -24.12
C SER A 258 -4.56 -11.21 -25.62
N GLN A 259 -4.87 -12.28 -26.36
CA GLN A 259 -4.76 -12.27 -27.82
C GLN A 259 -5.73 -11.25 -28.43
N GLY A 260 -6.97 -11.25 -27.94
CA GLY A 260 -7.99 -10.31 -28.39
C GLY A 260 -7.56 -8.86 -28.21
N ASP A 261 -6.92 -8.57 -27.08
CA ASP A 261 -6.41 -7.22 -26.81
C ASP A 261 -5.39 -6.79 -27.87
N LEU A 262 -4.51 -7.71 -28.23
CA LEU A 262 -3.50 -7.45 -29.27
C LEU A 262 -4.10 -7.28 -30.66
N GLU A 263 -5.23 -7.93 -30.93
CA GLU A 263 -5.91 -7.81 -32.22
C GLU A 263 -6.60 -6.46 -32.37
N LYS A 264 -7.18 -5.96 -31.27
CA LYS A 264 -7.77 -4.62 -31.22
C LYS A 264 -6.72 -3.51 -31.35
N ALA A 265 -5.53 -3.77 -30.82
CA ALA A 265 -4.42 -2.82 -30.84
C ALA A 265 -3.79 -2.68 -32.23
N MET A 266 -4.00 -3.67 -33.08
CA MET A 266 -3.46 -3.65 -34.44
C MET A 266 -4.53 -3.38 -35.51
N GLY A 267 -5.77 -3.19 -35.07
CA GLY A 267 -6.85 -2.81 -35.97
C GLY A 267 -7.97 -3.82 -36.12
N ASN A 268 -7.60 -5.10 -36.10
CA ASN A 268 -8.56 -6.19 -36.31
C ASN A 268 -9.63 -6.32 -35.22
N ARG A 269 -10.79 -6.84 -35.61
CA ARG A 269 -11.83 -7.18 -34.66
C ARG A 269 -11.74 -8.68 -34.36
N PRO A 270 -11.42 -9.03 -33.10
CA PRO A 270 -11.22 -10.42 -32.73
C PRO A 270 -12.53 -11.19 -32.71
N MET A 271 -12.45 -12.51 -32.85
CA MET A 271 -13.62 -13.37 -32.73
C MET A 271 -14.21 -13.21 -31.32
N GLU A 272 -15.50 -13.53 -31.20
CA GLU A 272 -16.24 -13.34 -29.94
C GLU A 272 -15.52 -13.89 -28.71
N MET A 273 -14.96 -15.09 -28.82
CA MET A 273 -14.31 -15.74 -27.66
C MET A 273 -12.97 -15.11 -27.28
N MET A 274 -12.42 -14.27 -28.17
CA MET A 274 -11.18 -13.55 -27.91
C MET A 274 -11.46 -12.15 -27.36
N ASP A 275 -12.70 -11.70 -27.48
CA ASP A 275 -13.09 -10.33 -27.10
C ASP A 275 -13.63 -10.26 -25.68
N ARG A 276 -12.86 -9.65 -24.78
CA ARG A 276 -13.21 -9.58 -23.35
C ARG A 276 -14.42 -8.68 -23.05
N GLU A 277 -14.88 -7.92 -24.04
CA GLU A 277 -16.04 -7.03 -23.89
C GLU A 277 -17.34 -7.67 -24.39
N LYS A 278 -17.21 -8.73 -25.19
CA LYS A 278 -18.37 -9.37 -25.82
C LYS A 278 -18.51 -10.86 -25.50
N ALA A 279 -17.46 -11.46 -24.93
CA ALA A 279 -17.43 -12.89 -24.64
C ALA A 279 -18.27 -13.26 -23.42
N TYR A 280 -19.27 -14.10 -23.65
CA TYR A 280 -20.06 -14.67 -22.57
C TYR A 280 -19.57 -16.08 -22.29
N ILE A 281 -18.75 -16.21 -21.24
CA ILE A 281 -18.07 -17.46 -20.90
C ILE A 281 -18.98 -18.69 -20.78
N PRO A 282 -20.10 -18.59 -20.04
CA PRO A 282 -21.00 -19.75 -19.96
C PRO A 282 -21.37 -20.30 -21.33
N GLU A 283 -21.75 -19.41 -22.25
CA GLU A 283 -22.20 -19.82 -23.58
C GLU A 283 -21.06 -20.42 -24.40
N LEU A 284 -19.90 -19.79 -24.36
CA LEU A 284 -18.73 -20.26 -25.10
C LEU A 284 -18.24 -21.61 -24.57
N GLN A 285 -18.21 -21.75 -23.25
CA GLN A 285 -17.84 -23.01 -22.60
C GLN A 285 -18.76 -24.16 -23.03
N ILE A 286 -20.06 -23.94 -22.87
CA ILE A 286 -21.08 -24.95 -23.20
C ILE A 286 -20.99 -25.38 -24.67
N SER A 287 -20.87 -24.40 -25.56
CA SER A 287 -20.77 -24.66 -27.00
C SER A 287 -19.53 -25.50 -27.31
N PHE A 288 -18.40 -25.16 -26.70
CA PHE A 288 -17.19 -25.96 -26.83
C PHE A 288 -17.38 -27.37 -26.29
N MET A 289 -17.96 -27.48 -25.09
CA MET A 289 -18.21 -28.78 -24.47
C MET A 289 -19.05 -29.67 -25.38
N GLU A 290 -20.23 -29.19 -25.75
CA GLU A 290 -21.22 -29.96 -26.49
C GLU A 290 -20.80 -30.32 -27.92
N HIS A 291 -20.06 -29.42 -28.57
CA HIS A 291 -19.79 -29.57 -30.00
C HIS A 291 -18.37 -29.96 -30.38
N ILE A 292 -17.41 -29.84 -29.45
CA ILE A 292 -16.03 -30.21 -29.71
C ILE A 292 -15.57 -31.32 -28.76
N ALA A 293 -15.57 -31.02 -27.46
CA ALA A 293 -15.08 -31.95 -26.44
C ALA A 293 -15.92 -33.23 -26.33
N MET A 294 -17.21 -33.08 -26.05
CA MET A 294 -18.12 -34.23 -25.86
C MET A 294 -18.12 -35.25 -27.01
N PRO A 295 -18.16 -34.80 -28.29
CA PRO A 295 -18.09 -35.78 -29.38
C PRO A 295 -16.78 -36.57 -29.41
N ILE A 296 -15.65 -35.92 -29.09
CA ILE A 296 -14.37 -36.63 -29.00
C ILE A 296 -14.45 -37.79 -27.99
N TYR A 297 -14.99 -37.52 -26.81
CA TYR A 297 -15.11 -38.54 -25.77
C TYR A 297 -16.25 -39.52 -26.02
N LYS A 298 -17.20 -39.13 -26.87
CA LYS A 298 -18.27 -40.04 -27.30
C LYS A 298 -17.68 -41.06 -28.27
N LEU A 299 -16.86 -40.59 -29.20
CA LEU A 299 -16.18 -41.48 -30.13
C LEU A 299 -15.25 -42.45 -29.38
N LEU A 300 -14.50 -41.92 -28.42
CA LEU A 300 -13.61 -42.73 -27.59
C LEU A 300 -14.38 -43.81 -26.82
N GLN A 301 -15.53 -43.41 -26.27
CA GLN A 301 -16.45 -44.31 -25.57
C GLN A 301 -16.92 -45.46 -26.47
N ASP A 302 -17.24 -45.14 -27.72
CA ASP A 302 -17.76 -46.12 -28.66
C ASP A 302 -16.68 -47.14 -29.08
N LEU A 303 -15.42 -46.71 -29.01
CA LEU A 303 -14.29 -47.58 -29.33
C LEU A 303 -13.77 -48.33 -28.09
N PHE A 304 -13.89 -47.70 -26.93
CA PHE A 304 -13.43 -48.29 -25.67
C PHE A 304 -14.51 -48.10 -24.61
N PRO A 305 -15.28 -49.17 -24.31
CA PRO A 305 -16.30 -49.12 -23.25
C PRO A 305 -15.76 -48.61 -21.91
N LYS A 306 -14.49 -48.88 -21.61
CA LYS A 306 -13.86 -48.40 -20.38
C LYS A 306 -13.60 -46.88 -20.37
N ALA A 307 -13.89 -46.20 -21.48
CA ALA A 307 -13.75 -44.74 -21.57
C ALA A 307 -15.05 -44.01 -21.25
N ALA A 308 -16.09 -44.78 -20.90
CA ALA A 308 -17.43 -44.23 -20.66
C ALA A 308 -17.47 -43.15 -19.58
N GLU A 309 -16.74 -43.39 -18.50
CA GLU A 309 -16.63 -42.43 -17.40
C GLU A 309 -16.02 -41.08 -17.80
N LEU A 310 -15.22 -41.08 -18.88
CA LEU A 310 -14.63 -39.85 -19.38
C LEU A 310 -15.69 -38.97 -20.01
N TYR A 311 -16.47 -39.56 -20.91
CA TYR A 311 -17.59 -38.86 -21.55
C TYR A 311 -18.61 -38.35 -20.53
N GLU A 312 -18.86 -39.15 -19.49
CA GLU A 312 -19.82 -38.81 -18.44
C GLU A 312 -19.36 -37.62 -17.60
N ARG A 313 -18.05 -37.54 -17.37
CA ARG A 313 -17.49 -36.42 -16.62
C ARG A 313 -17.53 -35.12 -17.42
N VAL A 314 -17.30 -35.21 -18.73
CA VAL A 314 -17.39 -34.04 -19.61
C VAL A 314 -18.84 -33.57 -19.70
N ALA A 315 -19.78 -34.52 -19.79
CA ALA A 315 -21.20 -34.21 -19.78
C ALA A 315 -21.62 -33.58 -18.46
N SER A 316 -21.12 -34.12 -17.35
CA SER A 316 -21.41 -33.59 -16.01
C SER A 316 -20.87 -32.17 -15.85
N ASN A 317 -19.64 -31.96 -16.30
CA ASN A 317 -19.02 -30.63 -16.27
C ASN A 317 -19.76 -29.59 -17.13
N ARG A 318 -20.31 -30.05 -18.25
CA ARG A 318 -21.12 -29.21 -19.13
C ARG A 318 -22.44 -28.80 -18.49
N GLU A 319 -23.03 -29.71 -17.70
CA GLU A 319 -24.25 -29.41 -16.94
C GLU A 319 -23.95 -28.43 -15.81
N HIS A 320 -22.77 -28.57 -15.21
CA HIS A 320 -22.34 -27.66 -14.16
C HIS A 320 -22.16 -26.23 -14.67
N TRP A 321 -21.69 -26.10 -15.91
CA TRP A 321 -21.58 -24.78 -16.54
C TRP A 321 -22.95 -24.15 -16.76
N THR A 322 -23.95 -24.97 -17.11
CA THR A 322 -25.34 -24.53 -17.19
C THR A 322 -25.84 -24.06 -15.82
N LYS A 323 -25.59 -24.88 -14.80
CA LYS A 323 -26.02 -24.62 -13.43
C LYS A 323 -25.52 -23.28 -12.88
N VAL A 324 -24.24 -22.96 -13.11
CA VAL A 324 -23.64 -21.72 -12.58
C VAL A 324 -23.75 -20.52 -13.52
N SER A 325 -24.38 -20.70 -14.68
CA SER A 325 -24.52 -19.65 -15.68
C SER A 325 -25.13 -18.36 -15.14
N HIS A 326 -26.14 -18.50 -14.27
CA HIS A 326 -26.89 -17.37 -13.73
C HIS A 326 -26.01 -16.38 -12.96
N LYS A 327 -24.88 -16.86 -12.46
CA LYS A 327 -23.98 -16.05 -11.63
C LYS A 327 -23.20 -15.00 -12.43
N PHE A 328 -23.24 -15.08 -13.75
CA PHE A 328 -22.63 -14.06 -14.60
C PHE A 328 -23.55 -12.86 -14.79
N THR A 329 -24.66 -12.86 -14.06
CA THR A 329 -25.57 -11.73 -13.99
C THR A 329 -25.18 -10.86 -12.81
N ILE A 330 -24.81 -9.62 -13.08
CA ILE A 330 -24.44 -8.67 -12.03
C ILE A 330 -25.62 -8.40 -11.11
N ARG A 331 -25.53 -8.90 -9.88
CA ARG A 331 -26.49 -8.57 -8.84
C ARG A 331 -25.91 -7.43 -8.02
N GLY A 332 -26.78 -6.51 -7.60
CA GLY A 332 -26.35 -5.30 -6.90
C GLY A 332 -25.42 -4.46 -7.76
N LEU A 333 -24.51 -3.76 -7.10
CA LEU A 333 -23.47 -3.02 -7.80
C LEU A 333 -22.32 -3.98 -8.09
N PRO A 334 -21.52 -3.69 -9.13
CA PRO A 334 -20.36 -4.56 -9.37
C PRO A 334 -19.37 -4.47 -8.22
N SER A 335 -18.47 -5.45 -8.13
CA SER A 335 -17.41 -5.46 -7.12
C SER A 335 -16.42 -4.32 -7.38
N ASN A 336 -16.94 -3.10 -7.24
CA ASN A 336 -16.28 -1.87 -7.63
C ASN A 336 -17.04 -0.67 -7.05
N ASN A 337 -18.34 -0.87 -6.81
CA ASN A 337 -19.26 0.16 -6.29
C ASN A 337 -19.45 1.36 -7.22
N SER A 338 -19.21 1.13 -8.52
CA SER A 338 -19.36 2.17 -9.52
C SER A 338 -20.29 1.71 -10.63
N LEU A 339 -20.96 2.65 -11.28
CA LEU A 339 -21.74 2.38 -12.49
C LEU A 339 -21.15 3.11 -13.69
N ASP A 340 -19.90 3.56 -13.57
CA ASP A 340 -19.22 4.26 -14.66
C ASP A 340 -19.16 3.45 -15.94
N PHE A 341 -19.20 2.12 -15.80
CA PHE A 341 -19.15 1.20 -16.93
C PHE A 341 -20.40 1.24 -17.83
N LEU A 342 -21.42 1.97 -17.40
CA LEU A 342 -22.65 2.13 -18.19
C LEU A 342 -22.48 3.12 -19.35
N ASP A 343 -21.39 3.88 -19.34
CA ASP A 343 -20.97 4.67 -20.48
C ASP A 343 -19.76 4.01 -21.14
N GLU A 344 -19.76 2.67 -21.14
CA GLU A 344 -18.63 1.81 -21.55
C GLU A 344 -17.26 2.29 -21.08
N GLY B 1 35.92 13.96 -7.85
CA GLY B 1 36.79 14.91 -7.10
C GLY B 1 38.26 14.51 -7.13
N HIS B 2 39.14 15.47 -6.90
CA HIS B 2 40.58 15.22 -6.94
C HIS B 2 41.01 14.11 -5.97
N ALA B 3 41.86 13.22 -6.46
CA ALA B 3 42.47 12.18 -5.63
C ALA B 3 43.91 12.59 -5.27
N SER B 4 44.09 13.06 -4.04
CA SER B 4 45.41 13.46 -3.54
C SER B 4 46.26 12.22 -3.29
N ASP B 5 47.59 12.36 -3.42
CA ASP B 5 48.52 11.22 -3.30
C ASP B 5 48.31 10.41 -2.00
N ASP B 6 47.83 11.10 -0.98
CA ASP B 6 47.32 10.51 0.26
C ASP B 6 46.38 9.32 -0.01
N GLU B 7 45.44 9.51 -0.94
CA GLU B 7 44.46 8.48 -1.32
C GLU B 7 45.10 7.32 -2.08
N TYR B 8 46.10 7.64 -2.92
CA TYR B 8 46.85 6.65 -3.69
C TYR B 8 47.58 5.69 -2.76
N THR B 9 48.24 6.26 -1.76
CA THR B 9 49.00 5.50 -0.78
C THR B 9 48.13 4.49 -0.04
N LYS B 10 46.95 4.94 0.41
CA LYS B 10 45.99 4.08 1.11
C LYS B 10 45.58 2.90 0.25
N LEU B 11 45.28 3.18 -1.02
CA LEU B 11 44.75 2.18 -1.92
C LEU B 11 45.85 1.23 -2.36
N LEU B 12 47.06 1.75 -2.47
CA LEU B 12 48.17 1.02 -3.03
C LEU B 12 48.92 0.19 -1.97
N HIS B 13 48.64 0.44 -0.69
CA HIS B 13 49.44 -0.18 0.39
C HIS B 13 48.68 -0.74 1.61
N ASP B 14 47.44 -0.31 1.82
CA ASP B 14 46.69 -0.68 3.04
C ASP B 14 46.03 -2.05 3.01
N GLY B 15 45.82 -2.60 1.82
CA GLY B 15 45.09 -3.84 1.66
C GLY B 15 43.61 -3.59 1.42
N ILE B 16 43.00 -4.47 0.64
CA ILE B 16 41.58 -4.35 0.33
C ILE B 16 40.75 -4.79 1.53
N GLN B 17 40.11 -3.83 2.18
CA GLN B 17 39.29 -4.08 3.37
C GLN B 17 38.14 -5.02 3.04
N PRO B 18 37.82 -5.97 3.95
CA PRO B 18 36.65 -6.83 3.75
C PRO B 18 35.37 -6.00 3.73
N VAL B 19 34.43 -6.38 2.88
CA VAL B 19 33.22 -5.60 2.65
C VAL B 19 32.31 -5.47 3.88
N ALA B 20 32.32 -6.49 4.73
CA ALA B 20 31.56 -6.46 5.99
C ALA B 20 32.07 -5.40 6.97
N ALA B 21 33.36 -5.09 6.88
CA ALA B 21 34.00 -4.10 7.75
C ALA B 21 33.60 -2.66 7.43
N ILE B 22 33.07 -2.42 6.22
CA ILE B 22 32.61 -1.09 5.85
C ILE B 22 31.34 -0.73 6.63
N ASP B 23 30.35 -1.62 6.56
CA ASP B 23 29.12 -1.51 7.33
C ASP B 23 28.40 -2.84 7.30
N SER B 24 27.78 -3.20 8.42
CA SER B 24 27.09 -4.50 8.54
C SER B 24 25.92 -4.63 7.55
N ASN B 25 25.42 -3.50 7.08
CA ASN B 25 24.29 -3.47 6.18
C ASN B 25 24.68 -3.13 4.74
N PHE B 26 25.99 -3.15 4.48
CA PHE B 26 26.54 -2.68 3.20
C PHE B 26 25.91 -3.34 1.97
N ALA B 27 25.55 -4.63 2.09
CA ALA B 27 25.02 -5.40 0.98
C ALA B 27 23.48 -5.43 0.93
N SER B 28 22.85 -4.58 1.74
CA SER B 28 21.39 -4.49 1.78
C SER B 28 20.85 -3.30 0.98
N PHE B 29 19.70 -3.49 0.36
CA PHE B 29 19.00 -2.42 -0.39
C PHE B 29 18.66 -1.18 0.45
N THR B 30 18.53 -1.37 1.76
CA THR B 30 18.19 -0.28 2.68
C THR B 30 19.39 0.63 2.97
N TYR B 31 20.58 0.17 2.65
CA TYR B 31 21.80 0.94 2.91
C TYR B 31 21.91 2.12 1.95
N THR B 32 22.29 3.26 2.49
CA THR B 32 22.49 4.47 1.68
C THR B 32 23.98 4.75 1.53
N PRO B 33 24.53 4.46 0.33
CA PRO B 33 25.97 4.64 0.04
C PRO B 33 26.50 6.04 0.27
N ARG B 34 25.61 7.03 0.25
CA ARG B 34 26.00 8.43 0.48
C ARG B 34 26.31 8.74 1.95
N SER B 35 26.06 7.77 2.83
CA SER B 35 26.43 7.88 4.24
C SER B 35 27.94 7.68 4.43
N LEU B 36 28.57 7.04 3.46
CA LEU B 36 30.01 6.78 3.52
C LEU B 36 30.81 8.05 3.16
N PRO B 37 31.83 8.38 3.98
CA PRO B 37 32.70 9.54 3.70
C PRO B 37 33.36 9.42 2.33
N GLU B 38 33.53 10.54 1.65
CA GLU B 38 34.01 10.54 0.27
C GLU B 38 35.40 9.91 0.11
N ASP B 39 36.23 10.04 1.13
CA ASP B 39 37.58 9.47 1.10
C ASP B 39 37.65 7.97 1.34
N ASP B 40 36.51 7.38 1.70
CA ASP B 40 36.41 5.93 1.89
C ASP B 40 35.87 5.20 0.65
N THR B 41 35.24 5.95 -0.26
CA THR B 41 34.54 5.39 -1.42
C THR B 41 35.44 4.58 -2.35
N SER B 42 36.66 5.05 -2.57
CA SER B 42 37.62 4.36 -3.44
C SER B 42 37.98 2.97 -2.92
N MET B 43 38.22 2.86 -1.61
CA MET B 43 38.48 1.58 -0.97
C MET B 43 37.25 0.67 -1.06
N ALA B 44 36.07 1.26 -0.89
CA ALA B 44 34.81 0.53 -1.02
C ALA B 44 34.64 -0.08 -2.41
N ILE B 45 35.07 0.64 -3.45
CA ILE B 45 35.04 0.15 -4.83
C ILE B 45 35.86 -1.13 -4.95
N LEU B 46 37.07 -1.11 -4.39
CA LEU B 46 37.93 -2.29 -4.37
C LEU B 46 37.30 -3.45 -3.60
N SER B 47 36.70 -3.15 -2.46
CA SER B 47 36.04 -4.17 -1.62
C SER B 47 34.88 -4.84 -2.35
N MET B 48 34.09 -4.07 -3.08
CA MET B 48 32.98 -4.62 -3.84
C MET B 48 33.48 -5.52 -4.98
N LEU B 49 34.48 -5.03 -5.71
CA LEU B 49 35.08 -5.82 -6.79
C LEU B 49 35.69 -7.13 -6.29
N GLN B 50 36.38 -7.07 -5.15
CA GLN B 50 36.91 -8.26 -4.48
C GLN B 50 35.79 -9.20 -4.03
N ASP B 51 34.72 -8.64 -3.45
CA ASP B 51 33.59 -9.44 -2.99
C ASP B 51 32.84 -10.11 -4.13
N MET B 52 32.80 -9.46 -5.29
CA MET B 52 32.25 -10.05 -6.50
C MET B 52 33.23 -11.01 -7.18
N ASN B 53 34.41 -11.18 -6.58
CA ASN B 53 35.48 -12.05 -7.10
C ASN B 53 36.06 -11.65 -8.46
N PHE B 54 35.79 -10.41 -8.88
CA PHE B 54 36.22 -9.94 -10.21
C PHE B 54 37.73 -9.71 -10.32
N ILE B 55 38.36 -9.36 -9.21
CA ILE B 55 39.81 -9.15 -9.18
C ILE B 55 40.55 -10.46 -9.52
N ASN B 56 40.26 -11.52 -8.77
CA ASN B 56 40.80 -12.85 -9.04
C ASN B 56 40.31 -13.47 -10.35
N ASN B 57 39.03 -13.23 -10.67
CA ASN B 57 38.41 -13.77 -11.88
C ASN B 57 39.15 -13.35 -13.14
N TYR B 58 39.38 -12.05 -13.28
CA TYR B 58 40.03 -11.51 -14.48
C TYR B 58 41.51 -11.22 -14.28
N LYS B 59 42.03 -11.64 -13.14
CA LYS B 59 43.45 -11.44 -12.77
C LYS B 59 43.85 -9.97 -12.98
N ILE B 60 43.00 -9.07 -12.47
CA ILE B 60 43.24 -7.63 -12.56
C ILE B 60 44.41 -7.27 -11.64
N ASP B 61 45.39 -6.57 -12.20
CA ASP B 61 46.48 -6.03 -11.40
C ASP B 61 45.94 -4.98 -10.43
N CYS B 62 46.12 -5.23 -9.13
CA CYS B 62 45.60 -4.34 -8.09
C CYS B 62 46.15 -2.91 -8.10
N PRO B 63 47.47 -2.74 -8.35
CA PRO B 63 47.98 -1.37 -8.53
C PRO B 63 47.29 -0.64 -9.69
N THR B 64 47.09 -1.35 -10.79
CA THR B 64 46.45 -0.78 -11.98
C THR B 64 44.99 -0.42 -11.68
N LEU B 65 44.30 -1.30 -10.96
CA LEU B 65 42.91 -1.07 -10.56
C LEU B 65 42.77 0.10 -9.59
N ALA B 66 43.68 0.20 -8.63
CA ALA B 66 43.70 1.32 -7.70
C ALA B 66 43.90 2.64 -8.45
N ARG B 67 44.88 2.66 -9.35
CA ARG B 67 45.15 3.85 -10.16
C ARG B 67 43.97 4.17 -11.08
N PHE B 68 43.34 3.14 -11.65
CA PHE B 68 42.13 3.32 -12.45
C PHE B 68 40.99 3.96 -11.65
N CYS B 69 40.72 3.44 -10.45
CA CYS B 69 39.64 3.94 -9.60
C CYS B 69 39.80 5.41 -9.21
N LEU B 70 41.05 5.83 -8.98
CA LEU B 70 41.33 7.21 -8.60
C LEU B 70 41.34 8.15 -9.79
N MET B 71 41.70 7.64 -10.95
CA MET B 71 41.60 8.42 -12.19
C MET B 71 40.11 8.67 -12.50
N VAL B 72 39.30 7.63 -12.45
CA VAL B 72 37.84 7.76 -12.60
C VAL B 72 37.30 8.79 -11.62
N LYS B 73 37.67 8.65 -10.35
CA LYS B 73 37.26 9.57 -9.31
C LYS B 73 37.66 11.02 -9.66
N LYS B 74 38.91 11.20 -10.09
CA LYS B 74 39.43 12.51 -10.52
C LYS B 74 38.64 13.07 -11.68
N GLY B 75 38.06 12.19 -12.49
CA GLY B 75 37.39 12.57 -13.72
C GLY B 75 36.03 13.19 -13.52
N TYR B 76 35.56 13.21 -12.26
CA TYR B 76 34.29 13.85 -11.93
C TYR B 76 34.53 15.25 -11.42
N ARG B 77 33.70 16.18 -11.90
CA ARG B 77 33.72 17.54 -11.38
C ARG B 77 32.81 17.61 -10.16
N ASP B 78 32.50 18.82 -9.72
CA ASP B 78 31.71 18.98 -8.50
C ASP B 78 30.39 19.76 -8.68
N PRO B 79 29.58 19.44 -9.71
CA PRO B 79 28.22 20.01 -9.70
C PRO B 79 27.42 19.45 -8.52
N PRO B 80 26.25 20.02 -8.23
CA PRO B 80 25.54 19.58 -7.03
C PRO B 80 25.14 18.10 -7.03
N TYR B 81 24.77 17.57 -8.20
CA TYR B 81 24.36 16.16 -8.25
C TYR B 81 25.32 15.23 -8.99
N HIS B 82 25.75 15.61 -10.19
CA HIS B 82 26.57 14.74 -11.03
C HIS B 82 28.05 14.80 -10.66
N ASN B 83 28.36 14.36 -9.46
CA ASN B 83 29.74 14.30 -8.97
C ASN B 83 30.15 12.85 -8.72
N TRP B 84 31.31 12.65 -8.09
CA TRP B 84 31.80 11.30 -7.81
C TRP B 84 30.89 10.51 -6.86
N MET B 85 30.25 11.20 -5.92
CA MET B 85 29.35 10.53 -4.97
C MET B 85 28.14 9.89 -5.68
N HIS B 86 27.69 10.48 -6.77
CA HIS B 86 26.64 9.89 -7.60
C HIS B 86 27.16 8.61 -8.26
N ALA B 87 28.33 8.72 -8.88
CA ALA B 87 28.97 7.59 -9.55
C ALA B 87 29.21 6.43 -8.58
N PHE B 88 29.65 6.76 -7.37
CA PHE B 88 29.88 5.74 -6.35
C PHE B 88 28.57 5.06 -5.95
N SER B 89 27.55 5.87 -5.66
CA SER B 89 26.26 5.35 -5.24
C SER B 89 25.60 4.51 -6.33
N VAL B 90 25.76 4.92 -7.59
CA VAL B 90 25.29 4.12 -8.73
C VAL B 90 26.00 2.77 -8.77
N SER B 91 27.33 2.81 -8.62
CA SER B 91 28.16 1.60 -8.57
C SER B 91 27.79 0.69 -7.40
N HIS B 92 27.47 1.30 -6.26
CA HIS B 92 27.09 0.53 -5.09
C HIS B 92 25.79 -0.23 -5.31
N PHE B 93 24.85 0.41 -6.00
CA PHE B 93 23.58 -0.23 -6.32
C PHE B 93 23.78 -1.43 -7.24
N CYS B 94 24.69 -1.29 -8.20
CA CYS B 94 25.06 -2.40 -9.09
C CYS B 94 25.57 -3.59 -8.28
N TYR B 95 26.44 -3.30 -7.32
CA TYR B 95 26.91 -4.30 -6.37
C TYR B 95 25.73 -4.93 -5.61
N LEU B 96 24.77 -4.09 -5.21
CA LEU B 96 23.58 -4.54 -4.49
C LEU B 96 22.73 -5.51 -5.31
N LEU B 97 22.55 -5.19 -6.58
CA LEU B 97 21.82 -6.05 -7.50
C LEU B 97 22.51 -7.42 -7.62
N TYR B 98 23.83 -7.39 -7.81
CA TYR B 98 24.62 -8.61 -7.86
C TYR B 98 24.42 -9.47 -6.60
N LYS B 99 24.45 -8.84 -5.43
CA LYS B 99 24.35 -9.54 -4.15
C LYS B 99 22.95 -10.07 -3.86
N ASN B 100 21.93 -9.36 -4.33
CA ASN B 100 20.55 -9.64 -3.93
C ASN B 100 19.68 -10.32 -4.98
N LEU B 101 20.01 -10.15 -6.25
CA LEU B 101 19.17 -10.65 -7.34
C LEU B 101 19.72 -11.89 -8.05
N GLU B 102 20.99 -12.22 -7.78
CA GLU B 102 21.66 -13.38 -8.39
C GLU B 102 21.75 -13.23 -9.92
N LEU B 103 22.45 -12.17 -10.34
CA LEU B 103 22.62 -11.82 -11.75
C LEU B 103 23.37 -12.88 -12.54
N THR B 104 24.14 -13.71 -11.82
CA THR B 104 24.94 -14.77 -12.43
C THR B 104 24.07 -15.82 -13.14
N ASN B 105 22.80 -15.90 -12.76
CA ASN B 105 21.83 -16.81 -13.41
C ASN B 105 21.21 -16.21 -14.68
N TYR B 106 21.51 -14.93 -14.93
CA TYR B 106 20.92 -14.18 -16.03
C TYR B 106 21.97 -13.68 -17.01
N LEU B 107 23.16 -13.35 -16.49
CA LEU B 107 24.21 -12.71 -17.27
C LEU B 107 25.58 -13.39 -17.11
N GLU B 108 26.43 -13.20 -18.10
CA GLU B 108 27.82 -13.64 -18.02
C GLU B 108 28.60 -12.78 -17.03
N ASP B 109 29.65 -13.35 -16.46
CA ASP B 109 30.54 -12.63 -15.54
C ASP B 109 31.14 -11.37 -16.17
N ILE B 110 31.49 -11.44 -17.45
CA ILE B 110 32.09 -10.31 -18.16
C ILE B 110 31.10 -9.16 -18.35
N GLU B 111 29.83 -9.50 -18.52
CA GLU B 111 28.75 -8.53 -18.69
C GLU B 111 28.47 -7.80 -17.38
N ILE B 112 28.47 -8.54 -16.28
CA ILE B 112 28.30 -7.98 -14.94
C ILE B 112 29.48 -7.08 -14.60
N PHE B 113 30.71 -7.54 -14.89
CA PHE B 113 31.92 -6.75 -14.66
C PHE B 113 31.89 -5.44 -15.44
N ALA B 114 31.48 -5.53 -16.71
CA ALA B 114 31.34 -4.34 -17.56
C ALA B 114 30.31 -3.35 -17.00
N LEU B 115 29.18 -3.87 -16.53
CA LEU B 115 28.11 -3.04 -15.96
C LEU B 115 28.64 -2.21 -14.79
N PHE B 116 29.38 -2.86 -13.89
CA PHE B 116 29.93 -2.20 -12.71
C PHE B 116 30.97 -1.13 -13.07
N ILE B 117 31.88 -1.47 -13.96
CA ILE B 117 32.88 -0.51 -14.46
C ILE B 117 32.18 0.67 -15.14
N SER B 118 31.15 0.36 -15.93
CA SER B 118 30.34 1.40 -16.57
C SER B 118 29.68 2.33 -15.55
N CYS B 119 29.17 1.75 -14.45
CA CYS B 119 28.56 2.53 -13.37
C CYS B 119 29.52 3.55 -12.77
N MET B 120 30.78 3.18 -12.62
CA MET B 120 31.82 4.09 -12.16
C MET B 120 32.05 5.22 -13.15
N CYS B 121 31.97 4.90 -14.44
CA CYS B 121 32.40 5.80 -15.52
C CYS B 121 31.27 6.57 -16.21
N HIS B 122 30.03 6.26 -15.87
CA HIS B 122 28.89 6.63 -16.71
C HIS B 122 28.55 8.13 -16.78
N ASP B 123 29.05 8.91 -15.82
CA ASP B 123 28.86 10.37 -15.83
C ASP B 123 30.17 11.19 -15.81
N LEU B 124 31.25 10.57 -16.27
CA LEU B 124 32.58 11.19 -16.27
C LEU B 124 32.58 12.58 -16.89
N ASP B 125 33.14 13.53 -16.14
CA ASP B 125 33.32 14.91 -16.57
C ASP B 125 32.00 15.66 -16.81
N HIS B 126 30.95 15.27 -16.09
CA HIS B 126 29.67 15.97 -16.14
C HIS B 126 29.85 17.36 -15.53
N ARG B 127 29.31 18.38 -16.18
CA ARG B 127 29.47 19.77 -15.73
C ARG B 127 28.20 20.34 -15.09
N GLY B 128 27.15 19.53 -15.05
CA GLY B 128 25.89 19.94 -14.45
C GLY B 128 24.88 20.43 -15.47
N THR B 129 25.15 20.12 -16.75
CA THR B 129 24.28 20.50 -17.84
C THR B 129 23.92 19.29 -18.70
N ASN B 130 22.68 19.24 -19.16
CA ASN B 130 22.18 18.08 -19.89
C ASN B 130 22.40 18.18 -21.39
N ASN B 131 21.82 17.23 -22.14
CA ASN B 131 21.98 17.15 -23.60
C ASN B 131 21.33 18.31 -24.35
N SER B 132 20.16 18.73 -23.90
CA SER B 132 19.48 19.90 -24.45
C SER B 132 20.34 21.15 -24.37
N PHE B 133 21.04 21.32 -23.24
CA PHE B 133 21.89 22.49 -23.05
C PHE B 133 23.05 22.50 -24.02
N GLN B 134 23.61 21.33 -24.32
CA GLN B 134 24.71 21.22 -25.26
C GLN B 134 24.27 21.68 -26.66
N VAL B 135 23.18 21.10 -27.15
CA VAL B 135 22.63 21.42 -28.47
C VAL B 135 22.27 22.90 -28.61
N ALA B 136 21.46 23.41 -27.68
CA ALA B 136 20.94 24.77 -27.74
C ALA B 136 21.99 25.85 -27.45
N SER B 137 23.06 25.49 -26.75
CA SER B 137 24.11 26.46 -26.44
C SER B 137 25.29 26.42 -27.42
N LYS B 138 25.15 25.63 -28.49
CA LYS B 138 26.18 25.51 -29.54
C LYS B 138 27.54 25.08 -28.98
N SER B 139 27.54 24.12 -28.05
CA SER B 139 28.76 23.75 -27.32
C SER B 139 29.73 22.91 -28.17
N VAL B 140 30.96 22.79 -27.69
CA VAL B 140 32.00 21.98 -28.33
C VAL B 140 31.63 20.49 -28.31
N LEU B 141 31.14 20.01 -27.17
CA LEU B 141 30.67 18.64 -27.04
C LEU B 141 29.54 18.34 -28.03
N ALA B 142 28.65 19.30 -28.22
CA ALA B 142 27.61 19.21 -29.25
C ALA B 142 28.22 19.12 -30.65
N ALA B 143 29.24 19.93 -30.91
CA ALA B 143 29.94 19.89 -32.19
C ALA B 143 30.51 18.50 -32.45
N LEU B 144 31.04 17.87 -31.39
CA LEU B 144 31.62 16.54 -31.49
C LEU B 144 30.60 15.42 -31.61
N TYR B 145 29.43 15.58 -30.99
CA TYR B 145 28.50 14.46 -30.84
C TYR B 145 27.03 14.70 -31.22
N SER B 146 26.65 15.95 -31.49
CA SER B 146 25.23 16.31 -31.68
C SER B 146 24.50 15.53 -32.78
N SER B 147 25.16 15.33 -33.92
CA SER B 147 24.54 14.63 -35.05
C SER B 147 24.26 13.15 -34.78
N GLU B 148 24.95 12.58 -33.80
CA GLU B 148 24.75 11.17 -33.43
C GLU B 148 23.84 10.96 -32.22
N GLY B 149 23.54 12.05 -31.50
CA GLY B 149 22.70 11.98 -30.31
C GLY B 149 23.48 11.62 -29.06
N SER B 150 22.80 11.65 -27.90
CA SER B 150 23.40 11.34 -26.60
C SER B 150 24.74 12.05 -26.38
N VAL B 151 24.73 13.38 -26.46
CA VAL B 151 25.95 14.18 -26.39
C VAL B 151 26.79 13.89 -25.14
N MET B 152 26.17 13.97 -23.96
CA MET B 152 26.88 13.76 -22.71
C MET B 152 27.39 12.33 -22.55
N GLU B 153 26.54 11.37 -22.90
CA GLU B 153 26.85 9.94 -22.77
C GLU B 153 28.03 9.53 -23.64
N ARG B 154 28.08 10.08 -24.86
CA ARG B 154 29.20 9.83 -25.76
C ARG B 154 30.47 10.43 -25.20
N HIS B 155 30.37 11.63 -24.61
CA HIS B 155 31.49 12.25 -23.91
C HIS B 155 31.95 11.38 -22.72
N HIS B 156 30.98 10.88 -21.94
CA HIS B 156 31.29 10.03 -20.78
C HIS B 156 32.08 8.80 -21.20
N PHE B 157 31.65 8.15 -22.28
CA PHE B 157 32.36 7.01 -22.85
C PHE B 157 33.79 7.38 -23.29
N ALA B 158 33.93 8.51 -23.97
CA ALA B 158 35.25 8.99 -24.44
C ALA B 158 36.22 9.25 -23.29
N GLN B 159 35.71 9.80 -22.19
CA GLN B 159 36.50 10.00 -20.98
C GLN B 159 36.97 8.66 -20.41
N ALA B 160 36.08 7.67 -20.38
CA ALA B 160 36.41 6.34 -19.87
C ALA B 160 37.53 5.70 -20.71
N ILE B 161 37.40 5.81 -22.03
CA ILE B 161 38.41 5.31 -22.97
C ILE B 161 39.76 6.00 -22.73
N ALA B 162 39.73 7.33 -22.57
CA ALA B 162 40.93 8.12 -22.27
C ALA B 162 41.62 7.66 -20.99
N ILE B 163 40.84 7.33 -19.97
CA ILE B 163 41.35 6.84 -18.69
C ILE B 163 42.03 5.49 -18.85
N LEU B 164 41.36 4.56 -19.54
CA LEU B 164 41.90 3.22 -19.77
C LEU B 164 43.19 3.26 -20.57
N ASN B 165 43.35 4.27 -21.42
CA ASN B 165 44.55 4.40 -22.22
C ASN B 165 45.61 5.33 -21.61
N THR B 166 45.41 5.69 -20.34
CA THR B 166 46.40 6.41 -19.56
C THR B 166 47.32 5.39 -18.91
N HIS B 167 48.63 5.62 -19.02
CA HIS B 167 49.64 4.68 -18.55
C HIS B 167 49.39 4.25 -17.10
N GLY B 168 49.37 2.94 -16.89
CA GLY B 168 49.21 2.36 -15.56
C GLY B 168 47.77 2.29 -15.10
N CYS B 169 46.85 2.64 -15.98
CA CYS B 169 45.41 2.66 -15.65
C CYS B 169 44.59 1.66 -16.45
N ASN B 170 45.23 0.95 -17.40
CA ASN B 170 44.50 0.00 -18.24
C ASN B 170 44.25 -1.33 -17.54
N ILE B 171 43.09 -1.44 -16.90
CA ILE B 171 42.77 -2.66 -16.18
C ILE B 171 42.47 -3.87 -17.07
N PHE B 172 42.38 -3.67 -18.38
CA PHE B 172 42.13 -4.79 -19.31
C PHE B 172 43.28 -5.08 -20.26
N ASP B 173 44.46 -4.50 -20.03
CA ASP B 173 45.57 -4.63 -20.99
C ASP B 173 46.11 -6.06 -21.13
N HIS B 174 45.69 -6.94 -20.23
CA HIS B 174 46.09 -8.34 -20.24
C HIS B 174 44.99 -9.22 -20.84
N PHE B 175 43.82 -8.63 -21.07
CA PHE B 175 42.68 -9.31 -21.71
C PHE B 175 43.03 -9.74 -23.12
N SER B 176 42.39 -10.82 -23.57
CA SER B 176 42.49 -11.25 -24.96
C SER B 176 41.84 -10.22 -25.86
N ARG B 177 42.22 -10.21 -27.14
CA ARG B 177 41.63 -9.32 -28.13
C ARG B 177 40.10 -9.44 -28.19
N LYS B 178 39.59 -10.66 -28.09
CA LYS B 178 38.14 -10.91 -28.06
C LYS B 178 37.50 -10.27 -26.82
N ASP B 179 38.06 -10.57 -25.65
CA ASP B 179 37.52 -10.05 -24.39
C ASP B 179 37.67 -8.54 -24.24
N TYR B 180 38.78 -8.00 -24.72
CA TYR B 180 39.01 -6.57 -24.73
C TYR B 180 37.96 -5.86 -25.58
N GLN B 181 37.69 -6.39 -26.77
CA GLN B 181 36.67 -5.87 -27.67
C GLN B 181 35.28 -5.96 -27.04
N ARG B 182 34.98 -7.11 -26.44
CA ARG B 182 33.72 -7.34 -25.74
C ARG B 182 33.52 -6.30 -24.63
N MET B 183 34.59 -6.06 -23.87
CA MET B 183 34.58 -5.08 -22.77
C MET B 183 34.31 -3.66 -23.27
N LEU B 184 34.98 -3.27 -24.35
CA LEU B 184 34.76 -1.97 -24.99
C LEU B 184 33.34 -1.82 -25.53
N ASP B 185 32.83 -2.88 -26.14
CA ASP B 185 31.48 -2.90 -26.69
C ASP B 185 30.44 -2.77 -25.60
N LEU B 186 30.60 -3.57 -24.54
CA LEU B 186 29.68 -3.56 -23.41
C LEU B 186 29.66 -2.20 -22.72
N MET B 187 30.85 -1.66 -22.43
CA MET B 187 30.95 -0.34 -21.80
C MET B 187 30.30 0.78 -22.59
N ARG B 188 30.44 0.75 -23.92
CA ARG B 188 29.81 1.75 -24.79
C ARG B 188 28.29 1.61 -24.79
N ASP B 189 27.80 0.39 -24.94
CA ASP B 189 26.36 0.13 -24.91
C ASP B 189 25.73 0.53 -23.58
N ILE B 190 26.40 0.17 -22.48
CA ILE B 190 25.88 0.43 -21.14
C ILE B 190 25.88 1.92 -20.80
N ILE B 191 26.99 2.61 -21.07
CA ILE B 191 27.05 4.06 -20.87
C ILE B 191 26.01 4.78 -21.73
N LEU B 192 25.88 4.37 -22.99
CA LEU B 192 24.87 4.93 -23.89
C LEU B 192 23.43 4.70 -23.42
N ALA B 193 23.22 3.64 -22.64
CA ALA B 193 21.90 3.31 -22.11
C ALA B 193 21.43 4.30 -21.03
N THR B 194 22.35 5.10 -20.50
CA THR B 194 22.00 6.07 -19.44
C THR B 194 21.31 7.33 -19.96
N ASP B 195 21.26 7.49 -21.28
CA ASP B 195 20.48 8.56 -21.89
C ASP B 195 19.01 8.15 -21.86
N LEU B 196 18.16 9.02 -21.30
CA LEU B 196 16.72 8.75 -21.22
C LEU B 196 16.11 8.45 -22.60
N ALA B 197 16.61 9.14 -23.62
CA ALA B 197 16.16 8.95 -24.99
C ALA B 197 16.35 7.50 -25.44
N HIS B 198 17.52 6.93 -25.12
CA HIS B 198 17.82 5.53 -25.42
C HIS B 198 16.85 4.59 -24.71
N HIS B 199 16.56 4.89 -23.45
CA HIS B 199 15.63 4.11 -22.65
C HIS B 199 14.22 4.13 -23.24
N LEU B 200 13.80 5.29 -23.74
CA LEU B 200 12.48 5.44 -24.33
C LEU B 200 12.38 4.67 -25.64
N ARG B 201 13.48 4.64 -26.39
CA ARG B 201 13.56 3.89 -27.64
C ARG B 201 13.38 2.38 -27.43
N ILE B 202 13.89 1.86 -26.32
CA ILE B 202 13.93 0.41 -26.09
C ILE B 202 12.87 -0.08 -25.12
N PHE B 203 12.02 0.83 -24.65
CA PHE B 203 11.01 0.52 -23.62
C PHE B 203 10.06 -0.59 -24.04
N LYS B 204 9.59 -0.54 -25.29
CA LYS B 204 8.73 -1.59 -25.84
C LYS B 204 9.45 -2.95 -25.89
N ASP B 205 10.72 -2.92 -26.30
CA ASP B 205 11.55 -4.12 -26.30
C ASP B 205 11.76 -4.70 -24.90
N LEU B 206 11.90 -3.82 -23.91
CA LEU B 206 12.03 -4.24 -22.51
C LEU B 206 10.75 -4.88 -22.00
N GLN B 207 9.62 -4.26 -22.30
CA GLN B 207 8.31 -4.78 -21.90
C GLN B 207 8.03 -6.13 -22.54
N LYS B 208 8.36 -6.26 -23.83
CA LYS B 208 8.22 -7.51 -24.56
C LYS B 208 9.04 -8.63 -23.90
N MET B 209 10.28 -8.32 -23.54
CA MET B 209 11.18 -9.25 -22.83
C MET B 209 10.54 -9.73 -21.53
N ALA B 210 10.02 -8.79 -20.75
CA ALA B 210 9.33 -9.11 -19.50
C ALA B 210 8.04 -9.90 -19.70
N GLU B 211 7.36 -9.64 -20.82
CA GLU B 211 6.13 -10.34 -21.18
C GLU B 211 6.39 -11.83 -21.46
N VAL B 212 7.25 -12.10 -22.44
CA VAL B 212 7.59 -13.48 -22.81
C VAL B 212 8.39 -14.21 -21.72
N GLY B 213 9.17 -13.44 -20.97
CA GLY B 213 10.07 -14.01 -19.97
C GLY B 213 11.50 -14.04 -20.50
N TYR B 214 12.45 -13.94 -19.57
CA TYR B 214 13.87 -13.84 -19.91
C TYR B 214 14.42 -15.13 -20.51
N ASP B 215 15.15 -15.00 -21.61
CA ASP B 215 15.82 -16.12 -22.26
C ASP B 215 17.33 -15.92 -22.18
N ARG B 216 17.99 -16.77 -21.38
CA ARG B 216 19.44 -16.72 -21.18
C ARG B 216 20.22 -17.02 -22.46
N ASN B 217 19.59 -17.75 -23.38
CA ASN B 217 20.22 -18.12 -24.65
C ASN B 217 20.11 -17.06 -25.73
N ASN B 218 19.35 -16.00 -25.44
CA ASN B 218 19.16 -14.88 -26.35
C ASN B 218 20.12 -13.73 -26.05
N LYS B 219 21.04 -13.47 -26.97
CA LYS B 219 22.04 -12.40 -26.83
C LYS B 219 21.38 -11.04 -26.61
N GLN B 220 20.27 -10.80 -27.30
CA GLN B 220 19.54 -9.55 -27.22
C GLN B 220 18.86 -9.30 -25.87
N HIS B 221 18.50 -10.40 -25.19
CA HIS B 221 17.94 -10.31 -23.84
C HIS B 221 18.99 -9.83 -22.82
N HIS B 222 20.21 -10.35 -22.94
CA HIS B 222 21.34 -9.90 -22.13
C HIS B 222 21.51 -8.39 -22.28
N ARG B 223 21.54 -7.94 -23.53
CA ARG B 223 21.79 -6.54 -23.85
C ARG B 223 20.70 -5.61 -23.32
N LEU B 224 19.45 -6.03 -23.42
CA LEU B 224 18.32 -5.26 -22.91
C LEU B 224 18.32 -5.23 -21.38
N LEU B 225 18.61 -6.36 -20.76
CA LEU B 225 18.71 -6.46 -19.30
C LEU B 225 19.83 -5.55 -18.79
N LEU B 226 20.96 -5.52 -19.49
CA LEU B 226 22.08 -4.67 -19.12
C LEU B 226 21.70 -3.21 -19.12
N CYS B 227 20.83 -2.83 -20.06
CA CYS B 227 20.33 -1.46 -20.16
C CYS B 227 19.40 -1.13 -19.00
N LEU B 228 18.47 -2.05 -18.72
CA LEU B 228 17.53 -1.87 -17.62
C LEU B 228 18.24 -1.76 -16.28
N LEU B 229 19.18 -2.67 -16.04
CA LEU B 229 19.97 -2.67 -14.81
C LEU B 229 20.76 -1.38 -14.64
N MET B 230 21.30 -0.88 -15.74
CA MET B 230 22.08 0.36 -15.70
C MET B 230 21.18 1.53 -15.31
N THR B 231 20.02 1.62 -15.94
CA THR B 231 19.07 2.68 -15.60
C THR B 231 18.56 2.53 -14.16
N SER B 232 18.38 1.28 -13.71
CA SER B 232 18.04 0.98 -12.32
C SER B 232 19.06 1.57 -11.34
N CYS B 233 20.35 1.39 -11.63
CA CYS B 233 21.43 1.91 -10.80
C CYS B 233 21.46 3.43 -10.81
N ASP B 234 21.27 4.01 -11.99
CA ASP B 234 21.30 5.45 -12.19
C ASP B 234 20.22 6.17 -11.38
N LEU B 235 19.03 5.57 -11.31
CA LEU B 235 17.91 6.18 -10.57
C LEU B 235 17.74 5.61 -9.17
N SER B 236 18.78 4.98 -8.64
CA SER B 236 18.67 4.22 -7.39
C SER B 236 18.41 5.06 -6.15
N ASP B 237 18.66 6.37 -6.23
CA ASP B 237 18.35 7.30 -5.16
C ASP B 237 16.86 7.33 -4.83
N GLN B 238 16.04 6.87 -5.77
CA GLN B 238 14.59 6.84 -5.59
C GLN B 238 14.12 5.59 -4.85
N THR B 239 15.05 4.66 -4.58
CA THR B 239 14.71 3.38 -3.96
C THR B 239 15.01 3.31 -2.46
N LYS B 240 15.45 4.43 -1.89
CA LYS B 240 15.79 4.47 -0.46
C LYS B 240 14.64 5.10 0.33
N GLY B 241 14.95 5.71 1.46
CA GLY B 241 13.93 6.36 2.28
C GLY B 241 13.62 7.77 1.81
N TRP B 242 12.76 8.44 2.57
CA TRP B 242 12.35 9.81 2.26
C TRP B 242 13.51 10.79 2.31
N LYS B 243 14.44 10.56 3.25
CA LYS B 243 15.59 11.44 3.44
C LYS B 243 16.42 11.54 2.16
N THR B 244 16.69 10.40 1.53
CA THR B 244 17.50 10.35 0.33
C THR B 244 16.81 11.04 -0.84
N THR B 245 15.61 10.59 -1.19
CA THR B 245 14.88 11.18 -2.33
C THR B 245 14.72 12.71 -2.20
N ARG B 246 14.51 13.19 -0.98
CA ARG B 246 14.36 14.62 -0.70
C ARG B 246 15.70 15.36 -0.83
N LYS B 247 16.74 14.82 -0.23
CA LYS B 247 18.08 15.39 -0.34
C LYS B 247 18.56 15.40 -1.80
N ILE B 248 18.30 14.30 -2.51
CA ILE B 248 18.68 14.18 -3.91
C ILE B 248 17.94 15.20 -4.78
N ALA B 249 16.65 15.37 -4.53
CA ALA B 249 15.86 16.43 -5.18
C ALA B 249 16.50 17.82 -5.00
N GLU B 250 16.95 18.13 -3.78
CA GLU B 250 17.66 19.38 -3.51
C GLU B 250 18.81 19.59 -4.49
N LEU B 251 19.63 18.55 -4.64
CA LEU B 251 20.80 18.59 -5.51
C LEU B 251 20.42 18.63 -7.00
N ILE B 252 19.43 17.84 -7.37
CA ILE B 252 19.01 17.73 -8.77
C ILE B 252 18.38 19.02 -9.29
N TYR B 253 17.51 19.63 -8.47
CA TYR B 253 16.89 20.90 -8.84
C TYR B 253 17.87 22.08 -8.79
N LYS B 254 18.76 22.09 -7.80
CA LYS B 254 19.80 23.11 -7.73
C LYS B 254 20.66 23.08 -9.00
N GLU B 255 21.00 21.89 -9.45
CA GLU B 255 21.72 21.70 -10.71
C GLU B 255 20.87 22.11 -11.91
N PHE B 256 19.61 21.68 -11.94
CA PHE B 256 18.69 22.03 -13.02
C PHE B 256 18.56 23.56 -13.18
N PHE B 257 18.34 24.25 -12.06
CA PHE B 257 18.09 25.70 -12.11
C PHE B 257 19.35 26.51 -12.42
N SER B 258 20.50 26.04 -11.99
CA SER B 258 21.78 26.63 -12.39
C SER B 258 21.93 26.58 -13.91
N GLN B 259 21.52 25.47 -14.54
CA GLN B 259 21.51 25.39 -16.00
C GLN B 259 20.50 26.39 -16.56
N GLY B 260 19.31 26.41 -15.96
CA GLY B 260 18.27 27.36 -16.33
C GLY B 260 18.75 28.79 -16.29
N ASP B 261 19.48 29.13 -15.21
CA ASP B 261 20.13 30.43 -15.07
C ASP B 261 21.12 30.69 -16.22
N LEU B 262 21.86 29.66 -16.62
CA LEU B 262 22.86 29.80 -17.67
C LEU B 262 22.24 30.02 -19.05
N GLU B 263 21.11 29.36 -19.30
CA GLU B 263 20.36 29.54 -20.55
C GLU B 263 19.77 30.95 -20.64
N LYS B 264 19.26 31.45 -19.52
CA LYS B 264 18.76 32.82 -19.43
C LYS B 264 19.86 33.84 -19.72
N ALA B 265 21.03 33.64 -19.12
CA ALA B 265 22.18 34.53 -19.30
C ALA B 265 22.63 34.63 -20.76
N MET B 266 22.61 33.52 -21.49
CA MET B 266 22.95 33.54 -22.92
C MET B 266 21.75 33.79 -23.84
N GLY B 267 20.67 34.31 -23.26
CA GLY B 267 19.52 34.80 -24.04
C GLY B 267 18.59 33.75 -24.62
N ASN B 268 18.49 32.60 -23.96
CA ASN B 268 17.57 31.55 -24.35
C ASN B 268 16.55 31.31 -23.26
N ARG B 269 15.36 30.87 -23.65
CA ARG B 269 14.32 30.53 -22.68
C ARG B 269 14.34 29.03 -22.37
N PRO B 270 14.74 28.68 -21.13
CA PRO B 270 14.86 27.28 -20.74
C PRO B 270 13.51 26.60 -20.59
N MET B 271 13.53 25.27 -20.51
CA MET B 271 12.34 24.48 -20.20
C MET B 271 11.81 24.84 -18.82
N GLU B 272 10.50 24.65 -18.64
CA GLU B 272 9.84 24.85 -17.36
C GLU B 272 10.63 24.18 -16.23
N MET B 273 11.07 22.94 -16.47
CA MET B 273 11.83 22.14 -15.53
C MET B 273 13.12 22.82 -15.04
N MET B 274 13.76 23.58 -15.91
CA MET B 274 15.06 24.19 -15.62
C MET B 274 14.93 25.63 -15.15
N ASP B 275 13.72 26.18 -15.28
CA ASP B 275 13.46 27.57 -14.91
C ASP B 275 13.00 27.70 -13.45
N ARG B 276 13.84 28.29 -12.61
CA ARG B 276 13.54 28.45 -11.19
C ARG B 276 12.33 29.35 -10.90
N GLU B 277 11.90 30.10 -11.90
CA GLU B 277 10.77 31.02 -11.76
C GLU B 277 9.45 30.39 -12.21
N LYS B 278 9.53 29.24 -12.88
CA LYS B 278 8.34 28.57 -13.41
C LYS B 278 8.17 27.15 -12.89
N ALA B 279 9.29 26.48 -12.60
CA ALA B 279 9.28 25.09 -12.14
C ALA B 279 8.48 24.90 -10.85
N TYR B 280 7.53 23.98 -10.91
CA TYR B 280 6.74 23.57 -9.75
C TYR B 280 7.19 22.16 -9.35
N ILE B 281 8.06 22.10 -8.34
CA ILE B 281 8.74 20.86 -7.95
C ILE B 281 7.85 19.63 -7.78
N PRO B 282 6.70 19.77 -7.06
CA PRO B 282 5.82 18.60 -6.89
C PRO B 282 5.38 17.97 -8.21
N GLU B 283 4.99 18.79 -9.16
CA GLU B 283 4.54 18.30 -10.47
C GLU B 283 5.67 17.58 -11.20
N LEU B 284 6.85 18.18 -11.18
CA LEU B 284 8.02 17.63 -11.88
C LEU B 284 8.52 16.32 -11.24
N GLN B 285 8.63 16.33 -9.92
CA GLN B 285 9.00 15.13 -9.15
C GLN B 285 8.09 13.95 -9.43
N ILE B 286 6.79 14.18 -9.26
CA ILE B 286 5.79 13.12 -9.41
C ILE B 286 5.69 12.65 -10.86
N SER B 287 5.78 13.58 -11.82
CA SER B 287 5.86 13.19 -13.23
C SER B 287 7.05 12.28 -13.46
N PHE B 288 8.20 12.67 -12.93
CA PHE B 288 9.40 11.86 -13.03
C PHE B 288 9.25 10.50 -12.34
N MET B 289 8.68 10.50 -11.13
CA MET B 289 8.44 9.27 -10.38
C MET B 289 7.56 8.32 -11.18
N GLU B 290 6.43 8.84 -11.65
CA GLU B 290 5.37 8.02 -12.25
C GLU B 290 5.72 7.53 -13.66
N HIS B 291 6.31 8.40 -14.47
CA HIS B 291 6.54 8.05 -15.88
C HIS B 291 7.92 7.48 -16.19
N ILE B 292 8.90 7.76 -15.34
CA ILE B 292 10.28 7.33 -15.62
C ILE B 292 10.81 6.31 -14.59
N ALA B 293 10.90 6.71 -13.33
CA ALA B 293 11.42 5.85 -12.27
C ALA B 293 10.59 4.59 -12.07
N MET B 294 9.30 4.75 -11.80
CA MET B 294 8.44 3.60 -11.46
C MET B 294 8.37 2.50 -12.53
N PRO B 295 8.26 2.86 -13.83
CA PRO B 295 8.21 1.79 -14.83
C PRO B 295 9.47 0.96 -14.89
N ILE B 296 10.62 1.60 -14.70
CA ILE B 296 11.92 0.93 -14.69
C ILE B 296 11.99 -0.14 -13.59
N TYR B 297 11.59 0.23 -12.38
CA TYR B 297 11.59 -0.71 -11.26
C TYR B 297 10.42 -1.70 -11.31
N LYS B 298 9.41 -1.35 -12.10
CA LYS B 298 8.32 -2.27 -12.41
C LYS B 298 8.83 -3.38 -13.32
N LEU B 299 9.54 -3.00 -14.39
CA LEU B 299 10.17 -3.98 -15.28
C LEU B 299 11.14 -4.89 -14.52
N LEU B 300 11.93 -4.28 -13.63
CA LEU B 300 12.90 -5.00 -12.82
C LEU B 300 12.22 -6.04 -11.92
N GLN B 301 11.05 -5.67 -11.42
CA GLN B 301 10.24 -6.56 -10.58
C GLN B 301 9.67 -7.72 -11.41
N ASP B 302 9.19 -7.41 -12.61
CA ASP B 302 8.63 -8.42 -13.51
C ASP B 302 9.63 -9.53 -13.82
N LEU B 303 10.91 -9.16 -13.92
CA LEU B 303 11.99 -10.10 -14.19
C LEU B 303 12.56 -10.71 -12.91
N PHE B 304 12.66 -9.90 -11.85
CA PHE B 304 13.16 -10.36 -10.57
C PHE B 304 12.15 -10.08 -9.48
N PRO B 305 11.48 -11.14 -8.97
CA PRO B 305 10.50 -11.01 -7.88
C PRO B 305 11.11 -10.43 -6.60
N LYS B 306 12.38 -10.72 -6.35
CA LYS B 306 13.09 -10.19 -5.19
C LYS B 306 13.33 -8.67 -5.25
N ALA B 307 13.19 -8.09 -6.44
CA ALA B 307 13.33 -6.65 -6.64
C ALA B 307 12.05 -5.89 -6.35
N ALA B 308 11.02 -6.59 -5.90
CA ALA B 308 9.72 -5.99 -5.59
C ALA B 308 9.80 -4.90 -4.51
N GLU B 309 10.70 -5.08 -3.54
CA GLU B 309 10.90 -4.07 -2.50
C GLU B 309 11.37 -2.71 -3.04
N LEU B 310 12.14 -2.74 -4.14
CA LEU B 310 12.62 -1.51 -4.79
C LEU B 310 11.46 -0.72 -5.38
N TYR B 311 10.65 -1.39 -6.19
CA TYR B 311 9.47 -0.75 -6.79
C TYR B 311 8.53 -0.17 -5.74
N GLU B 312 8.36 -0.89 -4.63
CA GLU B 312 7.45 -0.46 -3.56
C GLU B 312 7.99 0.75 -2.79
N ARG B 313 9.31 0.87 -2.67
CA ARG B 313 9.91 2.04 -2.05
C ARG B 313 9.78 3.29 -2.93
N VAL B 314 9.92 3.11 -4.25
CA VAL B 314 9.75 4.22 -5.18
C VAL B 314 8.30 4.71 -5.12
N ALA B 315 7.37 3.75 -5.08
CA ALA B 315 5.94 4.06 -5.02
C ALA B 315 5.58 4.83 -3.76
N SER B 316 6.10 4.38 -2.61
CA SER B 316 5.85 5.05 -1.35
C SER B 316 6.54 6.42 -1.28
N ASN B 317 7.69 6.54 -1.94
CA ASN B 317 8.37 7.83 -2.07
C ASN B 317 7.58 8.82 -2.92
N ARG B 318 6.96 8.31 -3.99
CA ARG B 318 6.07 9.11 -4.83
C ARG B 318 4.85 9.58 -4.03
N GLU B 319 4.30 8.66 -3.22
CA GLU B 319 3.18 8.97 -2.33
C GLU B 319 3.52 10.07 -1.33
N HIS B 320 4.73 10.00 -0.77
CA HIS B 320 5.21 10.99 0.17
C HIS B 320 5.32 12.37 -0.47
N TRP B 321 5.75 12.42 -1.73
CA TRP B 321 5.80 13.67 -2.48
C TRP B 321 4.41 14.28 -2.69
N THR B 322 3.43 13.43 -2.98
CA THR B 322 2.03 13.84 -3.10
C THR B 322 1.54 14.42 -1.78
N LYS B 323 1.93 13.77 -0.68
CA LYS B 323 1.53 14.17 0.67
C LYS B 323 2.06 15.56 1.08
N VAL B 324 3.32 15.86 0.75
CA VAL B 324 3.92 17.14 1.11
C VAL B 324 3.72 18.24 0.06
N SER B 325 3.03 17.91 -1.03
CA SER B 325 2.79 18.86 -2.12
C SER B 325 2.22 20.21 -1.68
N HIS B 326 1.28 20.17 -0.72
CA HIS B 326 0.57 21.37 -0.27
C HIS B 326 1.48 22.45 0.34
N LYS B 327 2.62 22.02 0.87
CA LYS B 327 3.57 22.93 1.52
C LYS B 327 4.25 23.89 0.55
N PHE B 328 4.05 23.67 -0.75
CA PHE B 328 4.57 24.56 -1.80
C PHE B 328 3.66 25.77 -2.05
N THR B 329 2.51 25.77 -1.38
CA THR B 329 1.61 26.92 -1.34
C THR B 329 1.81 27.61 0.00
N ILE B 330 2.16 28.89 -0.03
CA ILE B 330 2.32 29.66 1.19
C ILE B 330 0.95 29.88 1.83
N ARG B 331 0.70 29.15 2.91
CA ARG B 331 -0.50 29.33 3.73
C ARG B 331 -0.14 30.24 4.89
N GLY B 332 -1.03 31.16 5.22
CA GLY B 332 -0.73 32.19 6.21
C GLY B 332 0.38 33.10 5.73
N LEU B 333 1.13 33.66 6.68
CA LEU B 333 2.31 34.47 6.35
C LEU B 333 3.54 33.58 6.25
N PRO B 334 4.58 34.05 5.52
CA PRO B 334 5.87 33.36 5.54
C PRO B 334 6.48 33.37 6.94
N SER B 335 7.47 32.51 7.17
CA SER B 335 8.10 32.34 8.48
C SER B 335 8.49 33.63 9.19
N ASN B 336 8.99 34.60 8.44
CA ASN B 336 9.44 35.88 9.00
C ASN B 336 8.32 36.91 9.23
N ASN B 337 7.07 36.48 9.06
CA ASN B 337 5.87 37.34 9.19
C ASN B 337 5.84 38.52 8.24
N SER B 338 6.81 38.57 7.32
CA SER B 338 6.95 39.67 6.39
C SER B 338 6.34 39.36 5.03
N LEU B 339 5.77 40.39 4.41
CA LEU B 339 5.29 40.29 3.03
C LEU B 339 6.20 41.04 2.06
N ASP B 340 7.45 41.26 2.48
CA ASP B 340 8.46 41.91 1.64
C ASP B 340 8.71 41.15 0.34
N PHE B 341 8.55 39.83 0.38
CA PHE B 341 8.78 38.96 -0.79
C PHE B 341 7.84 39.27 -1.95
N LEU B 342 6.76 40.00 -1.67
CA LEU B 342 5.81 40.41 -2.69
C LEU B 342 6.37 41.49 -3.63
N ASP B 343 7.45 42.15 -3.20
CA ASP B 343 8.11 43.17 -4.02
C ASP B 343 9.42 42.65 -4.62
N GLU B 344 9.65 41.34 -4.52
CA GLU B 344 10.90 40.74 -4.99
C GLU B 344 10.78 40.15 -6.40
N GLU B 345 11.08 38.86 -6.53
CA GLU B 345 11.08 38.17 -7.83
C GLU B 345 10.51 36.76 -7.73
N GLY C 1 -1.39 53.51 23.54
CA GLY C 1 -0.23 52.84 24.20
C GLY C 1 0.51 53.76 25.17
N HIS C 2 -0.21 54.20 26.20
CA HIS C 2 0.32 55.03 27.30
C HIS C 2 0.86 56.42 26.92
N ALA C 3 0.36 57.44 27.63
CA ALA C 3 0.86 58.79 27.50
C ALA C 3 1.75 59.13 28.71
N SER C 4 3.05 59.26 28.46
CA SER C 4 4.00 59.64 29.50
C SER C 4 3.87 61.12 29.86
N ASP C 5 4.39 61.51 31.02
CA ASP C 5 4.27 62.88 31.53
C ASP C 5 4.64 63.97 30.52
N ASP C 6 5.69 63.74 29.75
CA ASP C 6 6.16 64.71 28.75
C ASP C 6 5.13 64.97 27.65
N GLU C 7 4.31 63.97 27.36
CA GLU C 7 3.24 64.09 26.36
C GLU C 7 2.14 65.03 26.84
N TYR C 8 1.77 64.92 28.12
CA TYR C 8 0.85 65.85 28.76
C TYR C 8 1.42 67.27 28.72
N THR C 9 2.70 67.39 29.05
CA THR C 9 3.39 68.68 29.10
C THR C 9 3.37 69.40 27.76
N LYS C 10 3.75 68.67 26.70
CA LYS C 10 3.75 69.19 25.33
C LYS C 10 2.37 69.70 24.94
N LEU C 11 1.36 68.87 25.17
CA LEU C 11 0.01 69.19 24.75
C LEU C 11 -0.56 70.37 25.53
N LEU C 12 -0.19 70.44 26.81
CA LEU C 12 -0.71 71.49 27.70
C LEU C 12 0.02 72.81 27.60
N HIS C 13 1.28 72.81 27.15
CA HIS C 13 2.11 74.02 27.23
C HIS C 13 2.80 74.49 25.96
N ASP C 14 2.84 73.67 24.91
CA ASP C 14 3.56 74.02 23.67
C ASP C 14 2.79 74.91 22.71
N GLY C 15 1.46 74.91 22.83
CA GLY C 15 0.60 75.58 21.85
C GLY C 15 0.20 74.59 20.76
N ILE C 16 -0.96 74.82 20.16
CA ILE C 16 -1.43 73.95 19.09
C ILE C 16 -0.73 74.29 17.78
N GLN C 17 0.13 73.38 17.32
CA GLN C 17 0.88 73.57 16.10
C GLN C 17 -0.08 73.74 14.92
N PRO C 18 0.21 74.71 14.02
CA PRO C 18 -0.61 74.86 12.81
C PRO C 18 -0.54 73.60 11.93
N VAL C 19 -1.65 73.26 11.30
CA VAL C 19 -1.76 72.01 10.55
C VAL C 19 -0.76 71.90 9.38
N ALA C 20 -0.49 73.02 8.72
CA ALA C 20 0.47 73.06 7.61
C ALA C 20 1.91 72.77 8.04
N ALA C 21 2.22 73.03 9.31
CA ALA C 21 3.55 72.79 9.86
C ALA C 21 3.85 71.31 10.05
N ILE C 22 2.82 70.49 10.21
CA ILE C 22 2.98 69.04 10.36
C ILE C 22 3.59 68.44 9.09
N ASP C 23 2.97 68.76 7.96
CA ASP C 23 3.42 68.32 6.64
C ASP C 23 2.68 69.12 5.58
N SER C 24 3.35 69.45 4.50
CA SER C 24 2.77 70.27 3.42
C SER C 24 1.62 69.54 2.71
N ASN C 25 1.64 68.22 2.74
CA ASN C 25 0.63 67.40 2.10
C ASN C 25 -0.36 66.79 3.10
N PHE C 26 -0.37 67.33 4.32
CA PHE C 26 -1.15 66.76 5.43
C PHE C 26 -2.64 66.65 5.16
N ALA C 27 -3.17 67.58 4.36
CA ALA C 27 -4.62 67.63 4.08
C ALA C 27 -4.97 66.92 2.77
N SER C 28 -4.04 66.13 2.26
CA SER C 28 -4.24 65.39 1.00
C SER C 28 -4.54 63.91 1.23
N PHE C 29 -5.36 63.34 0.33
CA PHE C 29 -5.67 61.91 0.36
C PHE C 29 -4.43 61.01 0.20
N THR C 30 -3.40 61.54 -0.45
CA THR C 30 -2.18 60.79 -0.71
C THR C 30 -1.28 60.70 0.52
N TYR C 31 -1.58 61.52 1.53
CA TYR C 31 -0.79 61.53 2.75
C TYR C 31 -1.04 60.29 3.58
N THR C 32 0.05 59.65 4.01
CA THR C 32 -0.03 58.47 4.86
C THR C 32 0.18 58.90 6.31
N PRO C 33 -0.92 58.96 7.10
CA PRO C 33 -0.86 59.38 8.51
C PRO C 33 0.08 58.53 9.36
N ARG C 34 0.31 57.28 8.95
CA ARG C 34 1.23 56.38 9.65
C ARG C 34 2.70 56.77 9.48
N SER C 35 2.98 57.75 8.61
CA SER C 35 4.33 58.29 8.44
C SER C 35 4.73 59.18 9.62
N LEU C 36 3.74 59.76 10.29
CA LEU C 36 3.98 60.59 11.45
C LEU C 36 4.42 59.74 12.66
N PRO C 37 5.50 60.17 13.35
CA PRO C 37 5.94 59.50 14.58
C PRO C 37 4.82 59.45 15.63
N GLU C 38 4.73 58.35 16.35
CA GLU C 38 3.65 58.15 17.33
C GLU C 38 3.59 59.27 18.38
N ASP C 39 4.73 59.87 18.67
CA ASP C 39 4.84 60.93 19.68
C ASP C 39 4.17 62.23 19.23
N ASP C 40 3.98 62.39 17.92
CA ASP C 40 3.42 63.61 17.34
C ASP C 40 1.92 63.55 17.03
N THR C 41 1.33 62.35 17.12
CA THR C 41 -0.07 62.12 16.74
C THR C 41 -1.09 62.87 17.59
N SER C 42 -0.82 63.00 18.89
CA SER C 42 -1.74 63.68 19.79
C SER C 42 -1.86 65.18 19.54
N MET C 43 -0.73 65.81 19.22
CA MET C 43 -0.69 67.22 18.83
C MET C 43 -1.37 67.41 17.47
N ALA C 44 -1.16 66.45 16.59
CA ALA C 44 -1.85 66.42 15.29
C ALA C 44 -3.38 66.35 15.45
N ILE C 45 -3.86 65.63 16.47
CA ILE C 45 -5.29 65.57 16.77
C ILE C 45 -5.84 66.96 17.11
N LEU C 46 -5.10 67.70 17.93
CA LEU C 46 -5.47 69.06 18.29
C LEU C 46 -5.43 70.00 17.09
N SER C 47 -4.38 69.89 16.28
CA SER C 47 -4.21 70.68 15.06
C SER C 47 -5.41 70.52 14.12
N MET C 48 -5.79 69.26 13.87
CA MET C 48 -6.91 68.94 13.00
C MET C 48 -8.22 69.52 13.53
N LEU C 49 -8.47 69.34 14.82
CA LEU C 49 -9.66 69.90 15.47
C LEU C 49 -9.68 71.42 15.38
N GLN C 50 -8.51 72.04 15.55
CA GLN C 50 -8.33 73.48 15.40
C GLN C 50 -8.57 73.94 13.95
N ASP C 51 -8.08 73.16 13.00
CA ASP C 51 -8.25 73.46 11.58
C ASP C 51 -9.71 73.34 11.15
N MET C 52 -10.44 72.42 11.79
CA MET C 52 -11.86 72.25 11.54
C MET C 52 -12.70 73.26 12.35
N ASN C 53 -12.02 74.09 13.14
CA ASN C 53 -12.64 75.14 13.98
C ASN C 53 -13.57 74.64 15.08
N PHE C 54 -13.44 73.36 15.45
CA PHE C 54 -14.33 72.76 16.45
C PHE C 54 -14.02 73.22 17.88
N ILE C 55 -12.78 73.61 18.13
CA ILE C 55 -12.38 74.11 19.44
C ILE C 55 -13.12 75.43 19.75
N ASN C 56 -13.04 76.38 18.83
CA ASN C 56 -13.76 77.66 18.95
C ASN C 56 -15.28 77.47 18.87
N ASN C 57 -15.71 76.62 17.93
CA ASN C 57 -17.14 76.36 17.69
C ASN C 57 -17.84 75.92 18.96
N TYR C 58 -17.34 74.86 19.57
CA TYR C 58 -18.01 74.27 20.72
C TYR C 58 -17.44 74.73 22.05
N LYS C 59 -16.53 75.70 21.97
CA LYS C 59 -15.90 76.32 23.14
C LYS C 59 -15.32 75.23 24.04
N ILE C 60 -14.54 74.33 23.44
CA ILE C 60 -13.91 73.23 24.14
C ILE C 60 -12.72 73.75 24.94
N ASP C 61 -12.67 73.35 26.21
CA ASP C 61 -11.54 73.67 27.06
C ASP C 61 -10.30 72.91 26.58
N CYS C 62 -9.31 73.65 26.08
CA CYS C 62 -8.06 73.06 25.59
C CYS C 62 -7.39 72.08 26.57
N PRO C 63 -7.27 72.44 27.87
CA PRO C 63 -6.75 71.46 28.83
C PRO C 63 -7.56 70.17 28.89
N THR C 64 -8.89 70.30 28.91
CA THR C 64 -9.77 69.13 28.95
C THR C 64 -9.61 68.28 27.70
N LEU C 65 -9.55 68.94 26.54
CA LEU C 65 -9.33 68.28 25.25
C LEU C 65 -8.00 67.54 25.20
N ALA C 66 -6.95 68.19 25.69
CA ALA C 66 -5.61 67.58 25.74
C ALA C 66 -5.62 66.34 26.62
N ARG C 67 -6.21 66.44 27.79
CA ARG C 67 -6.31 65.29 28.69
C ARG C 67 -7.16 64.20 28.05
N PHE C 68 -8.26 64.58 27.40
CA PHE C 68 -9.11 63.64 26.69
C PHE C 68 -8.34 62.83 25.62
N CYS C 69 -7.63 63.53 24.74
CA CYS C 69 -6.87 62.89 23.67
C CYS C 69 -5.88 61.84 24.20
N LEU C 70 -5.21 62.17 25.29
CA LEU C 70 -4.21 61.30 25.88
C LEU C 70 -4.80 60.10 26.61
N MET C 71 -5.96 60.30 27.23
CA MET C 71 -6.72 59.17 27.78
C MET C 71 -7.16 58.22 26.67
N VAL C 72 -7.68 58.78 25.56
CA VAL C 72 -8.08 57.96 24.41
C VAL C 72 -6.87 57.14 23.95
N LYS C 73 -5.74 57.81 23.78
CA LYS C 73 -4.47 57.17 23.42
C LYS C 73 -4.11 56.02 24.39
N LYS C 74 -4.22 56.30 25.68
CA LYS C 74 -3.94 55.31 26.73
C LYS C 74 -4.87 54.11 26.67
N GLY C 75 -6.07 54.34 26.16
CA GLY C 75 -7.10 53.31 26.08
C GLY C 75 -6.89 52.29 24.99
N TYR C 76 -5.86 52.47 24.17
CA TYR C 76 -5.50 51.51 23.14
C TYR C 76 -4.34 50.61 23.57
N ARG C 77 -4.51 49.32 23.39
CA ARG C 77 -3.45 48.36 23.65
C ARG C 77 -2.53 48.30 22.43
N ASP C 78 -1.61 47.35 22.40
CA ASP C 78 -0.66 47.26 21.29
C ASP C 78 -0.72 45.94 20.47
N PRO C 79 -1.93 45.53 20.02
CA PRO C 79 -1.95 44.44 19.04
C PRO C 79 -1.35 44.91 17.71
N PRO C 80 -1.05 43.98 16.79
CA PRO C 80 -0.37 44.41 15.57
C PRO C 80 -1.14 45.46 14.75
N TYR C 81 -2.46 45.32 14.64
CA TYR C 81 -3.26 46.30 13.90
C TYR C 81 -4.08 47.27 14.76
N HIS C 82 -4.88 46.74 15.69
CA HIS C 82 -5.85 47.56 16.42
C HIS C 82 -5.27 48.36 17.61
N ASN C 83 -4.33 49.24 17.29
CA ASN C 83 -3.68 50.10 18.27
C ASN C 83 -4.00 51.58 18.01
N TRP C 84 -3.37 52.47 18.78
CA TRP C 84 -3.57 53.92 18.64
C TRP C 84 -3.28 54.46 17.24
N MET C 85 -2.23 53.96 16.60
CA MET C 85 -1.88 54.39 15.24
C MET C 85 -3.00 54.14 14.22
N HIS C 86 -3.74 53.04 14.41
CA HIS C 86 -4.93 52.79 13.60
C HIS C 86 -6.01 53.84 13.89
N ALA C 87 -6.26 54.12 15.17
CA ALA C 87 -7.26 55.12 15.56
C ALA C 87 -6.93 56.51 15.02
N PHE C 88 -5.64 56.87 15.08
CA PHE C 88 -5.18 58.15 14.60
C PHE C 88 -5.35 58.28 13.09
N SER C 89 -4.96 57.24 12.36
CA SER C 89 -5.08 57.25 10.91
C SER C 89 -6.55 57.26 10.46
N VAL C 90 -7.42 56.64 11.23
CA VAL C 90 -8.87 56.65 10.96
C VAL C 90 -9.41 58.07 11.16
N SER C 91 -9.05 58.68 12.29
CA SER C 91 -9.40 60.06 12.59
C SER C 91 -8.81 61.03 11.57
N HIS C 92 -7.61 60.72 11.07
CA HIS C 92 -6.99 61.57 10.07
C HIS C 92 -7.78 61.56 8.77
N PHE C 93 -8.28 60.38 8.40
CA PHE C 93 -9.11 60.25 7.20
C PHE C 93 -10.42 61.02 7.32
N CYS C 94 -11.01 61.05 8.52
CA CYS C 94 -12.20 61.86 8.78
C CYS C 94 -11.93 63.33 8.51
N TYR C 95 -10.75 63.79 8.95
CA TYR C 95 -10.29 65.14 8.69
C TYR C 95 -10.11 65.39 7.19
N LEU C 96 -9.58 64.40 6.48
CA LEU C 96 -9.41 64.47 5.03
C LEU C 96 -10.75 64.59 4.30
N LEU C 97 -11.74 63.83 4.76
CA LEU C 97 -13.09 63.91 4.19
C LEU C 97 -13.69 65.30 4.40
N TYR C 98 -13.48 65.86 5.59
CA TYR C 98 -13.93 67.21 5.90
C TYR C 98 -13.26 68.25 5.00
N LYS C 99 -11.95 68.13 4.83
CA LYS C 99 -11.16 69.08 4.05
C LYS C 99 -11.39 68.96 2.55
N ASN C 100 -11.71 67.75 2.08
CA ASN C 100 -11.76 67.47 0.65
C ASN C 100 -13.16 67.35 0.04
N LEU C 101 -14.16 67.06 0.85
CA LEU C 101 -15.50 66.76 0.32
C LEU C 101 -16.59 67.76 0.70
N GLU C 102 -16.26 68.73 1.55
CA GLU C 102 -17.24 69.72 2.03
C GLU C 102 -18.45 69.03 2.67
N LEU C 103 -18.22 68.42 3.81
CA LEU C 103 -19.26 67.69 4.54
C LEU C 103 -20.29 68.63 5.17
N THR C 104 -19.89 69.89 5.34
CA THR C 104 -20.75 70.93 5.90
C THR C 104 -21.99 71.20 5.03
N ASN C 105 -21.93 70.80 3.77
CA ASN C 105 -23.06 70.93 2.86
C ASN C 105 -24.00 69.72 2.94
N TYR C 106 -23.61 68.73 3.73
CA TYR C 106 -24.33 67.46 3.84
C TYR C 106 -24.79 67.19 5.28
N LEU C 107 -23.92 67.54 6.24
CA LEU C 107 -24.14 67.24 7.65
C LEU C 107 -24.01 68.46 8.55
N GLU C 108 -24.63 68.38 9.72
CA GLU C 108 -24.47 69.39 10.77
C GLU C 108 -23.07 69.37 11.35
N ASP C 109 -22.61 70.53 11.83
CA ASP C 109 -21.32 70.66 12.51
C ASP C 109 -21.17 69.67 13.65
N ILE C 110 -22.23 69.50 14.44
CA ILE C 110 -22.22 68.59 15.58
C ILE C 110 -22.03 67.13 15.15
N GLU C 111 -22.61 66.77 14.01
CA GLU C 111 -22.53 65.42 13.48
C GLU C 111 -21.12 65.12 13.00
N ILE C 112 -20.48 66.11 12.36
CA ILE C 112 -19.11 65.98 11.87
C ILE C 112 -18.14 65.90 13.04
N PHE C 113 -18.38 66.72 14.06
CA PHE C 113 -17.59 66.70 15.29
C PHE C 113 -17.70 65.34 15.97
N ALA C 114 -18.93 64.83 16.06
CA ALA C 114 -19.18 63.49 16.63
C ALA C 114 -18.48 62.39 15.83
N LEU C 115 -18.47 62.51 14.51
CA LEU C 115 -17.79 61.55 13.65
C LEU C 115 -16.30 61.47 13.98
N PHE C 116 -15.65 62.62 14.09
CA PHE C 116 -14.21 62.69 14.38
C PHE C 116 -13.85 62.13 15.77
N ILE C 117 -14.61 62.56 16.78
CA ILE C 117 -14.43 62.05 18.14
C ILE C 117 -14.63 60.53 18.16
N SER C 118 -15.67 60.04 17.48
CA SER C 118 -15.95 58.60 17.38
C SER C 118 -14.79 57.83 16.75
N CYS C 119 -14.21 58.37 15.67
CA CYS C 119 -13.06 57.79 15.00
C CYS C 119 -11.89 57.56 15.95
N MET C 120 -11.66 58.52 16.83
CA MET C 120 -10.60 58.42 17.85
C MET C 120 -10.89 57.28 18.83
N CYS C 121 -12.17 57.08 19.13
CA CYS C 121 -12.62 56.17 20.19
C CYS C 121 -13.13 54.81 19.71
N HIS C 122 -13.23 54.62 18.40
CA HIS C 122 -14.00 53.50 17.83
C HIS C 122 -13.46 52.09 18.07
N ASP C 123 -12.18 51.98 18.43
CA ASP C 123 -11.58 50.66 18.75
C ASP C 123 -10.94 50.59 20.14
N LEU C 124 -11.38 51.45 21.05
CA LEU C 124 -10.81 51.53 22.40
C LEU C 124 -10.77 50.17 23.10
N ASP C 125 -9.60 49.86 23.65
CA ASP C 125 -9.35 48.62 24.40
C ASP C 125 -9.41 47.33 23.57
N HIS C 126 -9.23 47.44 22.25
CA HIS C 126 -9.16 46.27 21.39
C HIS C 126 -7.94 45.41 21.76
N ARG C 127 -8.15 44.10 21.88
CA ARG C 127 -7.08 43.17 22.27
C ARG C 127 -6.56 42.34 21.07
N GLY C 128 -7.01 42.66 19.87
CA GLY C 128 -6.61 41.94 18.67
C GLY C 128 -7.47 40.72 18.39
N THR C 129 -8.69 40.73 18.91
CA THR C 129 -9.62 39.63 18.72
C THR C 129 -11.00 40.17 18.38
N ASN C 130 -11.71 39.49 17.49
CA ASN C 130 -12.95 39.98 16.93
C ASN C 130 -14.18 39.52 17.71
N ASN C 131 -15.37 39.94 17.24
CA ASN C 131 -16.65 39.59 17.85
C ASN C 131 -16.90 38.10 17.90
N SER C 132 -16.49 37.41 16.83
CA SER C 132 -16.61 35.96 16.74
C SER C 132 -15.85 35.27 17.85
N PHE C 133 -14.65 35.77 18.16
CA PHE C 133 -13.81 35.19 19.21
C PHE C 133 -14.47 35.32 20.58
N GLN C 134 -15.09 36.47 20.84
CA GLN C 134 -15.72 36.73 22.12
C GLN C 134 -16.83 35.73 22.43
N VAL C 135 -17.77 35.59 21.49
CA VAL C 135 -18.88 34.66 21.61
C VAL C 135 -18.39 33.21 21.75
N ALA C 136 -17.52 32.79 20.85
CA ALA C 136 -17.01 31.41 20.84
C ALA C 136 -16.14 31.07 22.05
N SER C 137 -15.46 32.07 22.61
CA SER C 137 -14.56 31.85 23.74
C SER C 137 -15.21 32.04 25.11
N LYS C 138 -16.54 32.18 25.14
CA LYS C 138 -17.32 32.34 26.38
C LYS C 138 -16.82 33.51 27.25
N SER C 139 -16.42 34.61 26.60
CA SER C 139 -15.73 35.70 27.28
C SER C 139 -16.65 36.57 28.16
N VAL C 140 -16.02 37.40 28.98
CA VAL C 140 -16.72 38.34 29.84
C VAL C 140 -17.45 39.40 29.00
N LEU C 141 -16.76 39.92 27.98
CA LEU C 141 -17.32 40.91 27.08
C LEU C 141 -18.56 40.37 26.37
N ALA C 142 -18.48 39.11 25.92
CA ALA C 142 -19.64 38.44 25.33
C ALA C 142 -20.78 38.33 26.35
N ALA C 143 -20.45 37.94 27.57
CA ALA C 143 -21.43 37.85 28.65
C ALA C 143 -22.13 39.19 28.86
N LEU C 144 -21.39 40.28 28.76
CA LEU C 144 -21.92 41.64 28.89
C LEU C 144 -22.74 42.10 27.69
N TYR C 145 -22.33 41.69 26.49
CA TYR C 145 -22.88 42.30 25.26
C TYR C 145 -23.45 41.36 24.18
N SER C 146 -23.13 40.07 24.25
CA SER C 146 -23.43 39.13 23.14
C SER C 146 -24.92 38.96 22.79
N SER C 147 -25.78 39.12 23.78
CA SER C 147 -27.23 38.98 23.55
C SER C 147 -27.81 40.13 22.72
N GLU C 148 -27.02 41.19 22.53
CA GLU C 148 -27.44 42.34 21.71
C GLU C 148 -26.59 42.51 20.44
N GLY C 149 -25.50 41.75 20.33
CA GLY C 149 -24.63 41.80 19.15
C GLY C 149 -23.53 42.84 19.29
N SER C 150 -22.70 42.95 18.25
CA SER C 150 -21.60 43.92 18.19
C SER C 150 -20.83 44.02 19.50
N VAL C 151 -20.30 42.89 19.96
CA VAL C 151 -19.65 42.79 21.27
C VAL C 151 -18.55 43.84 21.46
N MET C 152 -17.54 43.82 20.59
CA MET C 152 -16.38 44.70 20.72
C MET C 152 -16.77 46.18 20.60
N GLU C 153 -17.73 46.46 19.72
CA GLU C 153 -18.14 47.84 19.42
C GLU C 153 -18.90 48.45 20.58
N ARG C 154 -19.69 47.62 21.26
CA ARG C 154 -20.39 48.04 22.47
C ARG C 154 -19.38 48.29 23.59
N HIS C 155 -18.32 47.48 23.61
CA HIS C 155 -17.22 47.68 24.53
C HIS C 155 -16.51 49.00 24.25
N HIS C 156 -16.16 49.22 22.98
CA HIS C 156 -15.49 50.46 22.56
C HIS C 156 -16.28 51.69 22.99
N PHE C 157 -17.60 51.65 22.79
CA PHE C 157 -18.48 52.73 23.23
C PHE C 157 -18.41 52.96 24.74
N ALA C 158 -18.49 51.87 25.52
CA ALA C 158 -18.46 51.95 26.98
C ALA C 158 -17.14 52.52 27.50
N GLN C 159 -16.04 52.18 26.82
CA GLN C 159 -14.73 52.75 27.14
C GLN C 159 -14.74 54.25 26.89
N ALA C 160 -15.32 54.67 25.75
CA ALA C 160 -15.43 56.08 25.39
C ALA C 160 -16.18 56.87 26.45
N ILE C 161 -17.32 56.31 26.88
CA ILE C 161 -18.13 56.87 27.96
C ILE C 161 -17.34 56.95 29.26
N ALA C 162 -16.52 55.93 29.53
CA ALA C 162 -15.68 55.88 30.73
C ALA C 162 -14.62 56.99 30.72
N ILE C 163 -14.05 57.27 29.54
CA ILE C 163 -13.08 58.36 29.41
C ILE C 163 -13.76 59.71 29.60
N LEU C 164 -14.89 59.91 28.94
CA LEU C 164 -15.66 61.14 29.07
C LEU C 164 -16.11 61.38 30.51
N ASN C 165 -16.27 60.31 31.29
CA ASN C 165 -16.63 60.45 32.69
C ASN C 165 -15.46 60.44 33.67
N THR C 166 -14.25 60.50 33.14
CA THR C 166 -13.05 60.66 33.96
C THR C 166 -12.84 62.15 34.19
N HIS C 167 -12.60 62.52 35.45
CA HIS C 167 -12.39 63.91 35.83
C HIS C 167 -11.36 64.59 34.95
N GLY C 168 -11.73 65.75 34.42
CA GLY C 168 -10.84 66.56 33.59
C GLY C 168 -10.80 66.14 32.13
N CYS C 169 -11.61 65.15 31.77
CA CYS C 169 -11.62 64.60 30.41
C CYS C 169 -12.94 64.78 29.68
N ASN C 170 -13.96 65.27 30.39
CA ASN C 170 -15.26 65.49 29.77
C ASN C 170 -15.27 66.74 28.90
N ILE C 171 -15.00 66.56 27.61
CA ILE C 171 -14.96 67.67 26.68
C ILE C 171 -16.34 68.27 26.32
N PHE C 172 -17.42 67.60 26.73
CA PHE C 172 -18.77 68.13 26.49
C PHE C 172 -19.50 68.57 27.77
N ASP C 173 -18.79 68.70 28.88
CA ASP C 173 -19.46 68.97 30.16
C ASP C 173 -20.10 70.37 30.28
N HIS C 174 -19.92 71.18 29.23
CA HIS C 174 -20.50 72.52 29.14
C HIS C 174 -21.61 72.56 28.09
N PHE C 175 -21.81 71.45 27.39
CA PHE C 175 -22.88 71.29 26.41
C PHE C 175 -24.23 71.39 27.09
N SER C 176 -25.23 71.88 26.36
CA SER C 176 -26.61 71.85 26.82
C SER C 176 -27.06 70.41 26.99
N ARG C 177 -28.10 70.21 27.79
CA ARG C 177 -28.66 68.87 28.02
C ARG C 177 -29.03 68.17 26.71
N LYS C 178 -29.56 68.93 25.75
CA LYS C 178 -29.92 68.36 24.44
C LYS C 178 -28.73 68.13 23.52
N ASP C 179 -27.77 69.06 23.51
CA ASP C 179 -26.54 68.86 22.76
C ASP C 179 -25.71 67.70 23.31
N TYR C 180 -25.73 67.53 24.64
CA TYR C 180 -25.05 66.42 25.28
C TYR C 180 -25.67 65.09 24.84
N GLN C 181 -27.00 65.01 24.94
CA GLN C 181 -27.74 63.82 24.53
C GLN C 181 -27.48 63.48 23.05
N ARG C 182 -27.50 64.52 22.20
CA ARG C 182 -27.23 64.38 20.78
C ARG C 182 -25.84 63.76 20.55
N MET C 183 -24.85 64.29 21.27
CA MET C 183 -23.46 63.86 21.14
C MET C 183 -23.26 62.39 21.53
N LEU C 184 -23.89 61.97 22.62
CA LEU C 184 -23.82 60.58 23.09
C LEU C 184 -24.50 59.61 22.12
N ASP C 185 -25.67 59.99 21.62
CA ASP C 185 -26.43 59.18 20.66
C ASP C 185 -25.68 59.02 19.35
N LEU C 186 -25.13 60.13 18.86
CA LEU C 186 -24.33 60.12 17.64
C LEU C 186 -23.11 59.20 17.79
N MET C 187 -22.37 59.36 18.90
CA MET C 187 -21.20 58.52 19.16
C MET C 187 -21.54 57.03 19.24
N ARG C 188 -22.68 56.71 19.84
CA ARG C 188 -23.16 55.32 19.92
C ARG C 188 -23.48 54.75 18.55
N ASP C 189 -24.27 55.49 17.77
CA ASP C 189 -24.61 55.11 16.41
C ASP C 189 -23.39 54.89 15.54
N ILE C 190 -22.45 55.84 15.58
CA ILE C 190 -21.28 55.82 14.70
C ILE C 190 -20.31 54.70 15.09
N ILE C 191 -20.02 54.56 16.39
CA ILE C 191 -19.15 53.47 16.83
C ILE C 191 -19.77 52.10 16.51
N LEU C 192 -21.08 51.97 16.73
CA LEU C 192 -21.75 50.70 16.42
C LEU C 192 -21.73 50.38 14.93
N ALA C 193 -21.67 51.43 14.11
CA ALA C 193 -21.61 51.29 12.66
C ALA C 193 -20.31 50.66 12.16
N THR C 194 -19.28 50.59 13.01
CA THR C 194 -17.99 50.00 12.62
C THR C 194 -18.00 48.47 12.59
N ASP C 195 -19.07 47.87 13.08
CA ASP C 195 -19.25 46.43 12.98
C ASP C 195 -19.68 46.10 11.57
N LEU C 196 -18.98 45.16 10.94
CA LEU C 196 -19.32 44.71 9.59
C LEU C 196 -20.79 44.30 9.48
N ALA C 197 -21.28 43.60 10.50
CA ALA C 197 -22.68 43.14 10.53
C ALA C 197 -23.66 44.30 10.39
N HIS C 198 -23.37 45.41 11.08
CA HIS C 198 -24.20 46.61 11.01
C HIS C 198 -24.21 47.17 9.59
N HIS C 199 -23.03 47.21 8.98
CA HIS C 199 -22.89 47.70 7.62
C HIS C 199 -23.69 46.87 6.64
N LEU C 200 -23.69 45.54 6.82
CA LEU C 200 -24.42 44.64 5.93
C LEU C 200 -25.93 44.80 6.08
N ARG C 201 -26.40 45.10 7.29
CA ARG C 201 -27.82 45.31 7.57
C ARG C 201 -28.37 46.57 6.88
N ILE C 202 -27.53 47.60 6.77
CA ILE C 202 -27.95 48.91 6.25
C ILE C 202 -27.53 49.14 4.79
N PHE C 203 -26.88 48.14 4.19
CA PHE C 203 -26.33 48.27 2.85
C PHE C 203 -27.38 48.63 1.78
N LYS C 204 -28.57 48.05 1.89
CA LYS C 204 -29.67 48.38 0.98
C LYS C 204 -30.15 49.81 1.17
N ASP C 205 -30.26 50.25 2.43
CA ASP C 205 -30.63 51.62 2.74
C ASP C 205 -29.62 52.61 2.17
N LEU C 206 -28.34 52.28 2.30
CA LEU C 206 -27.25 53.11 1.76
C LEU C 206 -27.33 53.23 0.25
N GLN C 207 -27.55 52.10 -0.42
CA GLN C 207 -27.73 52.07 -1.88
C GLN C 207 -28.94 52.89 -2.30
N LYS C 208 -30.07 52.68 -1.63
CA LYS C 208 -31.30 53.42 -1.89
C LYS C 208 -31.08 54.93 -1.75
N MET C 209 -30.34 55.32 -0.72
CA MET C 209 -29.99 56.74 -0.49
C MET C 209 -29.16 57.30 -1.65
N ALA C 210 -28.16 56.54 -2.09
CA ALA C 210 -27.32 56.92 -3.22
C ALA C 210 -28.12 56.93 -4.53
N GLU C 211 -29.12 56.05 -4.63
CA GLU C 211 -29.98 55.94 -5.80
C GLU C 211 -30.86 57.18 -5.96
N VAL C 212 -31.66 57.48 -4.93
CA VAL C 212 -32.58 58.62 -4.96
C VAL C 212 -31.85 59.97 -4.88
N GLY C 213 -30.67 59.96 -4.26
CA GLY C 213 -29.92 61.19 -4.03
C GLY C 213 -30.02 61.64 -2.59
N TYR C 214 -28.95 62.25 -2.09
CA TYR C 214 -28.90 62.73 -0.71
C TYR C 214 -29.87 63.88 -0.47
N ASP C 215 -30.65 63.75 0.59
CA ASP C 215 -31.59 64.77 1.02
C ASP C 215 -31.16 65.30 2.37
N ARG C 216 -30.68 66.53 2.40
CA ARG C 216 -30.18 67.17 3.61
C ARG C 216 -31.30 67.40 4.64
N ASN C 217 -32.54 67.50 4.18
CA ASN C 217 -33.70 67.68 5.05
C ASN C 217 -34.16 66.38 5.71
N ASN C 218 -33.66 65.25 5.21
CA ASN C 218 -33.96 63.93 5.75
C ASN C 218 -32.96 63.54 6.84
N LYS C 219 -33.46 63.42 8.07
CA LYS C 219 -32.60 63.09 9.21
C LYS C 219 -32.02 61.67 9.12
N GLN C 220 -32.77 60.75 8.51
CA GLN C 220 -32.33 59.36 8.35
CA GLN C 220 -32.31 59.37 8.36
C GLN C 220 -31.17 59.27 7.35
N HIS C 221 -31.14 60.20 6.39
CA HIS C 221 -30.04 60.29 5.43
C HIS C 221 -28.76 60.71 6.13
N HIS C 222 -28.88 61.61 7.10
CA HIS C 222 -27.76 62.07 7.91
C HIS C 222 -27.14 60.88 8.65
N ARG C 223 -28.00 60.10 9.29
CA ARG C 223 -27.57 58.94 10.07
C ARG C 223 -26.90 57.88 9.20
N LEU C 224 -27.44 57.68 8.00
CA LEU C 224 -26.89 56.71 7.07
C LEU C 224 -25.55 57.16 6.49
N LEU C 225 -25.44 58.45 6.17
CA LEU C 225 -24.20 59.02 5.63
C LEU C 225 -23.06 58.93 6.65
N LEU C 226 -23.39 59.22 7.91
CA LEU C 226 -22.44 59.11 9.02
C LEU C 226 -21.89 57.69 9.13
N CYS C 227 -22.78 56.71 8.95
CA CYS C 227 -22.39 55.29 8.97
C CYS C 227 -21.43 54.97 7.83
N LEU C 228 -21.78 55.40 6.63
CA LEU C 228 -20.94 55.21 5.46
C LEU C 228 -19.57 55.87 5.64
N LEU C 229 -19.55 57.09 6.17
CA LEU C 229 -18.31 57.83 6.38
C LEU C 229 -17.39 57.17 7.41
N MET C 230 -17.98 56.71 8.51
CA MET C 230 -17.21 56.01 9.54
C MET C 230 -16.52 54.78 8.96
N THR C 231 -17.27 53.95 8.23
CA THR C 231 -16.70 52.72 7.64
C THR C 231 -15.59 53.03 6.64
N SER C 232 -15.76 54.11 5.86
CA SER C 232 -14.71 54.55 4.94
C SER C 232 -13.45 55.02 5.66
N CYS C 233 -13.64 55.69 6.80
CA CYS C 233 -12.51 56.04 7.66
C CYS C 233 -11.83 54.78 8.18
N ASP C 234 -12.65 53.82 8.62
CA ASP C 234 -12.18 52.57 9.19
C ASP C 234 -11.34 51.76 8.20
N LEU C 235 -11.72 51.80 6.92
CA LEU C 235 -11.04 51.01 5.89
C LEU C 235 -10.05 51.81 5.05
N SER C 236 -9.77 53.04 5.47
CA SER C 236 -8.96 53.99 4.69
C SER C 236 -7.54 53.56 4.34
N ASP C 237 -6.99 52.57 5.05
CA ASP C 237 -5.66 52.04 4.71
C ASP C 237 -5.62 51.46 3.29
N GLN C 238 -6.80 51.09 2.78
CA GLN C 238 -6.92 50.55 1.44
C GLN C 238 -6.91 51.65 0.36
N THR C 239 -6.95 52.91 0.78
CA THR C 239 -7.03 54.04 -0.16
C THR C 239 -5.71 54.71 -0.46
N LYS C 240 -4.62 54.20 0.11
CA LYS C 240 -3.28 54.76 -0.13
C LYS C 240 -2.55 53.92 -1.19
N GLY C 241 -1.22 53.96 -1.17
CA GLY C 241 -0.42 53.23 -2.16
C GLY C 241 -0.28 51.75 -1.87
N TRP C 242 0.57 51.08 -2.64
CA TRP C 242 0.83 49.65 -2.47
C TRP C 242 1.53 49.35 -1.14
N LYS C 243 2.49 50.19 -0.78
CA LYS C 243 3.26 50.02 0.45
C LYS C 243 2.37 49.93 1.67
N THR C 244 1.38 50.82 1.76
CA THR C 244 0.44 50.85 2.89
C THR C 244 -0.40 49.58 2.94
N THR C 245 -1.13 49.29 1.86
CA THR C 245 -2.00 48.10 1.87
C THR C 245 -1.24 46.81 2.20
N ARG C 246 -0.01 46.69 1.70
CA ARG C 246 0.86 45.55 2.01
C ARG C 246 1.23 45.49 3.49
N LYS C 247 1.77 46.59 4.02
CA LYS C 247 2.16 46.64 5.44
C LYS C 247 0.96 46.42 6.36
N ILE C 248 -0.19 46.99 5.98
CA ILE C 248 -1.40 46.88 6.77
C ILE C 248 -1.90 45.43 6.76
N ALA C 249 -1.84 44.78 5.60
CA ALA C 249 -2.09 43.34 5.50
C ALA C 249 -1.21 42.52 6.46
N GLU C 250 0.09 42.84 6.52
CA GLU C 250 1.02 42.18 7.46
C GLU C 250 0.50 42.23 8.90
N LEU C 251 0.03 43.40 9.31
CA LEU C 251 -0.45 43.60 10.68
C LEU C 251 -1.78 42.90 10.91
N ILE C 252 -2.67 42.99 9.92
CA ILE C 252 -4.01 42.41 9.99
C ILE C 252 -3.97 40.90 10.09
N TYR C 253 -3.20 40.26 9.21
CA TYR C 253 -3.08 38.81 9.22
C TYR C 253 -2.32 38.29 10.44
N LYS C 254 -1.29 39.01 10.87
CA LYS C 254 -0.56 38.67 12.10
C LYS C 254 -1.52 38.68 13.30
N GLU C 255 -2.37 39.69 13.36
CA GLU C 255 -3.41 39.78 14.38
C GLU C 255 -4.43 38.65 14.21
N PHE C 256 -4.88 38.43 12.97
CA PHE C 256 -5.84 37.37 12.67
C PHE C 256 -5.31 36.00 13.07
N PHE C 257 -4.06 35.71 12.72
CA PHE C 257 -3.48 34.38 12.96
C PHE C 257 -3.16 34.13 14.43
N SER C 258 -2.79 35.18 15.16
CA SER C 258 -2.67 35.09 16.60
C SER C 258 -3.99 34.64 17.23
N GLN C 259 -5.11 35.22 16.76
CA GLN C 259 -6.43 34.80 17.25
C GLN C 259 -6.66 33.32 16.95
N GLY C 260 -6.32 32.91 15.73
CA GLY C 260 -6.44 31.52 15.31
C GLY C 260 -5.64 30.58 16.18
N ASP C 261 -4.43 30.99 16.56
CA ASP C 261 -3.61 30.22 17.47
C ASP C 261 -4.29 30.09 18.84
N LEU C 262 -4.91 31.17 19.30
CA LEU C 262 -5.61 31.18 20.59
C LEU C 262 -6.84 30.29 20.57
N GLU C 263 -7.55 30.26 19.44
CA GLU C 263 -8.70 29.39 19.28
C GLU C 263 -8.30 27.92 19.21
N LYS C 264 -7.16 27.64 18.58
CA LYS C 264 -6.60 26.30 18.52
C LYS C 264 -6.14 25.84 19.90
N ALA C 265 -5.49 26.74 20.63
CA ALA C 265 -4.97 26.44 21.97
C ALA C 265 -6.08 26.13 22.98
N MET C 266 -7.29 26.63 22.75
CA MET C 266 -8.43 26.30 23.60
C MET C 266 -9.40 25.28 22.98
N GLY C 267 -8.94 24.60 21.93
CA GLY C 267 -9.68 23.46 21.38
C GLY C 267 -10.86 23.78 20.47
N ASN C 268 -10.81 24.94 19.84
CA ASN C 268 -11.79 25.31 18.83
C ASN C 268 -11.14 25.30 17.44
N ARG C 269 -11.96 25.10 16.41
CA ARG C 269 -11.47 25.15 15.04
C ARG C 269 -11.77 26.51 14.41
N PRO C 270 -10.73 27.33 14.21
CA PRO C 270 -10.91 28.69 13.72
C PRO C 270 -11.36 28.74 12.26
N MET C 271 -12.00 29.84 11.88
CA MET C 271 -12.28 30.14 10.49
C MET C 271 -11.00 30.09 9.68
N GLU C 272 -11.10 29.72 8.40
CA GLU C 272 -9.95 29.66 7.50
C GLU C 272 -9.13 30.96 7.56
N MET C 273 -9.83 32.09 7.60
CA MET C 273 -9.23 33.42 7.67
C MET C 273 -8.29 33.63 8.87
N MET C 274 -8.61 32.96 9.99
CA MET C 274 -7.84 33.12 11.22
C MET C 274 -6.80 32.02 11.39
N ASP C 275 -6.84 31.03 10.50
CA ASP C 275 -6.01 29.84 10.59
C ASP C 275 -4.78 29.93 9.67
N ARG C 276 -3.61 30.16 10.27
CA ARG C 276 -2.36 30.33 9.51
C ARG C 276 -1.95 29.09 8.68
N GLU C 277 -2.53 27.94 9.00
CA GLU C 277 -2.27 26.69 8.28
C GLU C 277 -3.16 26.52 7.06
N LYS C 278 -4.27 27.25 7.01
CA LYS C 278 -5.26 27.11 5.94
C LYS C 278 -5.49 28.39 5.13
N ALA C 279 -5.23 29.54 5.76
CA ALA C 279 -5.48 30.84 5.15
C ALA C 279 -4.64 31.09 3.91
N TYR C 280 -5.31 31.42 2.82
CA TYR C 280 -4.63 31.78 1.59
C TYR C 280 -4.82 33.28 1.36
N ILE C 281 -3.78 34.06 1.69
CA ILE C 281 -3.84 35.54 1.68
C ILE C 281 -4.51 36.13 0.43
N PRO C 282 -3.98 35.83 -0.78
CA PRO C 282 -4.53 36.47 -1.98
C PRO C 282 -6.04 36.34 -2.06
N GLU C 283 -6.56 35.15 -1.79
CA GLU C 283 -7.99 34.89 -1.86
C GLU C 283 -8.77 35.74 -0.84
N LEU C 284 -8.24 35.82 0.38
CA LEU C 284 -8.89 36.56 1.46
C LEU C 284 -8.85 38.08 1.22
N GLN C 285 -7.68 38.59 0.85
CA GLN C 285 -7.49 40.00 0.54
C GLN C 285 -8.43 40.47 -0.55
N ILE C 286 -8.43 39.75 -1.66
CA ILE C 286 -9.20 40.11 -2.85
C ILE C 286 -10.70 40.00 -2.57
N SER C 287 -11.10 39.00 -1.78
CA SER C 287 -12.49 38.87 -1.34
C SER C 287 -12.92 40.09 -0.53
N PHE C 288 -12.12 40.40 0.49
CA PHE C 288 -12.39 41.56 1.34
C PHE C 288 -12.45 42.86 0.53
N MET C 289 -11.50 43.03 -0.39
CA MET C 289 -11.42 44.27 -1.16
C MET C 289 -12.55 44.41 -2.17
N GLU C 290 -12.92 43.32 -2.82
CA GLU C 290 -14.01 43.31 -3.79
C GLU C 290 -15.40 43.41 -3.15
N HIS C 291 -15.61 42.65 -2.07
CA HIS C 291 -16.95 42.54 -1.49
C HIS C 291 -17.24 43.55 -0.36
N ILE C 292 -16.20 44.07 0.28
CA ILE C 292 -16.40 44.95 1.43
C ILE C 292 -15.86 46.37 1.19
N ALA C 293 -14.57 46.46 0.85
CA ALA C 293 -13.91 47.76 0.68
C ALA C 293 -14.44 48.53 -0.52
N MET C 294 -14.44 47.91 -1.69
CA MET C 294 -14.85 48.60 -2.92
C MET C 294 -16.29 49.13 -2.93
N PRO C 295 -17.27 48.34 -2.46
CA PRO C 295 -18.66 48.85 -2.46
C PRO C 295 -18.86 50.05 -1.54
N ILE C 296 -18.09 50.12 -0.45
CA ILE C 296 -18.13 51.26 0.46
C ILE C 296 -17.63 52.53 -0.23
N TYR C 297 -16.52 52.42 -0.97
CA TYR C 297 -15.92 53.58 -1.64
C TYR C 297 -16.60 53.90 -2.98
N LYS C 298 -17.27 52.90 -3.55
CA LYS C 298 -18.18 53.13 -4.67
C LYS C 298 -19.35 54.00 -4.20
N LEU C 299 -19.94 53.64 -3.06
CA LEU C 299 -21.04 54.41 -2.50
C LEU C 299 -20.64 55.85 -2.20
N LEU C 300 -19.46 56.02 -1.62
CA LEU C 300 -18.90 57.36 -1.33
C LEU C 300 -18.74 58.18 -2.60
N GLN C 301 -18.33 57.50 -3.68
CA GLN C 301 -18.18 58.10 -5.00
C GLN C 301 -19.54 58.57 -5.53
N ASP C 302 -20.56 57.73 -5.40
CA ASP C 302 -21.93 58.02 -5.86
C ASP C 302 -22.48 59.31 -5.24
N LEU C 303 -22.15 59.52 -3.97
CA LEU C 303 -22.63 60.69 -3.22
C LEU C 303 -21.67 61.87 -3.33
N PHE C 304 -20.37 61.58 -3.45
CA PHE C 304 -19.34 62.62 -3.60
C PHE C 304 -18.47 62.32 -4.82
N PRO C 305 -18.71 63.03 -5.93
CA PRO C 305 -17.90 62.90 -7.14
C PRO C 305 -16.39 63.09 -6.89
N LYS C 306 -16.04 63.95 -5.95
CA LYS C 306 -14.62 64.19 -5.62
C LYS C 306 -13.97 63.06 -4.81
N ALA C 307 -14.78 62.09 -4.39
CA ALA C 307 -14.27 60.89 -3.72
C ALA C 307 -13.93 59.79 -4.73
N ALA C 308 -13.97 60.13 -6.02
CA ALA C 308 -13.68 59.17 -7.09
C ALA C 308 -12.28 58.57 -6.98
N GLU C 309 -11.29 59.40 -6.64
CA GLU C 309 -9.90 58.95 -6.49
C GLU C 309 -9.71 57.86 -5.42
N LEU C 310 -10.53 57.88 -4.37
CA LEU C 310 -10.45 56.89 -3.30
C LEU C 310 -10.84 55.50 -3.79
N TYR C 311 -11.98 55.43 -4.47
CA TYR C 311 -12.44 54.18 -5.09
C TYR C 311 -11.45 53.64 -6.12
N GLU C 312 -10.85 54.53 -6.90
CA GLU C 312 -9.90 54.14 -7.95
C GLU C 312 -8.60 53.59 -7.40
N ARG C 313 -8.18 54.08 -6.23
CA ARG C 313 -6.97 53.57 -5.57
C ARG C 313 -7.18 52.20 -4.94
N VAL C 314 -8.35 52.00 -4.31
CA VAL C 314 -8.71 50.69 -3.77
C VAL C 314 -8.74 49.67 -4.90
N ALA C 315 -9.43 50.02 -5.98
CA ALA C 315 -9.50 49.17 -7.18
C ALA C 315 -8.09 48.84 -7.68
N SER C 316 -7.25 49.88 -7.77
CA SER C 316 -5.86 49.75 -8.18
C SER C 316 -5.08 48.83 -7.26
N ASN C 317 -5.25 49.02 -5.95
CA ASN C 317 -4.63 48.15 -4.95
C ASN C 317 -5.10 46.70 -5.07
N ARG C 318 -6.39 46.53 -5.38
CA ARG C 318 -6.98 45.21 -5.58
C ARG C 318 -6.35 44.49 -6.78
N GLU C 319 -6.08 45.27 -7.84
CA GLU C 319 -5.38 44.75 -9.02
C GLU C 319 -3.96 44.31 -8.68
N HIS C 320 -3.27 45.11 -7.88
CA HIS C 320 -1.90 44.83 -7.46
C HIS C 320 -1.79 43.53 -6.65
N TRP C 321 -2.82 43.23 -5.86
CA TRP C 321 -2.87 41.97 -5.11
C TRP C 321 -2.98 40.77 -6.03
N THR C 322 -3.85 40.86 -7.02
CA THR C 322 -4.00 39.84 -8.05
C THR C 322 -2.68 39.63 -8.80
N LYS C 323 -2.04 40.73 -9.14
CA LYS C 323 -0.74 40.73 -9.83
C LYS C 323 0.32 39.93 -9.07
N VAL C 324 0.41 40.13 -7.74
CA VAL C 324 1.43 39.45 -6.94
C VAL C 324 0.97 38.10 -6.36
N SER C 325 -0.25 37.68 -6.69
CA SER C 325 -0.83 36.44 -6.16
C SER C 325 0.04 35.19 -6.38
N HIS C 326 0.61 35.09 -7.58
CA HIS C 326 1.39 33.91 -7.99
C HIS C 326 2.57 33.61 -7.06
N LYS C 327 3.10 34.66 -6.44
CA LYS C 327 4.28 34.54 -5.57
C LYS C 327 4.02 33.69 -4.32
N PHE C 328 2.75 33.43 -4.02
CA PHE C 328 2.38 32.58 -2.88
C PHE C 328 2.54 31.09 -3.20
N THR C 329 2.82 30.79 -4.47
CA THR C 329 3.18 29.44 -4.88
C THR C 329 4.70 29.39 -5.04
N ILE C 330 5.33 28.55 -4.25
CA ILE C 330 6.78 28.38 -4.30
C ILE C 330 7.20 27.79 -5.64
N ARG C 331 7.87 28.61 -6.44
CA ARG C 331 8.42 28.18 -7.72
C ARG C 331 9.92 27.96 -7.55
N GLY C 332 10.42 26.88 -8.13
CA GLY C 332 11.81 26.48 -7.91
C GLY C 332 12.02 26.07 -6.47
N LEU C 333 13.20 26.40 -5.93
CA LEU C 333 13.51 26.16 -4.52
C LEU C 333 13.27 27.42 -3.71
N PRO C 334 13.09 27.29 -2.38
CA PRO C 334 13.11 28.46 -1.50
C PRO C 334 14.48 29.16 -1.53
N SER C 335 14.58 30.30 -0.85
CA SER C 335 15.80 31.12 -0.81
C SER C 335 17.06 30.36 -0.38
N ASN C 336 16.91 29.50 0.63
CA ASN C 336 18.03 28.76 1.20
C ASN C 336 18.50 27.55 0.38
N ASN C 337 17.86 27.34 -0.78
CA ASN C 337 18.11 26.16 -1.63
C ASN C 337 17.78 24.84 -0.93
N SER C 338 17.00 24.92 0.15
CA SER C 338 16.71 23.76 0.98
C SER C 338 15.26 23.29 0.89
N LEU C 339 15.08 21.98 0.96
CA LEU C 339 13.75 21.37 1.00
C LEU C 339 13.44 20.81 2.40
N ASP C 340 14.16 21.31 3.41
CA ASP C 340 13.96 20.89 4.80
C ASP C 340 12.61 21.31 5.38
N PHE C 341 11.96 22.28 4.73
CA PHE C 341 10.62 22.73 5.14
C PHE C 341 9.54 21.69 4.86
N LEU C 342 9.89 20.66 4.10
CA LEU C 342 8.95 19.58 3.79
C LEU C 342 8.74 18.61 4.96
N ASP C 343 9.64 18.66 5.93
CA ASP C 343 9.55 17.81 7.12
C ASP C 343 9.00 18.58 8.33
N GLU D 7 11.02 10.43 44.21
CA GLU D 7 10.93 11.74 44.91
C GLU D 7 11.66 12.84 44.12
N TYR D 8 12.91 12.57 43.75
CA TYR D 8 13.69 13.49 42.93
C TYR D 8 13.12 13.56 41.52
N THR D 9 12.59 12.43 41.05
CA THR D 9 11.89 12.32 39.78
C THR D 9 10.69 13.28 39.69
N LYS D 10 10.15 13.67 40.85
CA LYS D 10 9.09 14.67 40.90
C LYS D 10 9.64 16.08 40.69
N LEU D 11 10.79 16.37 41.31
CA LEU D 11 11.50 17.64 41.11
C LEU D 11 11.92 17.82 39.66
N LEU D 12 12.15 16.70 38.98
CA LEU D 12 12.24 16.68 37.52
C LEU D 12 10.91 17.06 36.90
N HIS D 13 10.13 17.95 37.56
CA HIS D 13 9.16 18.63 36.75
C HIS D 13 9.57 19.94 36.13
N ASP D 14 9.50 21.05 36.85
CA ASP D 14 10.03 22.30 36.30
C ASP D 14 9.72 22.42 34.80
N GLY D 15 8.42 22.54 34.48
CA GLY D 15 8.02 22.78 33.10
C GLY D 15 6.75 22.10 32.62
N ILE D 16 6.23 22.63 31.51
CA ILE D 16 5.06 22.10 30.79
C ILE D 16 5.17 22.63 29.36
N GLN D 17 5.47 21.72 28.43
CA GLN D 17 6.05 22.12 27.15
C GLN D 17 5.08 22.08 25.96
N PRO D 18 5.22 23.03 25.02
CA PRO D 18 4.44 22.92 23.78
C PRO D 18 4.78 21.61 23.05
N VAL D 19 3.75 20.97 22.50
CA VAL D 19 3.89 19.70 21.78
C VAL D 19 5.00 19.73 20.72
N ALA D 20 5.11 20.85 20.00
CA ALA D 20 6.11 21.03 18.94
C ALA D 20 7.56 20.91 19.44
N ALA D 21 7.80 21.33 20.67
CA ALA D 21 9.14 21.26 21.28
C ALA D 21 9.59 19.82 21.53
N ILE D 22 8.63 18.90 21.65
CA ILE D 22 8.92 17.47 21.78
C ILE D 22 9.36 16.91 20.43
N ASP D 23 8.55 17.18 19.41
CA ASP D 23 8.82 16.76 18.03
C ASP D 23 7.86 17.49 17.11
N SER D 24 8.36 17.90 15.94
CA SER D 24 7.54 18.59 14.94
C SER D 24 6.44 17.69 14.38
N ASN D 25 6.66 16.38 14.41
CA ASN D 25 5.71 15.40 13.88
C ASN D 25 4.83 14.75 14.95
N PHE D 26 4.84 15.32 16.15
CA PHE D 26 4.19 14.72 17.33
C PHE D 26 2.69 14.48 17.20
N ALA D 27 2.00 15.39 16.51
CA ALA D 27 0.55 15.33 16.34
C ALA D 27 0.08 14.52 15.12
N SER D 28 1.03 13.84 14.48
CA SER D 28 0.74 13.05 13.28
C SER D 28 0.57 11.56 13.57
N PHE D 29 -0.25 10.90 12.75
CA PHE D 29 -0.44 9.46 12.81
C PHE D 29 0.82 8.66 12.48
N THR D 30 1.72 9.27 11.71
CA THR D 30 2.97 8.63 11.31
C THR D 30 3.98 8.52 12.46
N TYR D 31 3.75 9.32 13.51
CA TYR D 31 4.65 9.36 14.66
C TYR D 31 4.51 8.12 15.52
N THR D 32 5.66 7.60 15.97
CA THR D 32 5.70 6.45 16.85
C THR D 32 6.09 6.90 18.27
N PRO D 33 5.11 6.90 19.19
CA PRO D 33 5.32 7.31 20.59
C PRO D 33 6.43 6.52 21.30
N ARG D 34 6.69 5.30 20.84
CA ARG D 34 7.75 4.47 21.41
C ARG D 34 9.17 4.97 21.08
N SER D 35 9.27 5.81 20.05
CA SER D 35 10.54 6.47 19.72
C SER D 35 10.98 7.45 20.80
N LEU D 36 10.01 7.97 21.55
CA LEU D 36 10.29 8.90 22.64
C LEU D 36 10.84 8.16 23.86
N PRO D 37 11.97 8.65 24.43
CA PRO D 37 12.56 8.03 25.62
C PRO D 37 11.59 8.05 26.79
N GLU D 38 11.60 6.96 27.57
CA GLU D 38 10.72 6.80 28.72
C GLU D 38 10.86 7.92 29.75
N ASP D 39 12.06 8.51 29.83
CA ASP D 39 12.34 9.65 30.71
C ASP D 39 11.63 10.94 30.29
N ASP D 40 11.17 11.00 29.03
CA ASP D 40 10.44 12.16 28.53
C ASP D 40 8.92 11.97 28.52
N THR D 41 8.45 10.74 28.77
CA THR D 41 7.02 10.42 28.59
C THR D 41 6.10 11.18 29.54
N SER D 42 6.55 11.40 30.78
CA SER D 42 5.75 12.10 31.78
C SER D 42 5.48 13.56 31.38
N MET D 43 6.51 14.22 30.85
CA MET D 43 6.38 15.58 30.36
C MET D 43 5.50 15.62 29.11
N ALA D 44 5.64 14.60 28.26
CA ALA D 44 4.81 14.48 27.07
C ALA D 44 3.31 14.36 27.39
N ILE D 45 2.98 13.66 28.48
CA ILE D 45 1.58 13.58 28.95
C ILE D 45 1.06 14.97 29.29
N LEU D 46 1.84 15.74 30.05
CA LEU D 46 1.46 17.08 30.46
C LEU D 46 1.29 18.00 29.25
N SER D 47 2.19 17.87 28.28
CA SER D 47 2.14 18.63 27.04
C SER D 47 0.86 18.35 26.27
N MET D 48 0.45 17.09 26.22
CA MET D 48 -0.76 16.71 25.50
C MET D 48 -2.00 17.28 26.18
N LEU D 49 -2.05 17.16 27.50
CA LEU D 49 -3.14 17.73 28.29
C LEU D 49 -3.22 19.24 28.14
N GLN D 50 -2.05 19.89 28.11
CA GLN D 50 -1.97 21.32 27.84
C GLN D 50 -2.48 21.64 26.43
N ASP D 51 -1.97 20.91 25.44
CA ASP D 51 -2.39 21.12 24.07
C ASP D 51 -3.88 20.90 23.86
N MET D 52 -4.47 20.00 24.64
CA MET D 52 -5.90 19.74 24.59
C MET D 52 -6.67 20.75 25.45
N ASN D 53 -5.92 21.62 26.12
CA ASN D 53 -6.43 22.66 27.02
C ASN D 53 -7.25 22.19 28.22
N PHE D 54 -7.01 20.96 28.66
CA PHE D 54 -7.75 20.44 29.82
C PHE D 54 -7.26 20.99 31.15
N ILE D 55 -6.00 21.44 31.18
CA ILE D 55 -5.40 22.06 32.35
C ILE D 55 -6.09 23.39 32.68
N ASN D 56 -6.29 24.24 31.67
CA ASN D 56 -6.96 25.51 31.85
C ASN D 56 -8.49 25.37 31.86
N ASN D 57 -9.01 24.44 31.07
CA ASN D 57 -10.45 24.18 31.01
C ASN D 57 -10.98 23.82 32.39
N TYR D 58 -10.34 22.85 33.03
CA TYR D 58 -10.80 22.33 34.32
C TYR D 58 -10.02 22.87 35.51
N LYS D 59 -9.10 23.80 35.25
CA LYS D 59 -8.30 24.47 36.30
C LYS D 59 -7.53 23.48 37.18
N ILE D 60 -6.95 22.46 36.54
CA ILE D 60 -6.19 21.41 37.23
C ILE D 60 -4.90 21.96 37.82
N ASP D 61 -4.70 21.70 39.12
CA ASP D 61 -3.47 22.07 39.80
C ASP D 61 -2.30 21.30 39.18
N CYS D 62 -1.33 22.02 38.65
CA CYS D 62 -0.20 21.42 37.93
C CYS D 62 0.69 20.50 38.79
N PRO D 63 1.01 20.91 40.05
CA PRO D 63 1.73 19.97 40.93
C PRO D 63 0.93 18.69 41.21
N THR D 64 -0.37 18.83 41.44
CA THR D 64 -1.25 17.67 41.61
C THR D 64 -1.20 16.78 40.37
N LEU D 65 -1.27 17.41 39.20
CA LEU D 65 -1.23 16.71 37.93
C LEU D 65 0.10 16.00 37.70
N ALA D 66 1.20 16.69 38.03
CA ALA D 66 2.54 16.12 37.95
C ALA D 66 2.64 14.86 38.82
N ARG D 67 2.21 14.97 40.08
CA ARG D 67 2.16 13.84 40.99
C ARG D 67 1.26 12.71 40.46
N PHE D 68 0.07 13.07 39.97
CA PHE D 68 -0.85 12.09 39.38
C PHE D 68 -0.16 11.26 38.30
N CYS D 69 0.40 11.94 37.29
CA CYS D 69 1.06 11.29 36.16
C CYS D 69 2.21 10.37 36.57
N LEU D 70 2.98 10.81 37.56
CA LEU D 70 4.11 10.04 38.06
C LEU D 70 3.65 8.79 38.80
N MET D 71 2.58 8.94 39.56
CA MET D 71 1.92 7.81 40.22
C MET D 71 1.43 6.78 39.20
N VAL D 72 0.74 7.25 38.16
CA VAL D 72 0.22 6.37 37.12
C VAL D 72 1.37 5.60 36.46
N LYS D 73 2.41 6.32 36.10
CA LYS D 73 3.62 5.73 35.52
C LYS D 73 4.20 4.63 36.41
N LYS D 74 4.32 4.93 37.70
CA LYS D 74 4.85 4.00 38.69
C LYS D 74 3.92 2.80 38.89
N GLY D 75 2.63 3.00 38.67
CA GLY D 75 1.61 1.96 38.86
C GLY D 75 1.60 0.87 37.81
N TYR D 76 2.44 1.01 36.79
CA TYR D 76 2.64 -0.06 35.82
C TYR D 76 3.84 -0.92 36.21
N ARG D 77 3.69 -2.23 36.05
CA ARG D 77 4.81 -3.15 36.23
C ARG D 77 5.59 -3.20 34.92
N ASP D 78 6.54 -4.13 34.81
CA ASP D 78 7.29 -4.26 33.57
C ASP D 78 7.23 -5.68 32.96
N PRO D 79 6.01 -6.14 32.59
CA PRO D 79 5.99 -7.30 31.71
C PRO D 79 6.46 -6.87 30.31
N PRO D 80 6.62 -7.83 29.38
CA PRO D 80 7.14 -7.46 28.06
C PRO D 80 6.28 -6.43 27.32
N TYR D 81 4.97 -6.55 27.39
CA TYR D 81 4.07 -5.65 26.67
C TYR D 81 3.27 -4.66 27.54
N HIS D 82 2.60 -5.16 28.57
CA HIS D 82 1.69 -4.31 29.36
C HIS D 82 2.41 -3.49 30.42
N ASN D 83 3.29 -2.63 29.94
CA ASN D 83 4.07 -1.72 30.77
C ASN D 83 3.67 -0.27 30.50
N TRP D 84 4.31 0.67 31.20
CA TRP D 84 3.99 2.08 31.06
C TRP D 84 4.06 2.57 29.62
N MET D 85 5.05 2.09 28.88
CA MET D 85 5.25 2.52 27.48
C MET D 85 4.09 2.17 26.55
N HIS D 86 3.35 1.13 26.90
CA HIS D 86 2.11 0.82 26.20
C HIS D 86 1.02 1.83 26.56
N ALA D 87 0.79 2.03 27.86
CA ALA D 87 -0.14 3.04 28.36
C ALA D 87 0.15 4.44 27.81
N PHE D 88 1.43 4.78 27.69
CA PHE D 88 1.83 6.05 27.11
C PHE D 88 1.47 6.16 25.63
N SER D 89 1.79 5.12 24.86
CA SER D 89 1.47 5.08 23.44
C SER D 89 -0.05 5.11 23.18
N VAL D 90 -0.80 4.41 24.02
CA VAL D 90 -2.27 4.42 23.97
C VAL D 90 -2.83 5.83 24.22
N SER D 91 -2.30 6.50 25.24
CA SER D 91 -2.63 7.90 25.54
C SER D 91 -2.24 8.84 24.40
N HIS D 92 -1.08 8.61 23.79
CA HIS D 92 -0.64 9.42 22.67
C HIS D 92 -1.57 9.31 21.47
N PHE D 93 -2.04 8.09 21.20
CA PHE D 93 -2.98 7.88 20.11
C PHE D 93 -4.32 8.57 20.39
N CYS D 94 -4.75 8.58 21.65
CA CYS D 94 -5.96 9.31 22.04
C CYS D 94 -5.82 10.79 21.69
N TYR D 95 -4.67 11.36 22.06
CA TYR D 95 -4.31 12.72 21.68
C TYR D 95 -4.35 12.91 20.15
N LEU D 96 -3.86 11.92 19.41
CA LEU D 96 -3.88 11.97 17.95
C LEU D 96 -5.31 12.02 17.38
N LEU D 97 -6.20 11.22 17.96
CA LEU D 97 -7.60 11.20 17.53
C LEU D 97 -8.28 12.54 17.80
N TYR D 98 -7.92 13.17 18.91
CA TYR D 98 -8.41 14.50 19.25
C TYR D 98 -7.98 15.54 18.21
N LYS D 99 -6.70 15.50 17.85
CA LYS D 99 -6.09 16.49 16.98
C LYS D 99 -6.41 16.27 15.52
N ASN D 100 -6.57 15.01 15.12
CA ASN D 100 -6.78 14.67 13.72
C ASN D 100 -8.25 14.46 13.34
N LEU D 101 -9.02 13.87 14.24
CA LEU D 101 -10.44 13.60 13.95
C LEU D 101 -11.37 14.64 14.56
N GLU D 102 -10.80 15.70 15.12
CA GLU D 102 -11.57 16.81 15.68
C GLU D 102 -12.71 16.32 16.58
N LEU D 103 -12.33 15.65 17.67
CA LEU D 103 -13.29 15.01 18.58
C LEU D 103 -14.23 15.97 19.31
N THR D 104 -13.77 17.19 19.57
CA THR D 104 -14.59 18.24 20.20
C THR D 104 -15.89 18.51 19.46
N ASN D 105 -15.98 18.03 18.23
CA ASN D 105 -17.18 18.15 17.42
C ASN D 105 -18.12 16.94 17.55
N TYR D 106 -17.74 15.98 18.39
CA TYR D 106 -18.52 14.76 18.54
C TYR D 106 -18.82 14.42 20.00
N LEU D 107 -17.91 14.80 20.90
CA LEU D 107 -18.05 14.47 22.33
C LEU D 107 -17.92 15.70 23.22
N GLU D 108 -18.41 15.57 24.46
CA GLU D 108 -18.26 16.62 25.47
C GLU D 108 -16.80 16.70 25.93
N ASP D 109 -16.37 17.90 26.32
CA ASP D 109 -15.02 18.10 26.83
C ASP D 109 -14.70 17.14 27.98
N ILE D 110 -15.69 16.91 28.84
CA ILE D 110 -15.53 16.00 29.97
C ILE D 110 -15.30 14.55 29.52
N GLU D 111 -15.97 14.15 28.43
CA GLU D 111 -15.87 12.80 27.89
C GLU D 111 -14.49 12.57 27.27
N ILE D 112 -13.99 13.55 26.54
CA ILE D 112 -12.65 13.49 25.96
C ILE D 112 -11.59 13.46 27.07
N PHE D 113 -11.76 14.29 28.09
CA PHE D 113 -10.84 14.31 29.22
C PHE D 113 -10.77 12.95 29.91
N ALA D 114 -11.94 12.36 30.16
CA ALA D 114 -12.04 11.02 30.77
C ALA D 114 -11.42 9.93 29.90
N LEU D 115 -11.55 10.07 28.59
CA LEU D 115 -10.95 9.11 27.66
C LEU D 115 -9.43 9.09 27.79
N PHE D 116 -8.82 10.28 27.78
CA PHE D 116 -7.38 10.41 27.87
C PHE D 116 -6.85 9.93 29.22
N ILE D 117 -7.53 10.32 30.30
CA ILE D 117 -7.17 9.83 31.62
C ILE D 117 -7.30 8.31 31.66
N SER D 118 -8.36 7.77 31.06
CA SER D 118 -8.59 6.33 31.01
C SER D 118 -7.49 5.59 30.25
N CYS D 119 -7.03 6.18 29.15
CA CYS D 119 -5.91 5.62 28.37
C CYS D 119 -4.65 5.49 29.22
N MET D 120 -4.39 6.49 30.05
CA MET D 120 -3.23 6.47 30.94
C MET D 120 -3.34 5.33 31.94
N CYS D 121 -4.56 5.12 32.43
CA CYS D 121 -4.82 4.21 33.55
C CYS D 121 -5.25 2.80 33.15
N HIS D 122 -5.57 2.59 31.87
CA HIS D 122 -6.36 1.42 31.46
C HIS D 122 -5.75 0.03 31.71
N ASP D 123 -4.43 -0.04 31.86
CA ASP D 123 -3.76 -1.32 32.13
C ASP D 123 -2.98 -1.31 33.45
N LEU D 124 -3.35 -0.40 34.36
CA LEU D 124 -2.63 -0.25 35.64
C LEU D 124 -2.43 -1.58 36.36
N ASP D 125 -1.19 -1.82 36.77
CA ASP D 125 -0.79 -3.01 37.55
C ASP D 125 -1.03 -4.35 36.80
N HIS D 126 -0.98 -4.29 35.47
CA HIS D 126 -1.10 -5.48 34.64
C HIS D 126 0.06 -6.42 34.95
N ARG D 127 -0.23 -7.71 35.05
CA ARG D 127 0.77 -8.70 35.42
C ARG D 127 1.31 -9.46 34.21
N GLY D 128 0.85 -9.09 33.02
CA GLY D 128 1.26 -9.74 31.78
C GLY D 128 0.44 -10.99 31.47
N THR D 129 -0.71 -11.12 32.13
CA THR D 129 -1.57 -12.28 31.96
C THR D 129 -3.00 -11.83 31.71
N ASN D 130 -3.78 -12.67 31.02
CA ASN D 130 -5.16 -12.32 30.69
C ASN D 130 -6.15 -12.56 31.84
N ASN D 131 -7.42 -12.28 31.58
CA ASN D 131 -8.47 -12.50 32.56
C ASN D 131 -8.63 -13.96 32.95
N SER D 132 -8.55 -14.84 31.94
CA SER D 132 -8.64 -16.29 32.11
C SER D 132 -7.60 -16.83 33.09
N PHE D 133 -6.36 -16.36 32.96
CA PHE D 133 -5.29 -16.82 33.82
C PHE D 133 -5.51 -16.47 35.28
N GLN D 134 -6.11 -15.31 35.54
CA GLN D 134 -6.43 -14.88 36.91
C GLN D 134 -7.31 -15.91 37.60
N VAL D 135 -8.32 -16.39 36.87
CA VAL D 135 -9.21 -17.44 37.37
C VAL D 135 -8.45 -18.77 37.53
N ALA D 136 -7.76 -19.19 36.48
CA ALA D 136 -6.99 -20.44 36.48
C ALA D 136 -6.02 -20.49 37.67
N SER D 137 -5.28 -19.41 37.88
CA SER D 137 -4.32 -19.30 38.96
C SER D 137 -4.94 -18.98 40.32
N LYS D 138 -6.25 -18.70 40.32
CA LYS D 138 -6.98 -18.29 41.53
C LYS D 138 -6.28 -17.12 42.25
N SER D 139 -5.93 -16.10 41.48
CA SER D 139 -5.32 -14.90 42.04
C SER D 139 -6.31 -14.14 42.91
N VAL D 140 -5.80 -13.20 43.71
CA VAL D 140 -6.64 -12.30 44.49
C VAL D 140 -7.59 -11.49 43.59
N LEU D 141 -7.12 -11.15 42.39
CA LEU D 141 -7.94 -10.39 41.45
C LEU D 141 -9.16 -11.18 41.00
N ALA D 142 -8.98 -12.48 40.78
CA ALA D 142 -10.10 -13.37 40.48
C ALA D 142 -11.05 -13.48 41.67
N ALA D 143 -10.50 -13.56 42.88
CA ALA D 143 -11.31 -13.59 44.09
C ALA D 143 -12.23 -12.36 44.18
N LEU D 144 -11.65 -11.20 43.90
CA LEU D 144 -12.35 -9.93 43.98
C LEU D 144 -13.35 -9.68 42.85
N TYR D 145 -13.06 -10.19 41.65
CA TYR D 145 -13.74 -9.69 40.45
C TYR D 145 -14.32 -10.74 39.51
N SER D 146 -13.95 -12.01 39.68
CA SER D 146 -14.29 -13.06 38.71
C SER D 146 -15.79 -13.27 38.51
N SER D 147 -16.57 -13.10 39.58
CA SER D 147 -18.02 -13.25 39.51
C SER D 147 -18.66 -12.08 38.75
N GLU D 148 -17.95 -10.96 38.67
CA GLU D 148 -18.41 -9.76 37.97
C GLU D 148 -17.91 -9.66 36.53
N GLY D 149 -16.93 -10.49 36.17
CA GLY D 149 -16.33 -10.45 34.83
C GLY D 149 -15.32 -9.32 34.66
N SER D 150 -14.65 -9.30 33.52
CA SER D 150 -13.61 -8.30 33.23
C SER D 150 -12.64 -8.10 34.39
N VAL D 151 -12.06 -9.21 34.85
CA VAL D 151 -11.21 -9.23 36.04
C VAL D 151 -10.14 -8.14 36.03
N MET D 152 -9.23 -8.19 35.05
CA MET D 152 -8.12 -7.24 34.97
C MET D 152 -8.61 -5.80 34.86
N GLU D 153 -9.63 -5.59 34.03
CA GLU D 153 -10.17 -4.26 33.77
C GLU D 153 -10.77 -3.63 35.01
N ARG D 154 -11.42 -4.45 35.84
CA ARG D 154 -11.96 -3.96 37.12
C ARG D 154 -10.84 -3.56 38.08
N HIS D 155 -9.76 -4.33 38.05
CA HIS D 155 -8.57 -4.01 38.83
C HIS D 155 -7.90 -2.72 38.34
N HIS D 156 -7.75 -2.55 37.03
CA HIS D 156 -7.17 -1.32 36.49
C HIS D 156 -7.93 -0.09 37.00
N PHE D 157 -9.25 -0.14 36.95
CA PHE D 157 -10.10 0.94 37.43
C PHE D 157 -9.96 1.16 38.93
N ALA D 158 -9.91 0.08 39.70
CA ALA D 158 -9.73 0.16 41.15
C ALA D 158 -8.38 0.77 41.51
N GLN D 159 -7.35 0.45 40.71
CA GLN D 159 -6.03 1.04 40.88
C GLN D 159 -6.05 2.54 40.61
N ALA D 160 -6.76 2.95 39.56
CA ALA D 160 -6.88 4.35 39.16
C ALA D 160 -7.53 5.17 40.27
N ILE D 161 -8.57 4.62 40.86
CA ILE D 161 -9.27 5.22 42.00
C ILE D 161 -8.35 5.37 43.20
N ALA D 162 -7.56 4.33 43.49
CA ALA D 162 -6.65 4.36 44.62
C ALA D 162 -5.60 5.46 44.46
N ILE D 163 -5.19 5.70 43.22
CA ILE D 163 -4.25 6.79 42.91
C ILE D 163 -4.92 8.13 43.21
N LEU D 164 -6.11 8.35 42.65
CA LEU D 164 -6.88 9.57 42.92
C LEU D 164 -7.07 9.79 44.43
N ASN D 165 -7.30 8.71 45.16
CA ASN D 165 -7.47 8.78 46.61
C ASN D 165 -6.14 8.84 47.39
N THR D 166 -5.03 8.86 46.68
CA THR D 166 -3.72 9.09 47.30
C THR D 166 -3.53 10.59 47.48
N HIS D 167 -3.07 10.97 48.67
CA HIS D 167 -2.89 12.38 49.03
C HIS D 167 -1.98 13.14 48.06
N GLY D 168 -2.52 14.23 47.52
CA GLY D 168 -1.78 15.09 46.59
C GLY D 168 -1.95 14.72 45.14
N CYS D 169 -2.73 13.66 44.89
CA CYS D 169 -2.86 13.09 43.55
C CYS D 169 -4.25 13.23 42.94
N ASN D 170 -5.18 13.84 43.67
CA ASN D 170 -6.54 13.97 43.18
C ASN D 170 -6.71 15.16 42.27
N ILE D 171 -6.65 14.93 40.97
CA ILE D 171 -6.74 15.99 39.97
C ILE D 171 -8.16 16.53 39.80
N PHE D 172 -9.15 15.83 40.34
CA PHE D 172 -10.54 16.28 40.28
C PHE D 172 -11.06 16.82 41.62
N ASP D 173 -10.16 17.10 42.56
CA ASP D 173 -10.57 17.50 43.92
C ASP D 173 -11.31 18.85 43.99
N HIS D 174 -11.28 19.59 42.88
CA HIS D 174 -11.94 20.88 42.76
C HIS D 174 -13.12 20.83 41.78
N PHE D 175 -13.35 19.65 41.20
CA PHE D 175 -14.48 19.42 40.31
C PHE D 175 -15.80 19.55 41.09
N SER D 176 -16.83 20.08 40.43
CA SER D 176 -18.17 20.06 41.00
C SER D 176 -18.55 18.62 41.32
N ARG D 177 -19.48 18.43 42.26
CA ARG D 177 -19.92 17.08 42.64
C ARG D 177 -20.48 16.35 41.43
N LYS D 178 -21.17 17.08 40.55
CA LYS D 178 -21.71 16.53 39.30
C LYS D 178 -20.58 16.05 38.37
N ASP D 179 -19.67 16.95 38.03
CA ASP D 179 -18.54 16.64 37.16
C ASP D 179 -17.67 15.51 37.71
N TYR D 180 -17.53 15.46 39.04
CA TYR D 180 -16.75 14.40 39.69
C TYR D 180 -17.33 13.01 39.45
N GLN D 181 -18.61 12.83 39.75
CA GLN D 181 -19.27 11.54 39.57
C GLN D 181 -19.29 11.14 38.10
N ARG D 182 -19.57 12.10 37.23
CA ARG D 182 -19.54 11.88 35.79
C ARG D 182 -18.20 11.28 35.38
N MET D 183 -17.12 11.90 35.85
CA MET D 183 -15.74 11.50 35.54
C MET D 183 -15.43 10.08 36.01
N LEU D 184 -15.88 9.74 37.22
CA LEU D 184 -15.69 8.41 37.77
C LEU D 184 -16.49 7.35 37.03
N ASP D 185 -17.72 7.68 36.67
CA ASP D 185 -18.55 6.80 35.84
C ASP D 185 -17.90 6.59 34.47
N LEU D 186 -17.45 7.68 33.86
CA LEU D 186 -16.86 7.64 32.53
C LEU D 186 -15.59 6.78 32.47
N MET D 187 -14.68 7.01 33.40
CA MET D 187 -13.44 6.23 33.47
C MET D 187 -13.71 4.73 33.61
N ARG D 188 -14.69 4.39 34.45
CA ARG D 188 -15.09 3.00 34.66
C ARG D 188 -15.61 2.36 33.38
N ASP D 189 -16.61 2.98 32.76
CA ASP D 189 -17.16 2.51 31.48
C ASP D 189 -16.08 2.39 30.40
N ILE D 190 -15.22 3.40 30.31
CA ILE D 190 -14.18 3.43 29.29
C ILE D 190 -13.15 2.32 29.52
N ILE D 191 -12.69 2.20 30.76
CA ILE D 191 -11.72 1.16 31.11
C ILE D 191 -12.28 -0.26 30.91
N LEU D 192 -13.56 -0.44 31.20
CA LEU D 192 -14.19 -1.75 31.01
C LEU D 192 -14.36 -2.11 29.54
N ALA D 193 -14.38 -1.09 28.68
CA ALA D 193 -14.48 -1.30 27.24
C ALA D 193 -13.19 -1.87 26.64
N THR D 194 -12.10 -1.86 27.41
CA THR D 194 -10.83 -2.45 26.95
C THR D 194 -10.82 -3.99 27.01
N ASP D 195 -11.83 -4.57 27.63
CA ASP D 195 -11.99 -6.03 27.62
C ASP D 195 -12.51 -6.43 26.25
N LEU D 196 -11.77 -7.30 25.56
CA LEU D 196 -12.19 -7.80 24.26
C LEU D 196 -13.62 -8.35 24.27
N ALA D 197 -13.98 -9.05 25.35
CA ALA D 197 -15.33 -9.57 25.53
C ALA D 197 -16.40 -8.48 25.43
N HIS D 198 -16.13 -7.34 26.07
CA HIS D 198 -17.05 -6.21 26.05
C HIS D 198 -17.24 -5.73 24.62
N HIS D 199 -16.13 -5.49 23.92
CA HIS D 199 -16.15 -5.03 22.54
C HIS D 199 -16.96 -5.96 21.64
N LEU D 200 -16.78 -7.27 21.80
CA LEU D 200 -17.48 -8.25 20.98
C LEU D 200 -19.00 -8.23 21.22
N ARG D 201 -19.40 -7.93 22.46
CA ARG D 201 -20.82 -7.83 22.80
C ARG D 201 -21.50 -6.60 22.21
N ILE D 202 -20.78 -5.48 22.16
CA ILE D 202 -21.34 -4.22 21.69
C ILE D 202 -21.15 -4.02 20.19
N PHE D 203 -20.53 -5.01 19.54
CA PHE D 203 -20.11 -4.90 18.15
C PHE D 203 -21.25 -4.60 17.16
N LYS D 204 -22.38 -5.31 17.28
CA LYS D 204 -23.56 -5.07 16.44
C LYS D 204 -24.05 -3.63 16.58
N ASP D 205 -24.10 -3.14 17.82
CA ASP D 205 -24.44 -1.74 18.10
C ASP D 205 -23.49 -0.75 17.43
N LEU D 206 -22.20 -1.05 17.45
CA LEU D 206 -21.19 -0.20 16.82
C LEU D 206 -21.38 -0.17 15.30
N GLN D 207 -21.66 -1.33 14.72
CA GLN D 207 -21.95 -1.44 13.29
C GLN D 207 -23.15 -0.60 12.88
N LYS D 208 -24.23 -0.73 13.66
CA LYS D 208 -25.44 0.08 13.45
C LYS D 208 -25.10 1.57 13.44
N MET D 209 -24.48 2.05 14.52
CA MET D 209 -24.11 3.46 14.65
C MET D 209 -23.24 3.94 13.49
N ALA D 210 -22.26 3.13 13.08
CA ALA D 210 -21.39 3.45 11.96
C ALA D 210 -22.18 3.62 10.67
N GLU D 211 -23.17 2.75 10.46
CA GLU D 211 -24.02 2.82 9.27
C GLU D 211 -24.97 4.02 9.26
N VAL D 212 -25.68 4.23 10.37
CA VAL D 212 -26.66 5.33 10.44
C VAL D 212 -26.02 6.70 10.67
N GLY D 213 -24.74 6.70 11.03
CA GLY D 213 -24.01 7.94 11.32
C GLY D 213 -24.08 8.32 12.78
N TYR D 214 -23.00 8.92 13.27
CA TYR D 214 -22.94 9.41 14.64
C TYR D 214 -23.92 10.56 14.85
N ASP D 215 -24.72 10.46 15.91
CA ASP D 215 -25.67 11.48 16.28
C ASP D 215 -25.21 12.10 17.61
N ARG D 216 -24.78 13.36 17.53
CA ARG D 216 -24.26 14.07 18.70
C ARG D 216 -25.31 14.27 19.80
N ASN D 217 -26.58 14.22 19.43
CA ASN D 217 -27.69 14.37 20.37
C ASN D 217 -28.13 13.04 21.00
N ASN D 218 -27.51 11.95 20.55
CA ASN D 218 -27.82 10.62 21.06
C ASN D 218 -26.81 10.22 22.13
N LYS D 219 -27.31 10.10 23.37
CA LYS D 219 -26.46 9.73 24.52
C LYS D 219 -25.82 8.35 24.39
N GLN D 220 -26.58 7.38 23.87
CA GLN D 220 -26.05 6.04 23.60
C GLN D 220 -24.89 6.07 22.59
N HIS D 221 -24.97 6.97 21.62
CA HIS D 221 -23.89 7.13 20.63
C HIS D 221 -22.61 7.66 21.28
N HIS D 222 -22.75 8.59 22.22
CA HIS D 222 -21.64 9.06 23.04
C HIS D 222 -20.94 7.89 23.74
N ARG D 223 -21.73 7.00 24.35
CA ARG D 223 -21.20 5.83 25.04
C ARG D 223 -20.47 4.88 24.09
N LEU D 224 -21.08 4.60 22.93
CA LEU D 224 -20.52 3.68 21.95
C LEU D 224 -19.25 4.22 21.31
N LEU D 225 -19.25 5.51 20.97
CA LEU D 225 -18.08 6.14 20.38
C LEU D 225 -16.87 6.00 21.30
N LEU D 226 -17.04 6.41 22.57
CA LEU D 226 -15.96 6.33 23.56
C LEU D 226 -15.37 4.93 23.63
N CYS D 227 -16.23 3.91 23.71
CA CYS D 227 -15.81 2.51 23.66
C CYS D 227 -14.94 2.19 22.45
N LEU D 228 -15.44 2.53 21.25
CA LEU D 228 -14.72 2.28 20.01
C LEU D 228 -13.38 3.02 19.99
N LEU D 229 -13.39 4.27 20.47
CA LEU D 229 -12.19 5.09 20.52
C LEU D 229 -11.15 4.50 21.47
N MET D 230 -11.60 3.97 22.60
CA MET D 230 -10.72 3.34 23.57
C MET D 230 -10.03 2.11 22.97
N THR D 231 -10.81 1.26 22.30
CA THR D 231 -10.26 0.06 21.66
C THR D 231 -9.32 0.42 20.50
N SER D 232 -9.65 1.50 19.78
CA SER D 232 -8.75 2.05 18.75
C SER D 232 -7.40 2.43 19.33
N CYS D 233 -7.41 3.09 20.49
CA CYS D 233 -6.19 3.47 21.18
C CYS D 233 -5.41 2.25 21.64
N ASP D 234 -6.14 1.28 22.21
CA ASP D 234 -5.53 0.07 22.76
C ASP D 234 -4.76 -0.72 21.69
N LEU D 235 -5.31 -0.79 20.48
CA LEU D 235 -4.73 -1.60 19.43
C LEU D 235 -3.89 -0.80 18.44
N SER D 236 -3.59 0.44 18.80
CA SER D 236 -2.96 1.41 17.90
C SER D 236 -1.57 1.03 17.35
N ASP D 237 -0.88 0.11 18.01
CA ASP D 237 0.45 -0.35 17.55
C ASP D 237 0.37 -1.02 16.17
N GLN D 238 -0.85 -1.29 15.72
CA GLN D 238 -1.09 -1.96 14.45
C GLN D 238 -1.29 -0.95 13.32
N THR D 239 -1.33 0.33 13.68
CA THR D 239 -1.60 1.41 12.74
C THR D 239 -0.33 2.14 12.31
N LYS D 240 0.81 1.68 12.82
CA LYS D 240 2.09 2.31 12.52
C LYS D 240 2.77 1.52 11.41
N GLY D 241 4.10 1.60 11.34
CA GLY D 241 4.86 0.93 10.28
C GLY D 241 5.08 -0.55 10.56
N TRP D 242 5.87 -1.19 9.70
CA TRP D 242 6.18 -2.60 9.85
C TRP D 242 7.00 -2.85 11.11
N LYS D 243 8.01 -2.01 11.32
CA LYS D 243 8.91 -2.13 12.47
C LYS D 243 8.15 -2.19 13.80
N THR D 244 7.16 -1.31 13.95
CA THR D 244 6.35 -1.27 15.17
C THR D 244 5.50 -2.54 15.36
N THR D 245 4.74 -2.93 14.33
CA THR D 245 3.88 -4.12 14.44
C THR D 245 4.66 -5.42 14.71
N ARG D 246 5.86 -5.50 14.14
CA ARG D 246 6.76 -6.63 14.33
C ARG D 246 7.35 -6.65 15.75
N LYS D 247 7.86 -5.50 16.20
CA LYS D 247 8.44 -5.38 17.54
C LYS D 247 7.39 -5.63 18.62
N ILE D 248 6.19 -5.10 18.42
CA ILE D 248 5.06 -5.31 19.31
C ILE D 248 4.65 -6.79 19.36
N ALA D 249 4.71 -7.45 18.22
CA ALA D 249 4.46 -8.89 18.17
C ALA D 249 5.46 -9.65 19.06
N GLU D 250 6.73 -9.26 19.04
CA GLU D 250 7.75 -9.85 19.90
C GLU D 250 7.34 -9.78 21.37
N LEU D 251 6.88 -8.61 21.79
CA LEU D 251 6.52 -8.36 23.19
C LEU D 251 5.22 -9.05 23.61
N ILE D 252 4.22 -9.00 22.73
CA ILE D 252 2.93 -9.64 23.00
C ILE D 252 3.07 -11.16 23.09
N TYR D 253 3.80 -11.76 22.15
CA TYR D 253 3.98 -13.21 22.14
C TYR D 253 4.83 -13.73 23.29
N LYS D 254 5.88 -12.97 23.65
CA LYS D 254 6.70 -13.29 24.80
C LYS D 254 5.83 -13.35 26.06
N GLU D 255 4.97 -12.35 26.23
CA GLU D 255 4.03 -12.31 27.33
C GLU D 255 3.08 -13.51 27.28
N PHE D 256 2.53 -13.76 26.09
CA PHE D 256 1.58 -14.85 25.85
C PHE D 256 2.18 -16.22 26.18
N PHE D 257 3.42 -16.45 25.76
CA PHE D 257 4.10 -17.73 26.00
C PHE D 257 4.58 -17.90 27.43
N SER D 258 4.86 -16.78 28.12
CA SER D 258 5.16 -16.81 29.55
C SER D 258 3.96 -17.34 30.34
N GLN D 259 2.78 -16.79 30.04
CA GLN D 259 1.54 -17.23 30.67
C GLN D 259 1.27 -18.71 30.36
N GLY D 260 1.47 -19.11 29.11
CA GLY D 260 1.32 -20.50 28.69
C GLY D 260 2.22 -21.48 29.44
N ASP D 261 3.45 -21.05 29.73
CA ASP D 261 4.39 -21.85 30.51
C ASP D 261 3.81 -22.09 31.92
N LEU D 262 3.34 -21.01 32.54
CA LEU D 262 2.70 -21.09 33.85
C LEU D 262 1.47 -21.98 33.86
N GLU D 263 0.71 -21.97 32.76
CA GLU D 263 -0.50 -22.80 32.65
C GLU D 263 -0.16 -24.29 32.57
N LYS D 264 0.89 -24.62 31.81
CA LYS D 264 1.40 -25.99 31.71
C LYS D 264 1.95 -26.50 33.04
N ALA D 265 2.62 -25.60 33.77
CA ALA D 265 3.22 -25.92 35.07
C ALA D 265 2.17 -26.25 36.14
N MET D 266 1.00 -25.63 36.04
CA MET D 266 -0.06 -25.84 37.02
C MET D 266 -1.08 -26.93 36.63
N GLY D 267 -0.93 -27.46 35.41
CA GLY D 267 -1.72 -28.61 34.97
C GLY D 267 -2.76 -28.35 33.91
N ASN D 268 -2.78 -27.13 33.37
CA ASN D 268 -3.71 -26.78 32.30
C ASN D 268 -3.06 -26.82 30.92
N ARG D 269 -3.89 -27.02 29.90
CA ARG D 269 -3.47 -26.87 28.51
C ARG D 269 -3.93 -25.49 28.03
N PRO D 270 -2.95 -24.60 27.72
CA PRO D 270 -3.28 -23.22 27.39
C PRO D 270 -3.86 -23.08 25.99
N MET D 271 -4.40 -21.89 25.70
CA MET D 271 -4.77 -21.53 24.33
C MET D 271 -3.59 -21.73 23.39
N GLU D 272 -3.90 -22.02 22.13
CA GLU D 272 -2.89 -22.19 21.09
C GLU D 272 -1.95 -20.99 21.01
N MET D 273 -2.48 -19.78 21.17
CA MET D 273 -1.66 -18.56 21.10
C MET D 273 -0.78 -18.35 22.33
N MET D 274 -1.07 -19.09 23.39
CA MET D 274 -0.29 -19.03 24.64
C MET D 274 0.78 -20.12 24.67
N ASP D 275 0.66 -21.09 23.75
CA ASP D 275 1.52 -22.27 23.74
C ASP D 275 2.67 -22.12 22.74
N ARG D 276 3.87 -21.87 23.26
CA ARG D 276 5.06 -21.68 22.42
C ARG D 276 5.44 -22.88 21.54
N GLU D 277 4.74 -24.00 21.73
CA GLU D 277 5.01 -25.23 20.98
C GLU D 277 4.01 -25.47 19.84
N LYS D 278 2.84 -24.85 19.94
CA LYS D 278 1.78 -25.02 18.93
C LYS D 278 1.41 -23.72 18.22
N ALA D 279 1.84 -22.58 18.77
CA ALA D 279 1.53 -21.27 18.22
C ALA D 279 2.30 -20.99 16.93
N TYR D 280 1.56 -20.83 15.84
CA TYR D 280 2.13 -20.39 14.58
C TYR D 280 1.82 -18.91 14.47
N ILE D 281 2.83 -18.08 14.76
CA ILE D 281 2.69 -16.62 14.84
C ILE D 281 2.03 -15.97 13.62
N PRO D 282 2.49 -16.30 12.39
CA PRO D 282 1.84 -15.71 11.21
C PRO D 282 0.33 -15.89 11.24
N GLU D 283 -0.11 -17.14 11.39
CA GLU D 283 -1.53 -17.49 11.40
C GLU D 283 -2.31 -16.71 12.47
N LEU D 284 -1.75 -16.64 13.67
CA LEU D 284 -2.40 -15.98 14.80
C LEU D 284 -2.44 -14.45 14.65
N GLN D 285 -1.34 -13.89 14.17
CA GLN D 285 -1.27 -12.45 13.86
C GLN D 285 -2.33 -12.07 12.85
N ILE D 286 -2.31 -12.75 11.71
CA ILE D 286 -3.26 -12.49 10.62
C ILE D 286 -4.71 -12.59 11.08
N SER D 287 -5.01 -13.63 11.86
CA SER D 287 -6.36 -13.84 12.38
C SER D 287 -6.80 -12.69 13.29
N PHE D 288 -5.87 -12.25 14.16
CA PHE D 288 -6.15 -11.10 15.02
C PHE D 288 -6.37 -9.83 14.19
N MET D 289 -5.48 -9.60 13.23
CA MET D 289 -5.57 -8.41 12.37
C MET D 289 -6.92 -8.35 11.66
N GLU D 290 -7.29 -9.43 10.98
CA GLU D 290 -8.47 -9.47 10.13
C GLU D 290 -9.80 -9.46 10.87
N HIS D 291 -9.86 -10.08 12.05
CA HIS D 291 -11.12 -10.30 12.75
C HIS D 291 -11.34 -9.41 13.97
N ILE D 292 -10.27 -8.80 14.46
CA ILE D 292 -10.38 -7.91 15.62
C ILE D 292 -9.90 -6.50 15.30
N ALA D 293 -8.64 -6.38 14.88
CA ALA D 293 -8.03 -5.10 14.59
C ALA D 293 -8.75 -4.36 13.46
N MET D 294 -8.74 -4.96 12.27
CA MET D 294 -9.27 -4.33 11.06
C MET D 294 -10.71 -3.84 11.14
N PRO D 295 -11.65 -4.65 11.68
CA PRO D 295 -13.04 -4.18 11.80
C PRO D 295 -13.19 -2.92 12.67
N ILE D 296 -12.41 -2.84 13.75
CA ILE D 296 -12.37 -1.65 14.61
C ILE D 296 -12.01 -0.40 13.80
N TYR D 297 -10.91 -0.49 13.05
CA TYR D 297 -10.46 0.65 12.26
C TYR D 297 -11.33 0.89 11.03
N LYS D 298 -12.07 -0.13 10.61
CA LYS D 298 -13.07 0.00 9.56
C LYS D 298 -14.28 0.79 10.07
N LEU D 299 -14.70 0.50 11.29
CA LEU D 299 -15.78 1.26 11.93
C LEU D 299 -15.37 2.72 12.12
N LEU D 300 -14.13 2.92 12.56
CA LEU D 300 -13.59 4.26 12.80
C LEU D 300 -13.56 5.09 11.52
N GLN D 301 -13.10 4.46 10.44
CA GLN D 301 -13.12 5.06 9.10
C GLN D 301 -14.54 5.47 8.68
N ASP D 302 -15.50 4.58 8.91
CA ASP D 302 -16.90 4.80 8.54
C ASP D 302 -17.53 5.98 9.29
N LEU D 303 -17.04 6.23 10.49
CA LEU D 303 -17.51 7.36 11.31
C LEU D 303 -16.68 8.62 11.07
N PHE D 304 -15.39 8.43 10.83
CA PHE D 304 -14.46 9.54 10.59
C PHE D 304 -13.65 9.24 9.33
N PRO D 305 -14.00 9.87 8.20
CA PRO D 305 -13.29 9.68 6.94
C PRO D 305 -11.78 10.00 7.03
N LYS D 306 -11.40 10.90 7.93
CA LYS D 306 -9.98 11.24 8.13
C LYS D 306 -9.17 10.11 8.78
N ALA D 307 -9.86 9.09 9.32
CA ALA D 307 -9.22 7.94 9.94
C ALA D 307 -8.91 6.83 8.93
N ALA D 308 -9.30 7.03 7.67
CA ALA D 308 -9.13 6.04 6.62
C ALA D 308 -7.69 5.54 6.46
N GLU D 309 -6.71 6.41 6.73
CA GLU D 309 -5.30 6.05 6.64
C GLU D 309 -4.89 4.99 7.67
N LEU D 310 -5.56 5.01 8.82
CA LEU D 310 -5.28 4.07 9.91
C LEU D 310 -5.67 2.66 9.53
N TYR D 311 -6.89 2.52 9.00
CA TYR D 311 -7.38 1.23 8.51
C TYR D 311 -6.48 0.68 7.41
N GLU D 312 -6.04 1.58 6.52
CA GLU D 312 -5.16 1.21 5.41
C GLU D 312 -3.81 0.70 5.91
N ARG D 313 -3.30 1.30 6.99
CA ARG D 313 -2.04 0.86 7.58
C ARG D 313 -2.16 -0.50 8.27
N VAL D 314 -3.29 -0.75 8.93
CA VAL D 314 -3.55 -2.05 9.55
C VAL D 314 -3.65 -3.16 8.48
N ALA D 315 -4.43 -2.89 7.44
CA ALA D 315 -4.56 -3.83 6.31
C ALA D 315 -3.22 -4.15 5.65
N SER D 316 -2.39 -3.14 5.45
CA SER D 316 -1.08 -3.33 4.81
C SER D 316 -0.10 -4.07 5.72
N ASN D 317 -0.15 -3.76 7.02
CA ASN D 317 0.60 -4.52 8.02
C ASN D 317 0.18 -6.00 8.01
N ARG D 318 -1.11 -6.25 7.83
CA ARG D 318 -1.63 -7.61 7.72
C ARG D 318 -1.09 -8.33 6.48
N GLU D 319 -0.99 -7.61 5.36
CA GLU D 319 -0.43 -8.19 4.14
C GLU D 319 1.06 -8.45 4.29
N HIS D 320 1.74 -7.61 5.06
CA HIS D 320 3.17 -7.80 5.34
C HIS D 320 3.39 -9.10 6.14
N TRP D 321 2.46 -9.42 7.04
CA TRP D 321 2.51 -10.68 7.79
C TRP D 321 2.34 -11.88 6.87
N THR D 322 1.45 -11.76 5.88
CA THR D 322 1.29 -12.77 4.84
C THR D 322 2.58 -12.89 4.03
N LYS D 323 3.14 -11.74 3.66
CA LYS D 323 4.37 -11.64 2.87
C LYS D 323 5.55 -12.40 3.49
N VAL D 324 5.68 -12.36 4.82
CA VAL D 324 6.84 -12.97 5.50
C VAL D 324 6.54 -14.30 6.18
N SER D 325 5.34 -14.83 5.98
CA SER D 325 4.94 -16.13 6.53
C SER D 325 5.93 -17.26 6.25
N HIS D 326 6.52 -17.24 5.05
CA HIS D 326 7.42 -18.30 4.58
C HIS D 326 8.69 -18.42 5.41
N LYS D 327 9.11 -17.31 6.02
CA LYS D 327 10.34 -17.28 6.82
C LYS D 327 10.23 -18.07 8.13
N PHE D 328 9.02 -18.49 8.47
CA PHE D 328 8.78 -19.34 9.63
C PHE D 328 9.01 -20.81 9.32
N THR D 329 9.37 -21.11 8.08
CA THR D 329 9.80 -22.45 7.70
C THR D 329 11.31 -22.55 7.90
N ILE D 330 11.73 -23.49 8.73
CA ILE D 330 13.14 -23.75 8.98
C ILE D 330 13.79 -24.31 7.72
N ARG D 331 14.64 -23.50 7.10
CA ARG D 331 15.41 -23.92 5.93
C ARG D 331 16.84 -24.14 6.36
N GLY D 332 17.45 -25.21 5.87
CA GLY D 332 18.73 -25.69 6.38
C GLY D 332 18.53 -26.29 7.76
N LEU D 333 19.53 -26.13 8.62
CA LEU D 333 19.45 -26.59 10.00
C LEU D 333 18.93 -25.47 10.90
N PRO D 334 18.46 -25.81 12.13
CA PRO D 334 18.16 -24.76 13.09
C PRO D 334 19.39 -23.93 13.44
N SER D 335 19.16 -22.75 14.01
CA SER D 335 20.23 -21.87 14.50
C SER D 335 21.13 -22.64 15.46
N ASN D 336 20.52 -23.60 16.16
CA ASN D 336 21.18 -24.53 17.08
C ASN D 336 22.23 -25.44 16.42
N ASN D 337 22.13 -25.62 15.10
CA ASN D 337 22.95 -26.58 14.35
C ASN D 337 22.74 -28.02 14.78
N SER D 338 21.53 -28.32 15.25
CA SER D 338 21.20 -29.63 15.77
C SER D 338 19.78 -30.02 15.39
N LEU D 339 19.58 -31.30 15.12
CA LEU D 339 18.24 -31.84 14.90
C LEU D 339 17.76 -32.63 16.10
N ASP D 340 18.38 -32.37 17.26
CA ASP D 340 18.03 -33.05 18.51
C ASP D 340 16.56 -32.83 18.90
N PHE D 341 15.98 -31.74 18.40
CA PHE D 341 14.59 -31.40 18.69
C PHE D 341 13.57 -32.29 17.98
N LEU D 342 14.05 -33.13 17.06
CA LEU D 342 13.20 -34.08 16.34
C LEU D 342 12.73 -35.24 17.22
N ASP D 343 13.50 -35.55 18.25
CA ASP D 343 13.18 -36.63 19.18
C ASP D 343 11.99 -36.27 20.08
N ILE E 16 -25.71 39.08 -0.45
CA ILE E 16 -26.49 38.12 -1.28
C ILE E 16 -26.22 38.34 -2.76
N GLN E 17 -25.65 37.32 -3.39
CA GLN E 17 -25.25 37.37 -4.80
C GLN E 17 -26.46 37.20 -5.71
N PRO E 18 -26.55 38.01 -6.78
CA PRO E 18 -27.60 37.81 -7.78
C PRO E 18 -27.43 36.47 -8.52
N VAL E 19 -28.55 35.86 -8.89
CA VAL E 19 -28.58 34.52 -9.49
C VAL E 19 -27.69 34.35 -10.73
N ALA E 20 -27.70 35.34 -11.61
CA ALA E 20 -26.89 35.32 -12.83
C ALA E 20 -25.39 35.22 -12.57
N ALA E 21 -24.94 35.75 -11.43
CA ALA E 21 -23.54 35.73 -11.04
C ALA E 21 -23.06 34.34 -10.61
N ILE E 22 -23.98 33.48 -10.22
CA ILE E 22 -23.66 32.09 -9.87
C ILE E 22 -23.39 31.30 -11.14
N ASP E 23 -24.33 31.39 -12.08
CA ASP E 23 -24.23 30.75 -13.39
C ASP E 23 -25.27 31.37 -14.31
N SER E 24 -24.91 31.51 -15.58
CA SER E 24 -25.80 32.09 -16.59
C SER E 24 -27.00 31.18 -16.88
N ASN E 25 -26.85 29.89 -16.56
CA ASN E 25 -27.89 28.89 -16.81
C ASN E 25 -28.58 28.42 -15.52
N PHE E 26 -28.35 29.15 -14.44
CA PHE E 26 -28.82 28.76 -13.09
C PHE E 26 -30.34 28.59 -12.99
N ALA E 27 -31.09 29.38 -13.76
CA ALA E 27 -32.55 29.34 -13.72
C ALA E 27 -33.15 28.43 -14.78
N SER E 28 -32.30 27.64 -15.44
CA SER E 28 -32.72 26.75 -16.52
C SER E 28 -32.89 25.30 -16.06
N PHE E 29 -33.82 24.59 -16.71
CA PHE E 29 -34.07 23.17 -16.44
C PHE E 29 -32.89 22.26 -16.78
N THR E 30 -32.00 22.75 -17.65
CA THR E 30 -30.82 21.99 -18.05
C THR E 30 -29.70 22.07 -17.01
N TYR E 31 -29.83 22.99 -16.06
CA TYR E 31 -28.80 23.18 -15.03
C TYR E 31 -28.82 22.05 -14.01
N THR E 32 -27.63 21.54 -13.70
CA THR E 32 -27.44 20.46 -12.73
C THR E 32 -26.85 21.04 -11.44
N PRO E 33 -27.71 21.30 -10.42
CA PRO E 33 -27.29 21.95 -9.18
C PRO E 33 -26.21 21.20 -8.40
N ARG E 34 -25.99 19.93 -8.74
CA ARG E 34 -24.93 19.15 -8.12
C ARG E 34 -23.53 19.50 -8.65
N SER E 35 -23.50 20.23 -9.77
CA SER E 35 -22.25 20.76 -10.32
C SER E 35 -21.71 21.93 -9.49
N LEU E 36 -22.60 22.55 -8.70
CA LEU E 36 -22.21 23.67 -7.85
C LEU E 36 -21.58 23.17 -6.56
N PRO E 37 -20.33 23.60 -6.28
CA PRO E 37 -19.56 23.19 -5.10
C PRO E 37 -20.36 23.32 -3.81
N GLU E 38 -20.24 22.33 -2.93
CA GLU E 38 -21.03 22.27 -1.70
C GLU E 38 -20.84 23.52 -0.81
N ASP E 39 -19.67 24.15 -0.91
CA ASP E 39 -19.35 25.37 -0.17
C ASP E 39 -20.13 26.60 -0.65
N ASP E 40 -20.68 26.53 -1.85
CA ASP E 40 -21.42 27.64 -2.42
C ASP E 40 -22.94 27.46 -2.32
N THR E 41 -23.38 26.34 -1.76
CA THR E 41 -24.79 25.96 -1.75
C THR E 41 -25.65 26.80 -0.81
N SER E 42 -25.14 27.06 0.40
CA SER E 42 -25.82 27.91 1.36
C SER E 42 -26.08 29.30 0.78
N MET E 43 -25.04 29.86 0.17
CA MET E 43 -25.11 31.17 -0.47
C MET E 43 -26.15 31.14 -1.61
N ALA E 44 -26.16 30.04 -2.35
CA ALA E 44 -27.11 29.87 -3.46
C ALA E 44 -28.56 29.81 -3.00
N ILE E 45 -28.80 29.27 -1.81
CA ILE E 45 -30.14 29.22 -1.22
C ILE E 45 -30.67 30.63 -1.00
N LEU E 46 -29.82 31.51 -0.46
CA LEU E 46 -30.18 32.89 -0.19
C LEU E 46 -30.45 33.65 -1.48
N SER E 47 -29.67 33.34 -2.52
CA SER E 47 -29.84 33.95 -3.83
C SER E 47 -31.19 33.60 -4.45
N MET E 48 -31.59 32.33 -4.34
CA MET E 48 -32.87 31.88 -4.89
C MET E 48 -34.04 32.53 -4.16
N LEU E 49 -33.95 32.57 -2.84
CA LEU E 49 -34.96 33.24 -2.01
C LEU E 49 -35.06 34.72 -2.30
N GLN E 50 -33.91 35.34 -2.60
CA GLN E 50 -33.84 36.73 -3.01
C GLN E 50 -34.53 36.93 -4.36
N ASP E 51 -34.21 36.04 -5.30
CA ASP E 51 -34.74 36.13 -6.65
C ASP E 51 -36.26 35.92 -6.70
N MET E 52 -36.78 35.08 -5.81
CA MET E 52 -38.23 34.87 -5.70
C MET E 52 -38.88 35.98 -4.89
N ASN E 53 -38.04 36.84 -4.32
CA ASN E 53 -38.44 38.01 -3.53
C ASN E 53 -39.11 37.70 -2.17
N PHE E 54 -38.88 36.51 -1.65
CA PHE E 54 -39.51 36.12 -0.37
C PHE E 54 -38.93 36.86 0.83
N ILE E 55 -37.66 37.25 0.74
CA ILE E 55 -37.01 38.03 1.80
C ILE E 55 -37.73 39.37 2.04
N ASN E 56 -37.90 40.16 0.98
CA ASN E 56 -38.64 41.43 1.05
C ASN E 56 -40.14 41.25 1.30
N ASN E 57 -40.73 40.24 0.68
CA ASN E 57 -42.15 39.91 0.83
C ASN E 57 -42.53 39.65 2.30
N TYR E 58 -41.75 38.78 2.95
CA TYR E 58 -42.05 38.35 4.31
C TYR E 58 -41.18 38.97 5.38
N LYS E 59 -40.43 40.01 5.00
CA LYS E 59 -39.56 40.76 5.91
C LYS E 59 -38.68 39.83 6.74
N ILE E 60 -38.11 38.84 6.06
CA ILE E 60 -37.22 37.87 6.69
C ILE E 60 -35.92 38.55 7.10
N ASP E 61 -35.53 38.34 8.36
CA ASP E 61 -34.26 38.82 8.87
C ASP E 61 -33.13 37.99 8.25
N CYS E 62 -32.27 38.64 7.48
CA CYS E 62 -31.17 37.96 6.78
C CYS E 62 -30.23 37.14 7.68
N PRO E 63 -29.76 37.73 8.81
CA PRO E 63 -28.89 36.93 9.68
C PRO E 63 -29.57 35.68 10.22
N THR E 64 -30.85 35.81 10.57
CA THR E 64 -31.68 34.67 10.98
C THR E 64 -31.75 33.63 9.85
N LEU E 65 -32.01 34.10 8.63
CA LEU E 65 -32.08 33.23 7.46
C LEU E 65 -30.75 32.53 7.19
N ALA E 66 -29.66 33.30 7.29
CA ALA E 66 -28.31 32.74 7.17
C ALA E 66 -28.08 31.61 8.18
N ARG E 67 -28.42 31.86 9.44
CA ARG E 67 -28.25 30.87 10.50
C ARG E 67 -29.16 29.65 10.34
N PHE E 68 -30.39 29.90 9.87
CA PHE E 68 -31.36 28.84 9.62
C PHE E 68 -30.86 27.90 8.53
N CYS E 69 -30.36 28.47 7.43
CA CYS E 69 -29.83 27.70 6.32
C CYS E 69 -28.67 26.80 6.73
N LEU E 70 -27.80 27.31 7.59
CA LEU E 70 -26.64 26.56 8.05
C LEU E 70 -27.05 25.44 9.02
N MET E 71 -28.06 25.70 9.85
CA MET E 71 -28.60 24.67 10.74
C MET E 71 -29.25 23.53 9.96
N VAL E 72 -29.95 23.87 8.88
CA VAL E 72 -30.57 22.89 8.01
C VAL E 72 -29.50 22.04 7.31
N LYS E 73 -28.54 22.72 6.68
CA LYS E 73 -27.39 22.08 6.04
C LYS E 73 -26.69 21.12 6.99
N LYS E 74 -26.46 21.58 8.22
CA LYS E 74 -25.83 20.78 9.27
C LYS E 74 -26.74 19.66 9.76
N GLY E 75 -28.05 19.82 9.58
CA GLY E 75 -29.04 18.85 10.07
C GLY E 75 -29.15 17.61 9.20
N TYR E 76 -28.41 17.57 8.10
CA TYR E 76 -28.32 16.39 7.27
C TYR E 76 -27.08 15.57 7.62
N ARG E 77 -27.27 14.26 7.73
CA ARG E 77 -26.16 13.33 7.92
C ARG E 77 -25.45 13.11 6.58
N ASP E 78 -24.56 12.13 6.49
CA ASP E 78 -23.83 11.91 5.24
C ASP E 78 -23.99 10.51 4.62
N PRO E 79 -25.24 10.03 4.45
CA PRO E 79 -25.40 8.81 3.66
C PRO E 79 -25.10 9.10 2.18
N PRO E 80 -25.00 8.05 1.34
CA PRO E 80 -24.61 8.26 -0.06
C PRO E 80 -25.56 9.17 -0.83
N TYR E 81 -26.86 9.03 -0.60
CA TYR E 81 -27.85 9.84 -1.33
C TYR E 81 -28.51 10.93 -0.49
N HIS E 82 -29.09 10.55 0.64
CA HIS E 82 -29.89 11.49 1.45
C HIS E 82 -29.06 12.44 2.33
N ASN E 83 -28.26 13.25 1.66
CA ASN E 83 -27.41 14.24 2.31
C ASN E 83 -27.79 15.64 1.83
N TRP E 84 -27.11 16.65 2.36
CA TRP E 84 -27.41 18.04 2.02
C TRP E 84 -27.57 18.28 0.53
N MET E 85 -26.70 17.69 -0.28
CA MET E 85 -26.70 17.92 -1.72
C MET E 85 -28.01 17.50 -2.38
N HIS E 86 -28.62 16.43 -1.86
CA HIS E 86 -29.96 16.03 -2.29
C HIS E 86 -30.96 17.15 -2.01
N ALA E 87 -31.02 17.59 -0.75
CA ALA E 87 -31.91 18.67 -0.32
C ALA E 87 -31.70 19.95 -1.11
N PHE E 88 -30.43 20.27 -1.37
CA PHE E 88 -30.10 21.46 -2.14
C PHE E 88 -30.62 21.36 -3.56
N SER E 89 -30.35 20.23 -4.22
CA SER E 89 -30.82 20.00 -5.59
C SER E 89 -32.34 20.00 -5.69
N VAL E 90 -33.01 19.44 -4.68
CA VAL E 90 -34.47 19.45 -4.58
C VAL E 90 -34.97 20.89 -4.47
N SER E 91 -34.41 21.65 -3.53
CA SER E 91 -34.72 23.08 -3.37
C SER E 91 -34.47 23.87 -4.64
N HIS E 92 -33.37 23.56 -5.33
CA HIS E 92 -33.06 24.23 -6.59
C HIS E 92 -34.12 23.99 -7.65
N PHE E 93 -34.65 22.77 -7.69
CA PHE E 93 -35.71 22.43 -8.64
C PHE E 93 -37.02 23.16 -8.34
N CYS E 94 -37.32 23.36 -7.06
CA CYS E 94 -38.48 24.15 -6.66
C CYS E 94 -38.38 25.58 -7.19
N TYR E 95 -37.17 26.12 -7.17
CA TYR E 95 -36.88 27.44 -7.73
C TYR E 95 -37.11 27.45 -9.24
N LEU E 96 -36.70 26.37 -9.91
CA LEU E 96 -36.90 26.23 -11.35
C LEU E 96 -38.37 26.18 -11.71
N LEU E 97 -39.16 25.51 -10.89
CA LEU E 97 -40.60 25.45 -11.10
C LEU E 97 -41.19 26.85 -10.99
N TYR E 98 -40.76 27.59 -9.98
CA TYR E 98 -41.17 28.97 -9.79
C TYR E 98 -40.79 29.83 -11.01
N LYS E 99 -39.53 29.71 -11.43
CA LYS E 99 -38.98 30.56 -12.50
C LYS E 99 -39.48 30.21 -13.90
N ASN E 100 -39.88 28.96 -14.10
CA ASN E 100 -40.21 28.46 -15.43
C ASN E 100 -41.70 28.23 -15.69
N LEU E 101 -42.45 27.87 -14.66
CA LEU E 101 -43.86 27.52 -14.82
C LEU E 101 -44.83 28.62 -14.39
N GLU E 102 -44.32 29.66 -13.74
CA GLU E 102 -45.15 30.74 -13.18
C GLU E 102 -46.22 30.17 -12.25
N LEU E 103 -45.76 29.74 -11.08
CA LEU E 103 -46.61 29.09 -10.08
C LEU E 103 -47.56 30.06 -9.39
N THR E 104 -47.28 31.36 -9.51
CA THR E 104 -48.11 32.40 -8.90
C THR E 104 -49.52 32.45 -9.52
N ASN E 105 -49.67 31.87 -10.70
CA ASN E 105 -50.98 31.70 -11.34
C ASN E 105 -51.83 30.64 -10.65
N TYR E 106 -51.19 29.77 -9.88
CA TYR E 106 -51.82 28.61 -9.27
C TYR E 106 -51.83 28.68 -7.75
N LEU E 107 -50.78 29.25 -7.18
CA LEU E 107 -50.57 29.20 -5.73
C LEU E 107 -50.36 30.56 -5.09
N GLU E 108 -50.76 30.67 -3.83
CA GLU E 108 -50.50 31.86 -3.03
C GLU E 108 -49.02 31.96 -2.70
N ASP E 109 -48.53 33.18 -2.51
CA ASP E 109 -47.11 33.41 -2.20
C ASP E 109 -46.65 32.58 -1.01
N ILE E 110 -47.48 32.51 0.04
CA ILE E 110 -47.13 31.74 1.23
C ILE E 110 -46.97 30.24 0.96
N GLU E 111 -47.74 29.74 -0.01
CA GLU E 111 -47.68 28.32 -0.37
C GLU E 111 -46.40 27.98 -1.10
N ILE E 112 -45.99 28.86 -2.01
CA ILE E 112 -44.75 28.69 -2.75
C ILE E 112 -43.55 28.85 -1.81
N PHE E 113 -43.64 29.79 -0.87
CA PHE E 113 -42.60 29.97 0.13
C PHE E 113 -42.45 28.72 0.98
N ALA E 114 -43.58 28.22 1.49
CA ALA E 114 -43.62 26.99 2.28
C ALA E 114 -43.02 25.80 1.53
N LEU E 115 -43.29 25.72 0.23
CA LEU E 115 -42.77 24.63 -0.59
C LEU E 115 -41.25 24.65 -0.64
N PHE E 116 -40.66 25.84 -0.81
CA PHE E 116 -39.21 25.96 -0.90
C PHE E 116 -38.51 25.57 0.41
N ILE E 117 -39.00 26.12 1.52
CA ILE E 117 -38.46 25.78 2.83
C ILE E 117 -38.63 24.28 3.10
N SER E 118 -39.78 23.72 2.74
CA SER E 118 -40.03 22.28 2.89
C SER E 118 -39.03 21.42 2.11
N CYS E 119 -38.69 21.85 0.89
CA CYS E 119 -37.67 21.17 0.09
C CYS E 119 -36.33 21.09 0.82
N MET E 120 -35.92 22.21 1.44
CA MET E 120 -34.69 22.28 2.22
C MET E 120 -34.71 21.30 3.38
N CYS E 121 -35.89 21.13 3.98
CA CYS E 121 -36.03 20.42 5.24
C CYS E 121 -36.54 18.99 5.10
N HIS E 122 -36.94 18.61 3.88
CA HIS E 122 -37.79 17.43 3.69
C HIS E 122 -37.18 16.07 4.04
N ASP E 123 -35.85 15.99 4.06
CA ASP E 123 -35.17 14.73 4.43
C ASP E 123 -34.21 14.91 5.62
N LEU E 124 -34.45 15.93 6.45
CA LEU E 124 -33.57 16.21 7.59
C LEU E 124 -33.33 14.98 8.46
N ASP E 125 -32.06 14.81 8.85
CA ASP E 125 -31.63 13.73 9.75
C ASP E 125 -31.88 12.34 9.17
N HIS E 126 -31.87 12.24 7.85
CA HIS E 126 -32.01 10.96 7.17
C HIS E 126 -30.79 10.10 7.47
N ARG E 127 -31.03 8.82 7.73
CA ARG E 127 -29.97 7.91 8.20
C ARG E 127 -29.46 6.96 7.12
N GLY E 128 -30.03 7.06 5.93
CA GLY E 128 -29.71 6.12 4.86
C GLY E 128 -30.57 4.87 4.91
N THR E 129 -31.60 4.90 5.76
CA THR E 129 -32.56 3.81 5.90
C THR E 129 -33.98 4.29 5.58
N ASN E 130 -34.86 3.37 5.18
CA ASN E 130 -36.24 3.72 4.86
C ASN E 130 -37.22 3.49 6.01
N ASN E 131 -38.50 3.77 5.76
CA ASN E 131 -39.58 3.58 6.73
C ASN E 131 -39.73 2.13 7.20
N SER E 132 -39.52 1.19 6.28
CA SER E 132 -39.60 -0.24 6.58
C SER E 132 -38.55 -0.68 7.61
N PHE E 133 -37.42 0.02 7.63
CA PHE E 133 -36.35 -0.21 8.61
C PHE E 133 -36.79 0.18 10.03
N GLN E 134 -37.59 1.23 10.12
CA GLN E 134 -38.17 1.68 11.40
C GLN E 134 -39.21 0.67 11.92
N VAL E 135 -39.90 0.01 11.00
CA VAL E 135 -40.91 -0.98 11.33
C VAL E 135 -40.28 -2.25 11.91
N ALA E 136 -39.28 -2.79 11.21
CA ALA E 136 -38.60 -4.01 11.65
C ALA E 136 -37.52 -3.72 12.69
N SER E 146 -47.10 5.74 15.78
CA SER E 146 -45.82 5.37 15.19
C SER E 146 -45.94 4.28 14.10
N SER E 147 -47.17 3.84 13.83
CA SER E 147 -47.43 2.85 12.79
C SER E 147 -48.59 3.30 11.89
N GLU E 148 -48.68 4.61 11.68
CA GLU E 148 -49.67 5.20 10.79
C GLU E 148 -49.00 5.58 9.46
N GLY E 149 -47.82 5.01 9.22
CA GLY E 149 -47.04 5.27 8.03
C GLY E 149 -46.23 6.55 8.12
N SER E 150 -45.46 6.82 7.06
CA SER E 150 -44.67 8.05 6.92
C SER E 150 -43.82 8.40 8.15
N VAL E 151 -43.22 7.40 8.77
CA VAL E 151 -42.43 7.58 10.00
C VAL E 151 -41.28 8.58 9.80
N MET E 152 -40.46 8.34 8.77
CA MET E 152 -39.30 9.20 8.50
C MET E 152 -39.73 10.63 8.13
N GLU E 153 -40.73 10.73 7.28
CA GLU E 153 -41.24 12.04 6.85
C GLU E 153 -41.72 12.84 8.06
N ARG E 154 -42.39 12.16 9.00
CA ARG E 154 -42.81 12.77 10.26
C ARG E 154 -41.60 13.21 11.09
N HIS E 155 -40.56 12.39 11.09
CA HIS E 155 -39.32 12.73 11.77
C HIS E 155 -38.66 13.93 11.12
N HIS E 156 -38.61 13.95 9.79
CA HIS E 156 -38.03 15.07 9.05
C HIS E 156 -38.68 16.40 9.45
N PHE E 157 -40.00 16.39 9.59
CA PHE E 157 -40.76 17.58 9.96
C PHE E 157 -40.47 18.04 11.38
N ALA E 158 -40.47 17.09 12.32
CA ALA E 158 -40.12 17.38 13.70
C ALA E 158 -38.75 18.07 13.79
N GLN E 159 -37.80 17.58 13.00
CA GLN E 159 -36.45 18.17 12.94
C GLN E 159 -36.48 19.62 12.44
N ALA E 160 -37.34 19.89 11.46
CA ALA E 160 -37.55 21.25 10.95
C ALA E 160 -38.08 22.17 12.05
N ILE E 161 -39.07 21.68 12.80
CA ILE E 161 -39.63 22.41 13.94
C ILE E 161 -38.57 22.67 15.02
N ALA E 162 -37.75 21.65 15.29
CA ALA E 162 -36.66 21.75 16.26
C ALA E 162 -35.63 22.81 15.90
N ILE E 163 -35.38 22.99 14.59
CA ILE E 163 -34.45 24.01 14.10
C ILE E 163 -35.05 25.42 14.21
N LEU E 164 -36.35 25.54 13.94
CA LEU E 164 -37.03 26.82 14.09
C LEU E 164 -37.08 27.26 15.55
N ASN E 165 -37.26 26.30 16.45
CA ASN E 165 -37.28 26.55 17.89
C ASN E 165 -35.89 26.72 18.48
N THR E 166 -34.88 26.76 17.62
CA THR E 166 -33.50 27.04 18.02
C THR E 166 -33.31 28.54 18.06
N HIS E 167 -32.77 29.05 19.16
CA HIS E 167 -32.53 30.48 19.33
C HIS E 167 -31.78 31.05 18.13
N GLY E 168 -32.32 32.13 17.57
CA GLY E 168 -31.70 32.84 16.45
C GLY E 168 -31.91 32.22 15.09
N CYS E 169 -32.74 31.18 15.02
CA CYS E 169 -32.96 30.43 13.77
C CYS E 169 -34.39 30.44 13.24
N ASN E 170 -35.33 30.99 14.01
CA ASN E 170 -36.73 31.03 13.57
C ASN E 170 -36.98 32.15 12.57
N ILE E 171 -36.99 31.79 11.30
CA ILE E 171 -37.22 32.77 10.22
C ILE E 171 -38.67 33.30 10.17
N PHE E 172 -39.57 32.64 10.89
CA PHE E 172 -40.97 33.05 10.95
C PHE E 172 -41.34 33.70 12.28
N ASP E 173 -40.34 34.02 13.10
CA ASP E 173 -40.56 34.51 14.47
C ASP E 173 -41.39 35.79 14.54
N HIS E 174 -41.48 36.50 13.42
CA HIS E 174 -42.19 37.77 13.33
C HIS E 174 -43.55 37.65 12.65
N PHE E 175 -43.87 36.46 12.14
CA PHE E 175 -45.18 36.17 11.53
C PHE E 175 -46.31 36.32 12.53
N SER E 176 -47.50 36.63 12.04
CA SER E 176 -48.69 36.63 12.88
C SER E 176 -49.00 35.22 13.36
N ARG E 177 -49.79 35.11 14.42
CA ARG E 177 -50.20 33.82 14.95
C ARG E 177 -50.83 32.95 13.87
N LYS E 178 -51.70 33.54 13.05
CA LYS E 178 -52.34 32.84 11.95
C LYS E 178 -51.36 32.39 10.88
N ASP E 179 -50.49 33.30 10.45
CA ASP E 179 -49.49 33.00 9.42
C ASP E 179 -48.45 31.99 9.88
N TYR E 180 -48.13 32.02 11.17
CA TYR E 180 -47.16 31.08 11.73
C TYR E 180 -47.70 29.65 11.66
N GLN E 181 -48.91 29.46 12.19
CA GLN E 181 -49.55 28.15 12.17
C GLN E 181 -49.83 27.69 10.73
N ARG E 182 -50.24 28.62 9.87
CA ARG E 182 -50.44 28.33 8.45
C ARG E 182 -49.16 27.79 7.81
N MET E 183 -48.04 28.45 8.10
CA MET E 183 -46.73 28.07 7.55
C MET E 183 -46.31 26.67 8.01
N LEU E 184 -46.50 26.40 9.29
CA LEU E 184 -46.17 25.09 9.87
C LEU E 184 -47.08 23.98 9.32
N ASP E 185 -48.35 24.28 9.14
CA ASP E 185 -49.30 23.31 8.59
C ASP E 185 -48.93 22.94 7.17
N LEU E 186 -48.58 23.94 6.37
CA LEU E 186 -48.14 23.74 4.99
C LEU E 186 -46.90 22.87 4.92
N MET E 187 -45.93 23.14 5.80
CA MET E 187 -44.66 22.41 5.80
C MET E 187 -44.87 20.94 6.13
N ARG E 188 -45.64 20.69 7.18
CA ARG E 188 -46.01 19.33 7.57
C ARG E 188 -46.64 18.57 6.41
N ASP E 189 -47.62 19.19 5.75
CA ASP E 189 -48.35 18.58 4.63
C ASP E 189 -47.44 18.28 3.45
N ILE E 190 -46.66 19.28 3.05
CA ILE E 190 -45.72 19.15 1.96
C ILE E 190 -44.62 18.10 2.26
N ILE E 191 -44.08 18.11 3.48
CA ILE E 191 -43.09 17.10 3.87
C ILE E 191 -43.73 15.71 3.92
N LEU E 192 -44.94 15.60 4.44
CA LEU E 192 -45.65 14.30 4.46
C LEU E 192 -45.93 13.77 3.04
N ALA E 193 -46.04 14.69 2.08
CA ALA E 193 -46.29 14.32 0.69
C ALA E 193 -45.08 13.64 0.02
N THR E 194 -43.91 13.71 0.67
CA THR E 194 -42.71 13.06 0.12
C THR E 194 -42.71 11.53 0.29
N ASP E 195 -43.62 11.02 1.12
CA ASP E 195 -43.77 9.58 1.30
C ASP E 195 -44.50 8.99 0.10
N LEU E 196 -43.92 7.93 -0.47
CA LEU E 196 -44.48 7.30 -1.67
C LEU E 196 -45.93 6.86 -1.45
N ALA E 197 -46.21 6.30 -0.28
CA ALA E 197 -47.56 5.85 0.08
C ALA E 197 -48.60 6.98 0.02
N HIS E 198 -48.20 8.16 0.48
CA HIS E 198 -49.04 9.36 0.41
C HIS E 198 -49.36 9.67 -1.04
N HIS E 199 -48.32 9.69 -1.87
CA HIS E 199 -48.45 9.98 -3.29
C HIS E 199 -49.40 9.04 -4.02
N LEU E 200 -49.29 7.75 -3.73
CA LEU E 200 -50.13 6.73 -4.36
C LEU E 200 -51.60 6.85 -3.91
N ARG E 201 -51.82 7.25 -2.66
CA ARG E 201 -53.16 7.49 -2.14
C ARG E 201 -53.86 8.64 -2.87
N ILE E 202 -53.13 9.71 -3.12
CA ILE E 202 -53.72 10.94 -3.69
C ILE E 202 -53.67 10.95 -5.22
N PHE E 203 -53.05 9.93 -5.81
CA PHE E 203 -52.83 9.87 -7.25
C PHE E 203 -54.11 10.06 -8.07
N LYS E 204 -55.17 9.35 -7.69
CA LYS E 204 -56.48 9.49 -8.32
C LYS E 204 -57.00 10.92 -8.26
N ASP E 205 -56.87 11.55 -7.09
CA ASP E 205 -57.26 12.94 -6.89
C ASP E 205 -56.42 13.90 -7.73
N LEU E 206 -55.14 13.57 -7.93
CA LEU E 206 -54.25 14.34 -8.79
C LEU E 206 -54.68 14.23 -10.26
N GLN E 207 -55.05 13.01 -10.67
CA GLN E 207 -55.48 12.74 -12.03
C GLN E 207 -56.79 13.47 -12.37
N LYS E 208 -57.74 13.40 -11.44
CA LYS E 208 -59.02 14.10 -11.58
C LYS E 208 -58.81 15.61 -11.75
N MET E 209 -57.97 16.20 -10.90
CA MET E 209 -57.62 17.62 -10.97
C MET E 209 -57.02 17.99 -12.33
N ALA E 210 -56.09 17.17 -12.81
CA ALA E 210 -55.46 17.38 -14.12
C ALA E 210 -56.48 17.21 -15.25
N GLU E 211 -57.42 16.29 -15.06
CA GLU E 211 -58.46 15.99 -16.03
C GLU E 211 -59.47 17.14 -16.18
N VAL E 212 -60.00 17.63 -15.06
CA VAL E 212 -60.99 18.71 -15.08
C VAL E 212 -60.37 20.09 -15.31
N GLY E 213 -59.07 20.21 -15.04
CA GLY E 213 -58.36 21.48 -15.13
C GLY E 213 -58.25 22.13 -13.75
N TYR E 214 -57.16 22.85 -13.53
CA TYR E 214 -56.89 23.50 -12.24
C TYR E 214 -57.87 24.63 -11.95
N ASP E 215 -58.41 24.62 -10.74
CA ASP E 215 -59.28 25.70 -10.28
C ASP E 215 -58.60 26.42 -9.12
N ARG E 216 -58.27 27.69 -9.33
CA ARG E 216 -57.53 28.46 -8.34
C ARG E 216 -58.36 28.76 -7.09
N ASN E 217 -59.69 28.80 -7.23
CA ASN E 217 -60.58 29.02 -6.10
C ASN E 217 -60.83 27.77 -5.26
N ASN E 218 -60.37 26.62 -5.76
CA ASN E 218 -60.52 25.35 -5.09
C ASN E 218 -59.35 25.08 -4.13
N LYS E 219 -59.64 25.14 -2.83
CA LYS E 219 -58.63 24.93 -1.78
C LYS E 219 -57.97 23.56 -1.90
N GLN E 220 -58.75 22.56 -2.28
CA GLN E 220 -58.26 21.19 -2.42
C GLN E 220 -57.28 21.05 -3.58
N HIS E 221 -57.48 21.86 -4.63
CA HIS E 221 -56.56 21.89 -5.76
C HIS E 221 -55.19 22.43 -5.37
N HIS E 222 -55.17 23.46 -4.52
CA HIS E 222 -53.92 24.02 -3.99
C HIS E 222 -53.13 22.96 -3.24
N ARG E 223 -53.82 22.25 -2.35
CA ARG E 223 -53.23 21.21 -1.52
C ARG E 223 -52.66 20.05 -2.34
N LEU E 224 -53.37 19.68 -3.40
CA LEU E 224 -52.96 18.56 -4.25
C LEU E 224 -51.76 18.94 -5.09
N LEU E 225 -51.80 20.14 -5.67
CA LEU E 225 -50.70 20.64 -6.49
C LEU E 225 -49.39 20.75 -5.71
N LEU E 226 -49.48 21.24 -4.47
CA LEU E 226 -48.32 21.34 -3.59
C LEU E 226 -47.68 19.97 -3.39
N CYS E 227 -48.52 18.95 -3.22
CA CYS E 227 -48.04 17.58 -3.06
C CYS E 227 -47.36 17.09 -4.33
N LEU E 228 -47.94 17.40 -5.49
CA LEU E 228 -47.35 17.02 -6.77
C LEU E 228 -46.00 17.69 -7.01
N LEU E 229 -45.96 19.00 -6.80
CA LEU E 229 -44.74 19.78 -6.98
C LEU E 229 -43.61 19.26 -6.10
N MET E 230 -43.93 18.91 -4.86
CA MET E 230 -42.93 18.40 -3.92
C MET E 230 -42.33 17.09 -4.41
N THR E 231 -43.18 16.14 -4.81
CA THR E 231 -42.69 14.87 -5.34
C THR E 231 -41.86 15.05 -6.62
N SER E 232 -42.24 16.03 -7.44
CA SER E 232 -41.48 16.33 -8.66
C SER E 232 -40.11 16.95 -8.32
N CYS E 233 -40.06 17.73 -7.26
CA CYS E 233 -38.79 18.24 -6.75
C CYS E 233 -37.94 17.10 -6.22
N ASP E 234 -38.55 16.25 -5.41
CA ASP E 234 -37.88 15.13 -4.76
C ASP E 234 -37.22 14.19 -5.77
N LEU E 235 -37.83 14.03 -6.94
CA LEU E 235 -37.35 13.11 -7.97
C LEU E 235 -36.66 13.81 -9.14
N SER E 236 -36.31 15.08 -8.94
CA SER E 236 -35.81 15.94 -10.03
C SER E 236 -34.52 15.49 -10.71
N ASP E 237 -33.74 14.63 -10.03
CA ASP E 237 -32.50 14.10 -10.61
C ASP E 237 -32.75 13.31 -11.91
N GLN E 238 -33.98 12.80 -12.05
CA GLN E 238 -34.36 12.01 -13.21
C GLN E 238 -34.72 12.87 -14.43
N THR E 239 -34.72 14.19 -14.23
CA THR E 239 -35.14 15.15 -15.25
C THR E 239 -33.95 15.81 -15.94
N LYS E 240 -32.74 15.40 -15.56
CA LYS E 240 -31.52 15.92 -16.17
C LYS E 240 -31.05 14.94 -17.25
N GLY E 241 -29.75 14.95 -17.53
CA GLY E 241 -29.18 14.05 -18.53
C GLY E 241 -28.87 12.67 -17.98
N TRP E 242 -28.18 11.87 -18.79
CA TRP E 242 -27.79 10.52 -18.41
C TRP E 242 -26.83 10.51 -17.22
N LYS E 243 -25.86 11.42 -17.23
CA LYS E 243 -24.83 11.50 -16.20
C LYS E 243 -25.44 11.57 -14.80
N THR E 244 -26.43 12.45 -14.62
CA THR E 244 -27.10 12.64 -13.33
C THR E 244 -27.85 11.38 -12.89
N THR E 245 -28.75 10.88 -13.73
CA THR E 245 -29.53 9.68 -13.39
C THR E 245 -28.66 8.45 -13.08
N ARG E 246 -27.56 8.29 -13.82
CA ARG E 246 -26.63 7.19 -13.58
C ARG E 246 -25.90 7.36 -12.24
N LYS E 247 -25.38 8.56 -11.98
CA LYS E 247 -24.69 8.89 -10.73
C LYS E 247 -25.61 8.74 -9.51
N ILE E 248 -26.85 9.20 -9.63
CA ILE E 248 -27.84 9.14 -8.56
C ILE E 248 -28.23 7.70 -8.23
N ALA E 249 -28.38 6.88 -9.26
CA ALA E 249 -28.64 5.44 -9.09
C ALA E 249 -27.53 4.76 -8.27
N GLU E 250 -26.27 5.02 -8.61
CA GLU E 250 -25.13 4.59 -7.80
C GLU E 250 -25.37 4.90 -6.33
N LEU E 251 -25.61 6.18 -6.05
CA LEU E 251 -25.76 6.68 -4.68
C LEU E 251 -26.93 6.03 -3.96
N ILE E 252 -28.03 5.84 -4.69
CA ILE E 252 -29.25 5.24 -4.15
C ILE E 252 -29.07 3.74 -3.86
N TYR E 253 -28.48 3.01 -4.80
CA TYR E 253 -28.24 1.58 -4.58
C TYR E 253 -27.21 1.35 -3.48
N LYS E 254 -26.15 2.15 -3.49
CA LYS E 254 -25.15 2.17 -2.42
C LYS E 254 -25.85 2.28 -1.07
N GLU E 255 -26.80 3.21 -0.99
CA GLU E 255 -27.56 3.43 0.24
C GLU E 255 -28.50 2.27 0.58
N PHE E 256 -29.16 1.72 -0.43
CA PHE E 256 -30.15 0.67 -0.24
C PHE E 256 -29.50 -0.63 0.20
N PHE E 257 -28.33 -0.93 -0.35
CA PHE E 257 -27.62 -2.17 -0.04
C PHE E 257 -26.93 -2.13 1.33
N SER E 258 -26.49 -0.93 1.74
CA SER E 258 -25.90 -0.74 3.07
C SER E 258 -26.94 -1.00 4.15
N GLN E 259 -28.18 -0.59 3.89
CA GLN E 259 -29.30 -0.93 4.77
C GLN E 259 -29.56 -2.44 4.75
N GLY E 260 -29.42 -3.05 3.58
CA GLY E 260 -29.57 -4.50 3.44
C GLY E 260 -28.54 -5.26 4.24
N ASP E 261 -27.28 -4.83 4.12
CA ASP E 261 -26.15 -5.38 4.88
C ASP E 261 -26.38 -5.28 6.39
N LEU E 262 -26.88 -4.12 6.83
CA LEU E 262 -27.19 -3.85 8.24
C LEU E 262 -28.30 -4.76 8.76
N GLU E 263 -29.36 -4.93 7.97
CA GLU E 263 -30.48 -5.78 8.34
C GLU E 263 -30.10 -7.27 8.41
N LYS E 264 -29.18 -7.68 7.54
CA LYS E 264 -28.64 -9.03 7.55
C LYS E 264 -27.84 -9.30 8.84
N ALA E 265 -27.01 -8.32 9.21
CA ALA E 265 -26.15 -8.41 10.39
C ALA E 265 -26.97 -8.44 11.69
N MET E 266 -28.04 -7.66 11.75
CA MET E 266 -28.89 -7.61 12.94
C MET E 266 -29.79 -8.84 13.06
N GLY E 267 -29.95 -9.57 11.96
CA GLY E 267 -30.68 -10.84 11.97
C GLY E 267 -32.08 -10.74 11.41
N ASN E 268 -32.18 -10.13 10.23
CA ASN E 268 -33.45 -10.00 9.52
C ASN E 268 -33.24 -10.18 8.03
N ARG E 269 -34.25 -10.70 7.34
CA ARG E 269 -34.21 -10.78 5.89
C ARG E 269 -34.58 -9.43 5.27
N PRO E 270 -33.61 -8.77 4.61
CA PRO E 270 -33.92 -7.50 3.97
C PRO E 270 -34.79 -7.72 2.74
N MET E 271 -35.51 -6.68 2.32
CA MET E 271 -36.30 -6.76 1.10
C MET E 271 -35.38 -7.00 -0.10
N GLU E 272 -35.93 -7.63 -1.12
CA GLU E 272 -35.18 -8.04 -2.31
C GLU E 272 -34.36 -6.89 -2.90
N MET E 273 -34.96 -5.72 -2.99
CA MET E 273 -34.32 -4.55 -3.59
C MET E 273 -33.25 -3.93 -2.70
N MET E 274 -33.15 -4.41 -1.47
CA MET E 274 -32.14 -3.92 -0.52
C MET E 274 -30.99 -4.90 -0.42
N ASP E 275 -31.16 -6.09 -0.98
CA ASP E 275 -30.17 -7.17 -0.93
C ASP E 275 -29.27 -7.16 -2.15
N ARG E 276 -28.01 -6.77 -1.95
CA ARG E 276 -27.03 -6.66 -3.05
C ARG E 276 -26.78 -7.97 -3.80
N GLU E 277 -27.15 -9.09 -3.19
CA GLU E 277 -26.99 -10.39 -3.83
C GLU E 277 -28.25 -10.84 -4.56
N LYS E 278 -29.38 -10.17 -4.30
CA LYS E 278 -30.63 -10.50 -4.97
C LYS E 278 -31.09 -9.42 -5.94
N ALA E 279 -30.78 -8.16 -5.63
CA ALA E 279 -31.29 -7.03 -6.40
C ALA E 279 -30.69 -6.93 -7.80
N TYR E 280 -31.56 -6.79 -8.79
CA TYR E 280 -31.15 -6.57 -10.17
C TYR E 280 -31.46 -5.13 -10.55
N ILE E 281 -30.41 -4.32 -10.67
CA ILE E 281 -30.55 -2.87 -10.88
C ILE E 281 -31.42 -2.48 -12.10
N PRO E 282 -31.17 -3.07 -13.28
CA PRO E 282 -31.96 -2.67 -14.46
C PRO E 282 -33.46 -2.83 -14.25
N GLU E 283 -33.87 -3.98 -13.70
CA GLU E 283 -35.27 -4.26 -13.43
C GLU E 283 -35.87 -3.30 -12.40
N LEU E 284 -35.02 -2.84 -11.47
CA LEU E 284 -35.47 -1.91 -10.43
C LEU E 284 -35.48 -0.45 -10.88
N GLN E 285 -34.45 -0.04 -11.62
CA GLN E 285 -34.37 1.31 -12.18
C GLN E 285 -35.57 1.58 -13.10
N ILE E 286 -35.77 0.69 -14.07
CA ILE E 286 -36.84 0.84 -15.06
C ILE E 286 -38.22 0.85 -14.40
N SER E 287 -38.46 -0.10 -13.50
CA SER E 287 -39.73 -0.15 -12.77
C SER E 287 -40.01 1.18 -12.06
N PHE E 288 -38.98 1.71 -11.40
CA PHE E 288 -39.10 3.01 -10.74
C PHE E 288 -39.35 4.13 -11.75
N MET E 289 -38.56 4.15 -12.82
CA MET E 289 -38.65 5.18 -13.86
C MET E 289 -40.06 5.28 -14.46
N GLU E 290 -40.62 4.13 -14.84
CA GLU E 290 -41.85 4.12 -15.61
C GLU E 290 -43.13 4.08 -14.77
N HIS E 291 -43.05 3.47 -13.59
CA HIS E 291 -44.23 3.29 -12.73
C HIS E 291 -44.38 4.42 -11.70
N ILE E 292 -43.28 5.06 -11.32
CA ILE E 292 -43.30 6.07 -10.27
C ILE E 292 -42.92 7.46 -10.78
N ALA E 293 -41.69 7.61 -11.28
CA ALA E 293 -41.17 8.90 -11.71
C ALA E 293 -41.92 9.50 -12.91
N MET E 294 -42.13 8.70 -13.95
CA MET E 294 -42.76 9.19 -15.19
C MET E 294 -44.21 9.65 -15.05
N PRO E 295 -45.07 8.91 -14.32
CA PRO E 295 -46.44 9.40 -14.12
C PRO E 295 -46.53 10.73 -13.37
N ILE E 296 -45.56 10.99 -12.50
CA ILE E 296 -45.47 12.27 -11.78
C ILE E 296 -45.18 13.41 -12.75
N TYR E 297 -44.23 13.19 -13.66
CA TYR E 297 -43.86 14.22 -14.63
C TYR E 297 -44.87 14.33 -15.78
N LYS E 298 -45.62 13.26 -16.01
CA LYS E 298 -46.74 13.29 -16.94
C LYS E 298 -47.84 14.20 -16.40
N LEU E 299 -48.23 13.99 -15.13
CA LEU E 299 -49.23 14.84 -14.47
C LEU E 299 -48.80 16.30 -14.44
N LEU E 300 -47.51 16.54 -14.23
CA LEU E 300 -46.95 17.88 -14.20
C LEU E 300 -47.08 18.53 -15.58
N GLN E 301 -46.80 17.76 -16.62
CA GLN E 301 -46.96 18.21 -18.02
C GLN E 301 -48.42 18.58 -18.33
N ASP E 302 -49.35 17.79 -17.81
CA ASP E 302 -50.79 18.02 -18.02
C ASP E 302 -51.26 19.35 -17.43
N LEU E 303 -50.71 19.71 -16.28
CA LEU E 303 -51.07 20.96 -15.60
C LEU E 303 -50.22 22.14 -16.08
N PHE E 304 -48.99 21.83 -16.49
CA PHE E 304 -48.06 22.85 -16.97
C PHE E 304 -47.45 22.42 -18.29
N PRO E 305 -47.96 22.97 -19.41
CA PRO E 305 -47.43 22.67 -20.73
C PRO E 305 -45.92 22.93 -20.84
N LYS E 306 -45.44 23.94 -20.12
CA LYS E 306 -44.01 24.29 -20.12
C LYS E 306 -43.13 23.24 -19.43
N ALA E 307 -43.76 22.31 -18.71
CA ALA E 307 -43.06 21.21 -18.06
C ALA E 307 -42.92 19.98 -18.97
N ALA E 308 -43.22 20.15 -20.25
CA ALA E 308 -43.18 19.06 -21.23
C ALA E 308 -41.76 18.50 -21.43
N GLU E 309 -40.77 19.39 -21.44
CA GLU E 309 -39.37 18.98 -21.60
C GLU E 309 -38.87 18.11 -20.45
N LEU E 310 -39.47 18.28 -19.28
CA LEU E 310 -39.11 17.49 -18.10
C LEU E 310 -39.51 16.03 -18.25
N TYR E 311 -40.77 15.79 -18.62
CA TYR E 311 -41.26 14.43 -18.87
C TYR E 311 -40.47 13.74 -19.97
N GLU E 312 -40.12 14.49 -21.01
CA GLU E 312 -39.33 13.96 -22.12
C GLU E 312 -37.95 13.49 -21.68
N ARG E 313 -37.27 14.31 -20.87
CA ARG E 313 -35.97 13.94 -20.32
C ARG E 313 -36.03 12.71 -19.42
N VAL E 314 -37.13 12.55 -18.68
CA VAL E 314 -37.33 11.36 -17.85
C VAL E 314 -37.55 10.13 -18.74
N ALA E 315 -38.42 10.28 -19.74
CA ALA E 315 -38.64 9.23 -20.73
C ALA E 315 -37.36 8.82 -21.48
N SER E 316 -36.51 9.79 -21.80
CA SER E 316 -35.23 9.55 -22.48
C SER E 316 -34.26 8.78 -21.60
N ASN E 317 -34.15 9.20 -20.34
CA ASN E 317 -33.35 8.51 -19.34
C ASN E 317 -33.85 7.09 -19.09
N ARG E 318 -35.17 6.93 -19.07
CA ARG E 318 -35.81 5.63 -18.98
C ARG E 318 -35.45 4.75 -20.18
N GLU E 319 -35.38 5.37 -21.36
CA GLU E 319 -34.99 4.68 -22.59
C GLU E 319 -33.50 4.32 -22.60
N HIS E 320 -32.67 5.21 -22.06
CA HIS E 320 -31.23 4.97 -21.95
C HIS E 320 -30.95 3.80 -21.00
N TRP E 321 -31.70 3.73 -19.90
CA TRP E 321 -31.58 2.64 -18.94
C TRP E 321 -31.83 1.26 -19.57
N THR E 322 -32.83 1.17 -20.44
CA THR E 322 -33.11 -0.09 -21.14
C THR E 322 -32.03 -0.43 -22.16
N LYS E 323 -31.34 0.60 -22.64
CA LYS E 323 -30.22 0.41 -23.58
C LYS E 323 -29.02 -0.26 -22.91
N VAL E 324 -28.73 0.16 -21.68
CA VAL E 324 -27.54 -0.32 -20.96
C VAL E 324 -27.80 -1.53 -20.07
N SER E 325 -29.04 -2.04 -20.08
CA SER E 325 -29.42 -3.19 -19.27
C SER E 325 -28.57 -4.43 -19.53
N HIS E 326 -28.10 -4.59 -20.77
CA HIS E 326 -27.29 -5.75 -21.15
C HIS E 326 -25.92 -5.77 -20.46
N LYS E 327 -25.41 -4.59 -20.12
CA LYS E 327 -24.11 -4.46 -19.45
C LYS E 327 -24.05 -5.08 -18.06
N PHE E 328 -25.21 -5.41 -17.50
CA PHE E 328 -25.28 -6.07 -16.19
C PHE E 328 -25.10 -7.59 -16.29
N THR E 329 -24.47 -8.01 -17.39
CA THR E 329 -24.01 -9.38 -17.57
C THR E 329 -22.50 -9.34 -17.72
N ILE E 330 -21.80 -10.22 -17.00
CA ILE E 330 -20.34 -10.23 -17.04
C ILE E 330 -19.84 -10.79 -18.36
N ARG E 331 -19.18 -9.93 -19.13
CA ARG E 331 -18.41 -10.35 -20.30
C ARG E 331 -16.95 -10.47 -19.94
N GLY E 332 -16.30 -11.49 -20.50
CA GLY E 332 -14.92 -11.79 -20.17
C GLY E 332 -14.79 -12.25 -18.72
N LEU E 333 -13.61 -12.04 -18.15
CA LEU E 333 -13.37 -12.32 -16.74
C LEU E 333 -13.84 -11.16 -15.89
N PRO E 334 -14.23 -11.42 -14.62
CA PRO E 334 -14.62 -10.33 -13.73
C PRO E 334 -13.48 -9.36 -13.43
N SER E 335 -13.75 -8.35 -12.59
CA SER E 335 -12.79 -7.31 -12.23
C SER E 335 -11.33 -7.77 -12.22
N ASN E 336 -11.07 -8.88 -11.53
CA ASN E 336 -9.73 -9.49 -11.52
C ASN E 336 -9.49 -10.38 -12.74
N ASN E 337 -9.17 -11.65 -12.49
CA ASN E 337 -8.99 -12.64 -13.54
C ASN E 337 -9.45 -14.03 -13.11
N SER E 338 -10.12 -14.08 -11.95
CA SER E 338 -10.52 -15.35 -11.35
C SER E 338 -11.99 -15.67 -11.57
N LEU E 339 -12.29 -16.95 -11.73
CA LEU E 339 -13.66 -17.44 -11.70
C LEU E 339 -13.96 -18.03 -10.33
N ASP E 340 -13.34 -17.44 -9.31
CA ASP E 340 -13.47 -17.88 -7.93
C ASP E 340 -14.91 -17.78 -7.44
N PHE E 341 -15.62 -16.76 -7.93
CA PHE E 341 -16.99 -16.49 -7.53
C PHE E 341 -17.99 -17.59 -7.93
N LEU E 342 -17.60 -18.43 -8.88
CA LEU E 342 -18.45 -19.53 -9.35
C LEU E 342 -18.57 -20.67 -8.33
N ASP E 343 -17.48 -20.96 -7.63
CA ASP E 343 -17.45 -22.01 -6.62
C ASP E 343 -18.13 -21.55 -5.33
N LEU F 11 52.96 -47.66 17.16
CA LEU F 11 51.50 -47.54 17.45
C LEU F 11 50.76 -48.87 17.29
N LEU F 12 51.49 -49.92 16.90
CA LEU F 12 50.95 -51.26 16.68
C LEU F 12 50.47 -51.92 17.97
N HIS F 13 49.31 -52.56 17.93
CA HIS F 13 48.71 -53.22 19.11
C HIS F 13 48.02 -54.53 18.78
N ASP F 14 48.72 -55.64 18.99
CA ASP F 14 48.22 -56.95 18.58
C ASP F 14 47.78 -57.82 19.75
N GLY F 15 46.55 -58.32 19.62
CA GLY F 15 45.91 -59.22 20.57
C GLY F 15 44.46 -59.24 20.13
N ILE F 16 44.13 -60.16 19.23
CA ILE F 16 42.83 -60.13 18.56
C ILE F 16 41.69 -60.69 19.41
N GLN F 17 40.84 -59.77 19.86
CA GLN F 17 39.64 -60.11 20.63
C GLN F 17 38.66 -60.93 19.81
N PRO F 18 38.05 -61.96 20.44
CA PRO F 18 36.89 -62.60 19.80
C PRO F 18 35.73 -61.61 19.68
N VAL F 19 34.84 -61.85 18.73
CA VAL F 19 33.71 -60.96 18.44
C VAL F 19 32.84 -60.67 19.66
N ALA F 20 32.48 -61.72 20.40
CA ALA F 20 31.61 -61.61 21.58
C ALA F 20 32.20 -60.77 22.71
N ALA F 21 33.53 -60.69 22.76
CA ALA F 21 34.24 -59.89 23.76
C ALA F 21 34.04 -58.39 23.56
N ILE F 22 33.80 -57.98 22.32
CA ILE F 22 33.50 -56.59 22.01
C ILE F 22 32.08 -56.26 22.47
N ASP F 23 31.14 -57.10 22.03
CA ASP F 23 29.73 -56.98 22.41
C ASP F 23 28.98 -58.27 22.06
N SER F 24 28.01 -58.62 22.89
CA SER F 24 27.20 -59.82 22.68
C SER F 24 26.31 -59.69 21.44
N ASN F 25 26.03 -58.45 21.06
CA ASN F 25 25.15 -58.15 19.94
C ASN F 25 25.92 -57.68 18.70
N PHE F 26 27.25 -57.74 18.78
CA PHE F 26 28.14 -57.22 17.73
C PHE F 26 27.84 -57.73 16.32
N ALA F 27 27.42 -58.99 16.21
CA ALA F 27 27.14 -59.61 14.92
C ALA F 27 25.67 -59.54 14.49
N SER F 28 24.91 -58.66 15.13
CA SER F 28 23.50 -58.47 14.81
C SER F 28 23.21 -57.17 14.08
N PHE F 29 22.18 -57.21 13.22
CA PHE F 29 21.71 -56.04 12.48
C PHE F 29 21.23 -54.90 13.38
N THR F 30 20.87 -55.21 14.62
CA THR F 30 20.41 -54.21 15.57
C THR F 30 21.58 -53.39 16.13
N TYR F 31 22.78 -53.95 16.12
CA TYR F 31 23.95 -53.30 16.68
C TYR F 31 24.34 -52.04 15.91
N THR F 32 24.66 -50.99 16.66
CA THR F 32 25.11 -49.73 16.08
C THR F 32 26.61 -49.57 16.32
N PRO F 33 27.43 -49.77 15.27
CA PRO F 33 28.89 -49.67 15.38
C PRO F 33 29.39 -48.30 15.83
N ARG F 34 28.58 -47.26 15.66
CA ARG F 34 28.95 -45.91 16.11
C ARG F 34 28.89 -45.77 17.63
N SER F 35 28.23 -46.71 18.30
CA SER F 35 28.19 -46.78 19.76
C SER F 35 29.53 -47.21 20.35
N LEU F 36 30.35 -47.89 19.53
CA LEU F 36 31.67 -48.32 19.93
C LEU F 36 32.67 -47.16 19.89
N PRO F 37 33.39 -46.92 21.00
CA PRO F 37 34.40 -45.85 21.11
C PRO F 37 35.41 -45.89 19.97
N GLU F 38 35.81 -44.73 19.48
CA GLU F 38 36.69 -44.64 18.32
C GLU F 38 38.07 -45.26 18.58
N ASP F 39 38.50 -45.26 19.84
CA ASP F 39 39.75 -45.89 20.25
C ASP F 39 39.73 -47.42 20.17
N ASP F 40 38.52 -47.99 20.10
CA ASP F 40 38.34 -49.44 20.01
C ASP F 40 38.09 -49.94 18.59
N THR F 41 37.93 -49.02 17.64
CA THR F 41 37.52 -49.37 16.27
C THR F 41 38.54 -50.19 15.48
N SER F 42 39.82 -49.81 15.57
CA SER F 42 40.90 -50.53 14.90
C SER F 42 41.00 -51.98 15.34
N MET F 43 40.86 -52.22 16.64
CA MET F 43 40.85 -53.56 17.21
C MET F 43 39.67 -54.37 16.70
N ALA F 44 38.50 -53.72 16.60
CA ALA F 44 37.29 -54.35 16.09
C ALA F 44 37.42 -54.79 14.63
N ILE F 45 38.13 -53.99 13.83
CA ILE F 45 38.42 -54.34 12.45
C ILE F 45 39.18 -55.67 12.39
N LEU F 46 40.25 -55.78 13.18
CA LEU F 46 41.05 -56.99 13.23
C LEU F 46 40.24 -58.19 13.74
N SER F 47 39.31 -57.92 14.64
CA SER F 47 38.43 -58.95 15.19
C SER F 47 37.45 -59.50 14.16
N MET F 48 36.97 -58.63 13.26
CA MET F 48 36.05 -59.05 12.20
C MET F 48 36.78 -59.87 11.13
N LEU F 49 37.95 -59.40 10.73
CA LEU F 49 38.78 -60.12 9.77
C LEU F 49 39.14 -61.52 10.28
N GLN F 50 39.43 -61.60 11.58
CA GLN F 50 39.68 -62.87 12.27
C GLN F 50 38.43 -63.75 12.27
N ASP F 51 37.28 -63.16 12.58
CA ASP F 51 36.04 -63.93 12.65
C ASP F 51 35.62 -64.46 11.28
N MET F 52 35.83 -63.66 10.23
CA MET F 52 35.55 -64.10 8.86
C MET F 52 36.64 -65.04 8.36
N ASN F 53 37.70 -65.15 9.16
CA ASN F 53 38.83 -66.07 8.92
C ASN F 53 39.71 -65.71 7.70
N PHE F 54 39.72 -64.43 7.34
CA PHE F 54 40.53 -63.99 6.20
C PHE F 54 42.02 -63.93 6.51
N ILE F 55 42.36 -63.76 7.78
CA ILE F 55 43.76 -63.74 8.21
C ILE F 55 44.45 -65.09 7.96
N ASN F 56 43.87 -66.17 8.48
CA ASN F 56 44.37 -67.52 8.24
C ASN F 56 44.25 -67.93 6.77
N ASN F 57 43.11 -67.64 6.17
CA ASN F 57 42.81 -67.99 4.78
C ASN F 57 43.85 -67.44 3.80
N TYR F 58 44.17 -66.16 3.92
CA TYR F 58 45.07 -65.50 2.97
C TYR F 58 46.47 -65.26 3.52
N LYS F 59 46.78 -65.90 4.64
CA LYS F 59 48.09 -65.81 5.27
C LYS F 59 48.55 -64.35 5.42
N ILE F 60 47.66 -63.55 5.98
CA ILE F 60 47.93 -62.14 6.24
C ILE F 60 48.88 -61.99 7.41
N ASP F 61 49.92 -61.20 7.23
CA ASP F 61 50.84 -60.85 8.31
C ASP F 61 50.16 -59.82 9.21
N CYS F 62 49.90 -60.21 10.46
CA CYS F 62 49.17 -59.37 11.42
C CYS F 62 49.81 -58.01 11.74
N PRO F 63 51.15 -57.95 11.85
CA PRO F 63 51.81 -56.64 11.98
C PRO F 63 51.53 -55.71 10.79
N THR F 64 51.62 -56.26 9.58
CA THR F 64 51.30 -55.52 8.37
C THR F 64 49.83 -55.09 8.39
N LEU F 65 48.95 -55.99 8.83
CA LEU F 65 47.52 -55.72 8.90
C LEU F 65 47.21 -54.63 9.94
N ALA F 66 47.91 -54.67 11.07
CA ALA F 66 47.82 -53.60 12.07
C ALA F 66 48.21 -52.26 11.44
N ARG F 67 49.39 -52.21 10.82
CA ARG F 67 49.90 -50.99 10.22
C ARG F 67 48.97 -50.46 9.12
N PHE F 68 48.45 -51.37 8.29
CA PHE F 68 47.49 -51.02 7.24
C PHE F 68 46.24 -50.36 7.81
N CYS F 69 45.63 -51.00 8.81
CA CYS F 69 44.42 -50.49 9.45
C CYS F 69 44.62 -49.10 10.03
N LEU F 70 45.76 -48.88 10.68
CA LEU F 70 46.10 -47.58 11.24
C LEU F 70 46.30 -46.53 10.15
N MET F 71 47.01 -46.91 9.08
CA MET F 71 47.20 -46.02 7.93
C MET F 71 45.87 -45.60 7.30
N VAL F 72 44.99 -46.58 7.10
CA VAL F 72 43.65 -46.34 6.59
C VAL F 72 42.89 -45.38 7.50
N LYS F 73 42.82 -45.71 8.79
CA LYS F 73 42.20 -44.85 9.79
C LYS F 73 42.74 -43.43 9.71
N LYS F 74 44.04 -43.31 9.54
CA LYS F 74 44.74 -42.03 9.48
C LYS F 74 44.43 -41.28 8.17
N GLY F 75 44.23 -42.04 7.09
CA GLY F 75 43.95 -41.45 5.78
C GLY F 75 42.56 -40.83 5.65
N TYR F 76 41.79 -40.84 6.74
CA TYR F 76 40.51 -40.16 6.78
C TYR F 76 40.65 -38.81 7.47
N ARG F 77 40.18 -37.76 6.80
CA ARG F 77 40.12 -36.42 7.39
C ARG F 77 38.98 -36.35 8.41
N ASP F 78 38.66 -35.15 8.87
CA ASP F 78 37.64 -35.01 9.89
C ASP F 78 36.45 -34.11 9.50
N PRO F 79 35.85 -34.33 8.30
CA PRO F 79 34.61 -33.61 8.05
C PRO F 79 33.49 -34.20 8.91
N PRO F 80 32.30 -33.55 8.94
CA PRO F 80 31.26 -33.98 9.87
C PRO F 80 30.81 -35.44 9.66
N TYR F 81 30.66 -35.86 8.41
CA TYR F 81 30.17 -37.20 8.12
C TYR F 81 31.24 -38.17 7.59
N HIS F 82 31.97 -37.76 6.56
CA HIS F 82 32.92 -38.66 5.89
C HIS F 82 34.27 -38.76 6.62
N ASN F 83 34.21 -39.27 7.84
CA ASN F 83 35.38 -39.49 8.67
C ASN F 83 35.55 -40.99 8.91
N TRP F 84 36.58 -41.37 9.67
CA TRP F 84 36.85 -42.78 9.96
C TRP F 84 35.64 -43.55 10.47
N MET F 85 34.84 -42.92 11.32
CA MET F 85 33.68 -43.57 11.93
C MET F 85 32.63 -44.00 10.91
N HIS F 86 32.50 -43.23 9.82
CA HIS F 86 31.69 -43.67 8.69
C HIS F 86 32.27 -44.95 8.09
N ALA F 87 33.56 -44.91 7.77
CA ALA F 87 34.27 -46.04 7.17
C ALA F 87 34.17 -47.29 8.04
N PHE F 88 34.36 -47.10 9.34
CA PHE F 88 34.26 -48.19 10.29
C PHE F 88 32.86 -48.80 10.32
N SER F 89 31.84 -47.93 10.38
CA SER F 89 30.46 -48.40 10.41
C SER F 89 30.05 -49.11 9.12
N VAL F 90 30.58 -48.63 8.00
CA VAL F 90 30.36 -49.27 6.70
C VAL F 90 31.01 -50.65 6.67
N SER F 91 32.25 -50.73 7.18
CA SER F 91 32.99 -51.98 7.27
C SER F 91 32.29 -52.98 8.18
N HIS F 92 31.74 -52.47 9.28
CA HIS F 92 30.97 -53.29 10.20
C HIS F 92 29.77 -53.93 9.53
N PHE F 93 29.08 -53.17 8.67
CA PHE F 93 27.89 -53.67 7.99
C PHE F 93 28.22 -54.80 7.01
N CYS F 94 29.34 -54.65 6.30
CA CYS F 94 29.85 -55.70 5.43
C CYS F 94 30.01 -57.01 6.19
N TYR F 95 30.62 -56.91 7.37
CA TYR F 95 30.80 -58.05 8.26
C TYR F 95 29.45 -58.67 8.65
N LEU F 96 28.47 -57.82 8.94
CA LEU F 96 27.11 -58.26 9.29
C LEU F 96 26.49 -59.06 8.16
N LEU F 97 26.68 -58.58 6.93
CA LEU F 97 26.16 -59.24 5.75
C LEU F 97 26.77 -60.62 5.61
N TYR F 98 28.07 -60.72 5.85
CA TYR F 98 28.77 -62.01 5.87
C TYR F 98 28.21 -62.96 6.94
N LYS F 99 27.92 -62.41 8.12
CA LYS F 99 27.49 -63.22 9.26
C LYS F 99 26.03 -63.62 9.21
N ASN F 100 25.21 -62.80 8.57
CA ASN F 100 23.76 -62.97 8.60
C ASN F 100 23.14 -63.51 7.30
N LEU F 101 23.78 -63.23 6.17
CA LEU F 101 23.21 -63.60 4.87
C LEU F 101 23.87 -64.80 4.20
N GLU F 102 24.99 -65.27 4.77
CA GLU F 102 25.78 -66.36 4.18
C GLU F 102 26.13 -66.03 2.73
N LEU F 103 27.04 -65.08 2.58
CA LEU F 103 27.46 -64.59 1.26
C LEU F 103 28.30 -65.61 0.50
N THR F 104 28.78 -66.63 1.20
CA THR F 104 29.62 -67.68 0.61
C THR F 104 28.89 -68.53 -0.44
N ASN F 105 27.55 -68.51 -0.41
CA ASN F 105 26.73 -69.16 -1.42
C ASN F 105 26.65 -68.36 -2.71
N TYR F 106 27.11 -67.12 -2.66
CA TYR F 106 26.98 -66.17 -3.76
C TYR F 106 28.33 -65.72 -4.29
N LEU F 107 29.28 -65.53 -3.39
CA LEU F 107 30.56 -64.92 -3.72
C LEU F 107 31.75 -65.79 -3.34
N GLU F 108 32.82 -65.65 -4.12
CA GLU F 108 34.12 -66.26 -3.81
C GLU F 108 34.68 -65.63 -2.54
N ASP F 109 35.58 -66.33 -1.88
CA ASP F 109 36.20 -65.83 -0.66
C ASP F 109 36.94 -64.51 -0.90
N ILE F 110 37.69 -64.46 -2.00
CA ILE F 110 38.46 -63.26 -2.36
C ILE F 110 37.56 -62.05 -2.64
N GLU F 111 36.36 -62.30 -3.17
CA GLU F 111 35.40 -61.24 -3.47
C GLU F 111 34.85 -60.60 -2.20
N ILE F 112 34.49 -61.43 -1.23
CA ILE F 112 34.03 -60.95 0.07
C ILE F 112 35.14 -60.19 0.78
N PHE F 113 36.36 -60.74 0.71
CA PHE F 113 37.53 -60.09 1.30
C PHE F 113 37.78 -58.71 0.67
N ALA F 114 37.75 -58.64 -0.64
CA ALA F 114 37.90 -57.37 -1.35
C ALA F 114 36.81 -56.38 -0.97
N LEU F 115 35.60 -56.88 -0.74
CA LEU F 115 34.49 -56.03 -0.33
C LEU F 115 34.77 -55.36 1.01
N PHE F 116 35.22 -56.13 2.00
CA PHE F 116 35.49 -55.60 3.34
C PHE F 116 36.62 -54.57 3.36
N ILE F 117 37.71 -54.86 2.66
CA ILE F 117 38.84 -53.92 2.55
C ILE F 117 38.40 -52.65 1.81
N SER F 118 37.55 -52.81 0.80
CA SER F 118 37.02 -51.68 0.05
C SER F 118 36.14 -50.77 0.92
N CYS F 119 35.30 -51.38 1.77
CA CYS F 119 34.50 -50.63 2.74
C CYS F 119 35.38 -49.77 3.63
N MET F 120 36.49 -50.33 4.08
CA MET F 120 37.47 -49.62 4.90
C MET F 120 38.05 -48.43 4.15
N CYS F 121 38.28 -48.61 2.85
CA CYS F 121 39.02 -47.65 2.05
C CYS F 121 38.16 -46.70 1.21
N HIS F 122 36.85 -46.96 1.15
CA HIS F 122 35.98 -46.37 0.10
C HIS F 122 35.81 -44.85 0.13
N ASP F 123 36.06 -44.20 1.26
CA ASP F 123 35.97 -42.74 1.35
C ASP F 123 37.29 -42.08 1.80
N LEU F 124 38.40 -42.77 1.61
CA LEU F 124 39.72 -42.24 2.01
C LEU F 124 40.00 -40.82 1.50
N ASP F 125 40.45 -39.96 2.41
CA ASP F 125 40.84 -38.58 2.12
C ASP F 125 39.67 -37.73 1.63
N HIS F 126 38.47 -38.09 2.07
CA HIS F 126 37.27 -37.30 1.80
C HIS F 126 37.36 -35.94 2.49
N ARG F 127 36.99 -34.88 1.76
CA ARG F 127 37.17 -33.51 2.23
C ARG F 127 35.88 -32.86 2.73
N GLY F 128 34.77 -33.60 2.63
CA GLY F 128 33.45 -33.05 2.95
C GLY F 128 32.84 -32.33 1.76
N THR F 129 33.42 -32.53 0.58
CA THR F 129 32.88 -32.00 -0.68
C THR F 129 32.60 -33.15 -1.65
N ASN F 130 31.52 -33.01 -2.43
CA ASN F 130 31.14 -34.03 -3.41
C ASN F 130 31.80 -33.85 -4.79
N ASN F 131 31.38 -34.68 -5.75
CA ASN F 131 31.99 -34.71 -7.08
C ASN F 131 31.84 -33.43 -7.90
N SER F 132 30.70 -32.77 -7.79
CA SER F 132 30.43 -31.54 -8.53
C SER F 132 31.32 -30.37 -8.08
N PHE F 133 31.84 -30.47 -6.86
CA PHE F 133 32.82 -29.51 -6.34
C PHE F 133 34.17 -29.65 -7.06
N GLN F 134 34.46 -30.85 -7.53
CA GLN F 134 35.71 -31.16 -8.23
C GLN F 134 35.59 -30.95 -9.74
N SER F 147 35.73 -34.47 -16.48
CA SER F 147 36.32 -35.79 -16.50
C SER F 147 35.26 -36.85 -16.86
N GLU F 148 35.57 -38.13 -16.58
CA GLU F 148 34.64 -39.22 -16.86
C GLU F 148 33.86 -39.68 -15.62
N GLY F 149 33.49 -38.72 -14.77
CA GLY F 149 32.69 -39.01 -13.58
C GLY F 149 33.46 -39.66 -12.45
N SER F 150 32.76 -39.93 -11.35
CA SER F 150 33.31 -40.63 -10.17
C SER F 150 34.69 -40.12 -9.73
N VAL F 151 34.88 -38.80 -9.73
CA VAL F 151 36.19 -38.19 -9.44
C VAL F 151 36.68 -38.49 -8.03
N MET F 152 35.80 -38.35 -7.03
CA MET F 152 36.18 -38.62 -5.65
C MET F 152 36.43 -40.11 -5.41
N GLU F 153 35.54 -40.95 -5.94
CA GLU F 153 35.66 -42.40 -5.80
C GLU F 153 36.97 -42.91 -6.39
N ARG F 154 37.36 -42.36 -7.55
CA ARG F 154 38.64 -42.67 -8.17
C ARG F 154 39.80 -42.23 -7.28
N HIS F 155 39.68 -41.05 -6.69
CA HIS F 155 40.66 -40.53 -5.73
C HIS F 155 40.74 -41.46 -4.51
N HIS F 156 39.59 -41.86 -3.99
CA HIS F 156 39.51 -42.80 -2.87
C HIS F 156 40.32 -44.08 -3.15
N PHE F 157 40.18 -44.61 -4.37
CA PHE F 157 40.93 -45.81 -4.77
C PHE F 157 42.44 -45.55 -4.83
N ALA F 158 42.83 -44.45 -5.48
CA ALA F 158 44.25 -44.11 -5.59
C ALA F 158 44.93 -43.98 -4.22
N GLN F 159 44.18 -43.45 -3.25
CA GLN F 159 44.65 -43.34 -1.86
C GLN F 159 44.87 -44.71 -1.24
N ALA F 160 43.95 -45.65 -1.50
CA ALA F 160 44.06 -47.02 -1.01
C ALA F 160 45.31 -47.69 -1.57
N ILE F 161 45.56 -47.49 -2.87
CA ILE F 161 46.77 -48.00 -3.52
C ILE F 161 48.02 -47.39 -2.90
N ALA F 162 47.99 -46.08 -2.68
CA ALA F 162 49.11 -45.34 -2.09
C ALA F 162 49.50 -45.86 -0.72
N ILE F 163 48.51 -46.33 0.05
CA ILE F 163 48.74 -46.95 1.35
C ILE F 163 49.38 -48.34 1.17
N LEU F 164 48.87 -49.11 0.21
CA LEU F 164 49.42 -50.43 -0.08
C LEU F 164 50.87 -50.37 -0.53
N ASN F 165 51.24 -49.27 -1.21
CA ASN F 165 52.61 -49.06 -1.67
C ASN F 165 53.49 -48.38 -0.63
N THR F 166 52.96 -48.24 0.60
CA THR F 166 53.74 -47.73 1.72
C THR F 166 54.42 -48.92 2.40
N HIS F 167 55.72 -48.78 2.65
CA HIS F 167 56.50 -49.85 3.27
C HIS F 167 55.86 -50.33 4.57
N GLY F 168 55.75 -51.64 4.71
CA GLY F 168 55.17 -52.26 5.90
C GLY F 168 53.64 -52.26 5.96
N CYS F 169 53.00 -51.78 4.89
CA CYS F 169 51.54 -51.66 4.86
C CYS F 169 50.84 -52.51 3.80
N ASN F 170 51.61 -53.16 2.92
CA ASN F 170 51.00 -53.99 1.90
C ASN F 170 50.60 -55.36 2.42
N ILE F 171 49.32 -55.49 2.75
CA ILE F 171 48.76 -56.74 3.25
C ILE F 171 48.63 -57.82 2.17
N PHE F 172 48.84 -57.45 0.91
CA PHE F 172 48.77 -58.39 -0.20
C PHE F 172 50.13 -58.63 -0.87
N ASP F 173 51.22 -58.23 -0.21
CA ASP F 173 52.55 -58.31 -0.81
C ASP F 173 53.05 -59.74 -1.04
N HIS F 174 52.37 -60.70 -0.42
CA HIS F 174 52.67 -62.12 -0.57
C HIS F 174 51.73 -62.84 -1.55
N PHE F 175 50.77 -62.10 -2.13
CA PHE F 175 49.85 -62.66 -3.11
C PHE F 175 50.57 -62.95 -4.42
N SER F 176 50.07 -63.93 -5.17
CA SER F 176 50.56 -64.19 -6.52
C SER F 176 50.26 -63.00 -7.43
N ARG F 177 50.99 -62.87 -8.53
CA ARG F 177 50.76 -61.78 -9.48
C ARG F 177 49.30 -61.75 -9.92
N LYS F 178 48.73 -62.92 -10.19
CA LYS F 178 47.33 -63.05 -10.58
C LYS F 178 46.38 -62.56 -9.48
N ASP F 179 46.60 -63.01 -8.26
CA ASP F 179 45.75 -62.64 -7.13
C ASP F 179 45.92 -61.19 -6.68
N TYR F 180 47.13 -60.65 -6.86
CA TYR F 180 47.38 -59.25 -6.52
C TYR F 180 46.60 -58.31 -7.43
N GLN F 181 46.60 -58.60 -8.73
CA GLN F 181 45.89 -57.78 -9.69
C GLN F 181 44.37 -57.93 -9.53
N ARG F 182 43.91 -59.17 -9.32
CA ARG F 182 42.50 -59.45 -9.08
C ARG F 182 41.96 -58.64 -7.89
N MET F 183 42.71 -58.67 -6.78
CA MET F 183 42.35 -57.92 -5.57
C MET F 183 42.23 -56.42 -5.84
N LEU F 184 43.22 -55.85 -6.53
CA LEU F 184 43.21 -54.44 -6.89
C LEU F 184 42.07 -54.08 -7.84
N ASP F 185 41.79 -54.98 -8.79
CA ASP F 185 40.68 -54.79 -9.72
C ASP F 185 39.32 -54.84 -9.02
N LEU F 186 39.17 -55.75 -8.06
CA LEU F 186 37.95 -55.84 -7.27
C LEU F 186 37.75 -54.58 -6.43
N MET F 187 38.84 -54.11 -5.82
CA MET F 187 38.80 -52.90 -4.99
C MET F 187 38.39 -51.67 -5.79
N ARG F 188 38.99 -51.52 -6.97
CA ARG F 188 38.63 -50.43 -7.88
C ARG F 188 37.14 -50.46 -8.23
N ASP F 189 36.65 -51.62 -8.63
CA ASP F 189 35.25 -51.78 -9.04
C ASP F 189 34.27 -51.52 -7.91
N ILE F 190 34.60 -52.01 -6.72
CA ILE F 190 33.72 -51.86 -5.56
C ILE F 190 33.70 -50.41 -5.06
N ILE F 191 34.86 -49.78 -4.99
CA ILE F 191 34.96 -48.37 -4.60
C ILE F 191 34.27 -47.45 -5.63
N LEU F 192 34.42 -47.75 -6.91
CA LEU F 192 33.71 -46.98 -7.94
C LEU F 192 32.19 -47.16 -7.88
N ALA F 193 31.76 -48.29 -7.35
CA ALA F 193 30.33 -48.58 -7.19
C ALA F 193 29.65 -47.69 -6.15
N THR F 194 30.45 -46.99 -5.33
CA THR F 194 29.90 -46.09 -4.31
C THR F 194 29.38 -44.77 -4.88
N ASP F 195 29.72 -44.51 -6.14
CA ASP F 195 29.18 -43.34 -6.85
C ASP F 195 27.72 -43.60 -7.18
N LEU F 196 26.86 -42.69 -6.74
CA LEU F 196 25.42 -42.78 -6.99
C LEU F 196 25.11 -42.99 -8.48
N ALA F 197 25.83 -42.26 -9.33
CA ALA F 197 25.68 -42.38 -10.79
C ALA F 197 25.93 -43.80 -11.30
N HIS F 198 26.97 -44.45 -10.77
CA HIS F 198 27.26 -45.84 -11.10
C HIS F 198 26.08 -46.72 -10.75
N HIS F 199 25.54 -46.53 -9.54
CA HIS F 199 24.40 -47.31 -9.04
C HIS F 199 23.18 -47.17 -9.94
N LEU F 200 22.93 -45.95 -10.39
CA LEU F 200 21.79 -45.64 -11.23
C LEU F 200 21.95 -46.22 -12.65
N ARG F 201 23.18 -46.30 -13.12
CA ARG F 201 23.48 -46.98 -14.38
C ARG F 201 23.13 -48.47 -14.28
N ILE F 202 23.65 -49.13 -13.25
CA ILE F 202 23.52 -50.59 -13.14
C ILE F 202 22.20 -51.04 -12.51
N PHE F 203 21.36 -50.08 -12.14
CA PHE F 203 20.12 -50.38 -11.41
C PHE F 203 19.21 -51.37 -12.13
N LYS F 204 19.00 -51.16 -13.43
CA LYS F 204 18.17 -52.06 -14.25
C LYS F 204 18.77 -53.47 -14.28
N ASP F 205 20.09 -53.56 -14.35
CA ASP F 205 20.80 -54.84 -14.35
C ASP F 205 20.62 -55.57 -13.01
N LEU F 206 20.61 -54.80 -11.92
CA LEU F 206 20.36 -55.36 -10.59
C LEU F 206 18.94 -55.90 -10.47
N GLN F 207 17.98 -55.15 -11.00
CA GLN F 207 16.58 -55.57 -11.02
C GLN F 207 16.39 -56.85 -11.82
N LYS F 208 17.03 -56.92 -12.99
CA LYS F 208 16.99 -58.11 -13.84
C LYS F 208 17.58 -59.33 -13.11
N MET F 209 18.71 -59.12 -12.42
CA MET F 209 19.34 -60.18 -11.62
C MET F 209 18.41 -60.66 -10.50
N ALA F 210 17.78 -59.71 -9.81
CA ALA F 210 16.88 -60.02 -8.70
C ALA F 210 15.67 -60.85 -9.14
N GLU F 211 15.12 -60.52 -10.31
CA GLU F 211 13.91 -61.18 -10.82
C GLU F 211 14.16 -62.58 -11.40
N VAL F 212 15.25 -62.75 -12.15
CA VAL F 212 15.59 -64.05 -12.75
C VAL F 212 16.09 -65.04 -11.69
N GLY F 213 16.62 -64.51 -10.60
CA GLY F 213 17.24 -65.31 -9.56
C GLY F 213 18.74 -65.34 -9.76
N TYR F 214 19.49 -65.21 -8.67
CA TYR F 214 20.95 -65.15 -8.71
C TYR F 214 21.57 -66.45 -9.24
N ASP F 215 22.49 -66.31 -10.18
CA ASP F 215 23.22 -67.44 -10.73
C ASP F 215 24.69 -67.34 -10.36
N ARG F 216 25.14 -68.26 -9.49
CA ARG F 216 26.52 -68.23 -9.00
C ARG F 216 27.55 -68.45 -10.11
N ASN F 217 27.18 -69.21 -11.14
CA ASN F 217 28.06 -69.45 -12.29
C ASN F 217 28.16 -68.27 -13.26
N ASN F 218 27.33 -67.25 -13.04
CA ASN F 218 27.31 -66.05 -13.87
C ASN F 218 28.30 -65.00 -13.33
N LYS F 219 29.35 -64.74 -14.10
CA LYS F 219 30.40 -63.80 -13.70
C LYS F 219 29.89 -62.39 -13.47
N GLN F 220 28.93 -61.96 -14.31
CA GLN F 220 28.34 -60.64 -14.21
C GLN F 220 27.45 -60.51 -12.96
N HIS F 221 26.82 -61.60 -12.56
CA HIS F 221 26.03 -61.62 -11.32
C HIS F 221 26.89 -61.36 -10.09
N HIS F 222 28.12 -61.89 -10.08
CA HIS F 222 29.08 -61.64 -9.02
C HIS F 222 29.39 -60.14 -8.92
N ARG F 223 29.69 -59.55 -10.07
CA ARG F 223 30.07 -58.14 -10.15
C ARG F 223 28.94 -57.20 -9.75
N LEU F 224 27.73 -57.51 -10.20
CA LEU F 224 26.56 -56.72 -9.86
C LEU F 224 26.27 -56.79 -8.36
N LEU F 225 26.36 -57.99 -7.79
CA LEU F 225 26.07 -58.19 -6.36
C LEU F 225 27.02 -57.42 -5.46
N LEU F 226 28.31 -57.46 -5.79
CA LEU F 226 29.32 -56.71 -5.05
C LEU F 226 28.99 -55.22 -5.01
N CYS F 227 28.56 -54.68 -6.16
CA CYS F 227 28.13 -53.29 -6.25
C CYS F 227 26.91 -53.00 -5.38
N LEU F 228 25.95 -53.94 -5.35
CA LEU F 228 24.78 -53.79 -4.50
C LEU F 228 25.14 -53.82 -3.01
N LEU F 229 25.93 -54.80 -2.61
CA LEU F 229 26.33 -54.95 -1.21
C LEU F 229 27.12 -53.73 -0.71
N MET F 230 27.95 -53.16 -1.58
CA MET F 230 28.75 -51.99 -1.24
C MET F 230 27.86 -50.78 -0.98
N THR F 231 26.90 -50.55 -1.88
CA THR F 231 25.96 -49.42 -1.70
C THR F 231 25.10 -49.62 -0.47
N SER F 232 24.77 -50.87 -0.17
CA SER F 232 23.96 -51.20 1.01
C SER F 232 24.76 -51.00 2.30
N CYS F 233 26.06 -51.23 2.24
CA CYS F 233 26.97 -50.91 3.34
C CYS F 233 27.13 -49.42 3.50
N ASP F 234 27.28 -48.71 2.37
CA ASP F 234 27.52 -47.27 2.36
C ASP F 234 26.35 -46.50 2.98
N LEU F 235 25.13 -47.03 2.81
CA LEU F 235 23.92 -46.38 3.33
C LEU F 235 23.36 -47.04 4.59
N SER F 236 24.18 -47.87 5.24
CA SER F 236 23.72 -48.73 6.34
C SER F 236 23.22 -47.99 7.59
N ASP F 237 23.56 -46.71 7.72
CA ASP F 237 23.07 -45.88 8.84
C ASP F 237 21.55 -45.77 8.85
N GLN F 238 20.93 -46.00 7.69
CA GLN F 238 19.48 -45.90 7.53
C GLN F 238 18.74 -47.17 7.94
N THR F 239 19.49 -48.22 8.27
CA THR F 239 18.92 -49.52 8.62
C THR F 239 18.85 -49.73 10.13
N LYS F 240 19.29 -48.73 10.89
CA LYS F 240 19.26 -48.79 12.35
C LYS F 240 17.98 -48.14 12.88
N GLY F 241 18.01 -47.67 14.13
CA GLY F 241 16.86 -47.01 14.73
C GLY F 241 16.72 -45.57 14.29
N TRP F 242 15.79 -44.85 14.93
CA TRP F 242 15.56 -43.45 14.63
C TRP F 242 16.74 -42.57 15.02
N LYS F 243 17.35 -42.86 16.15
CA LYS F 243 18.45 -42.07 16.70
C LYS F 243 19.61 -41.96 15.70
N THR F 244 19.93 -43.07 15.03
CA THR F 244 21.04 -43.13 14.09
C THR F 244 20.76 -42.33 12.80
N THR F 245 19.59 -42.56 12.19
CA THR F 245 19.22 -41.85 10.97
C THR F 245 19.05 -40.34 11.19
N ARG F 246 18.63 -39.97 12.40
CA ARG F 246 18.51 -38.56 12.77
C ARG F 246 19.87 -37.91 12.97
N LYS F 247 20.78 -38.59 13.66
CA LYS F 247 22.12 -38.05 13.92
C LYS F 247 22.98 -37.98 12.65
N ILE F 248 22.89 -39.02 11.83
CA ILE F 248 23.61 -39.07 10.55
C ILE F 248 23.13 -37.95 9.61
N ALA F 249 21.84 -37.67 9.64
CA ALA F 249 21.25 -36.56 8.90
C ALA F 249 21.86 -35.22 9.31
N GLU F 250 21.97 -34.99 10.62
CA GLU F 250 22.65 -33.79 11.15
C GLU F 250 24.02 -33.66 10.49
N LEU F 251 24.81 -34.73 10.58
CA LEU F 251 26.18 -34.76 10.09
C LEU F 251 26.27 -34.51 8.59
N ILE F 252 25.38 -35.14 7.84
CA ILE F 252 25.35 -35.00 6.38
C ILE F 252 24.98 -33.57 5.94
N TYR F 253 23.94 -33.01 6.54
CA TYR F 253 23.51 -31.67 6.18
C TYR F 253 24.52 -30.62 6.65
N LYS F 254 25.09 -30.82 7.84
CA LYS F 254 26.17 -29.97 8.31
C LYS F 254 27.30 -29.96 7.30
N GLU F 255 27.64 -31.14 6.79
CA GLU F 255 28.66 -31.29 5.76
C GLU F 255 28.25 -30.62 4.44
N PHE F 256 26.99 -30.84 4.03
CA PHE F 256 26.49 -30.32 2.76
C PHE F 256 26.46 -28.80 2.75
N PHE F 257 25.97 -28.22 3.84
CA PHE F 257 25.83 -26.77 3.95
C PHE F 257 27.17 -26.06 4.09
N SER F 258 28.15 -26.74 4.72
CA SER F 258 29.51 -26.22 4.79
C SER F 258 30.14 -26.11 3.39
N GLN F 259 29.84 -27.08 2.52
CA GLN F 259 30.25 -27.00 1.12
C GLN F 259 29.58 -25.81 0.42
N GLY F 260 28.29 -25.62 0.70
CA GLY F 260 27.53 -24.51 0.17
C GLY F 260 28.13 -23.16 0.54
N ASP F 261 28.47 -23.03 1.82
CA ASP F 261 29.13 -21.82 2.33
C ASP F 261 30.46 -21.56 1.64
N LEU F 262 31.24 -22.61 1.41
CA LEU F 262 32.51 -22.52 0.69
C LEU F 262 32.29 -22.10 -0.75
N GLU F 263 31.34 -22.75 -1.44
CA GLU F 263 31.01 -22.44 -2.83
C GLU F 263 30.52 -21.01 -3.01
N LYS F 264 29.77 -20.50 -2.03
CA LYS F 264 29.33 -19.11 -2.01
C LYS F 264 30.52 -18.15 -1.92
N ALA F 265 31.48 -18.47 -1.07
CA ALA F 265 32.66 -17.65 -0.83
C ALA F 265 33.52 -17.45 -2.08
N MET F 266 33.65 -18.48 -2.91
CA MET F 266 34.39 -18.39 -4.16
C MET F 266 33.62 -17.62 -5.23
N GLY F 267 32.35 -17.35 -4.96
CA GLY F 267 31.49 -16.56 -5.85
C GLY F 267 30.70 -17.40 -6.82
N ASN F 268 30.39 -18.64 -6.42
CA ASN F 268 29.58 -19.53 -7.25
C ASN F 268 28.27 -19.90 -6.56
N ARG F 269 27.27 -20.25 -7.38
CA ARG F 269 25.98 -20.69 -6.88
C ARG F 269 26.03 -22.15 -6.43
N PRO F 270 25.82 -22.39 -5.12
CA PRO F 270 25.75 -23.78 -4.66
C PRO F 270 24.42 -24.41 -5.05
N MET F 271 24.40 -25.73 -5.19
CA MET F 271 23.17 -26.46 -5.45
C MET F 271 22.17 -26.20 -4.32
N GLU F 272 20.88 -26.32 -4.63
CA GLU F 272 19.81 -26.06 -3.65
C GLU F 272 20.02 -26.83 -2.34
N MET F 273 20.31 -28.12 -2.45
CA MET F 273 20.48 -28.98 -1.28
C MET F 273 21.75 -28.69 -0.48
N MET F 274 22.61 -27.84 -1.03
CA MET F 274 23.86 -27.44 -0.36
C MET F 274 23.72 -26.05 0.27
N ASP F 275 22.65 -25.34 -0.10
CA ASP F 275 22.39 -23.98 0.37
C ASP F 275 21.54 -24.00 1.64
N ARG F 276 22.12 -23.60 2.77
CA ARG F 276 21.40 -23.59 4.04
C ARG F 276 20.22 -22.60 4.06
N GLU F 277 20.16 -21.72 3.07
CA GLU F 277 19.08 -20.74 2.97
C GLU F 277 17.91 -21.28 2.15
N LYS F 278 18.17 -22.24 1.29
CA LYS F 278 17.16 -22.76 0.38
C LYS F 278 16.72 -24.19 0.71
N ALA F 279 17.64 -25.00 1.22
CA ALA F 279 17.40 -26.42 1.45
C ALA F 279 16.36 -26.68 2.52
N TYR F 280 15.35 -27.47 2.17
CA TYR F 280 14.34 -27.89 3.11
C TYR F 280 14.56 -29.37 3.41
N ILE F 281 14.98 -29.65 4.64
CA ILE F 281 15.45 -30.98 5.05
C ILE F 281 14.43 -32.13 4.86
N PRO F 282 13.19 -31.98 5.38
CA PRO F 282 12.22 -33.07 5.23
C PRO F 282 12.04 -33.50 3.79
N GLU F 283 11.93 -32.54 2.88
CA GLU F 283 11.87 -32.79 1.45
C GLU F 283 13.09 -33.60 0.97
N LEU F 284 14.27 -33.17 1.39
CA LEU F 284 15.53 -33.82 1.00
C LEU F 284 15.75 -35.21 1.63
N GLN F 285 15.43 -35.35 2.92
CA GLN F 285 15.56 -36.65 3.61
C GLN F 285 14.67 -37.70 2.96
N ILE F 286 13.36 -37.41 2.92
CA ILE F 286 12.36 -38.36 2.43
C ILE F 286 12.62 -38.75 0.98
N SER F 287 12.97 -37.78 0.13
CA SER F 287 13.35 -38.08 -1.25
C SER F 287 14.50 -39.07 -1.29
N PHE F 288 15.55 -38.79 -0.52
CA PHE F 288 16.70 -39.68 -0.43
C PHE F 288 16.28 -41.07 0.07
N MET F 289 15.54 -41.10 1.17
CA MET F 289 15.04 -42.34 1.79
C MET F 289 14.32 -43.25 0.80
N GLU F 290 13.33 -42.69 0.09
CA GLU F 290 12.41 -43.52 -0.69
C GLU F 290 12.82 -43.72 -2.15
N HIS F 291 13.60 -42.78 -2.68
CA HIS F 291 14.04 -42.87 -4.08
C HIS F 291 15.42 -43.50 -4.24
N ILE F 292 16.23 -43.45 -3.17
CA ILE F 292 17.60 -43.99 -3.24
C ILE F 292 17.82 -45.13 -2.25
N ALA F 293 17.64 -44.85 -0.96
CA ALA F 293 17.94 -45.83 0.10
C ALA F 293 17.04 -47.07 0.06
N MET F 294 15.73 -46.86 0.03
CA MET F 294 14.76 -47.95 0.07
C MET F 294 14.81 -48.94 -1.10
N PRO F 295 15.00 -48.45 -2.34
CA PRO F 295 15.13 -49.41 -3.44
C PRO F 295 16.37 -50.30 -3.32
N ILE F 296 17.43 -49.80 -2.69
CA ILE F 296 18.64 -50.58 -2.48
C ILE F 296 18.39 -51.76 -1.53
N TYR F 297 17.71 -51.50 -0.42
CA TYR F 297 17.40 -52.56 0.54
C TYR F 297 16.21 -53.42 0.12
N LYS F 298 15.42 -52.93 -0.83
CA LYS F 298 14.37 -53.74 -1.46
C LYS F 298 15.04 -54.81 -2.32
N LEU F 299 15.94 -54.39 -3.21
CA LEU F 299 16.71 -55.31 -4.03
C LEU F 299 17.47 -56.32 -3.19
N LEU F 300 18.03 -55.85 -2.08
CA LEU F 300 18.75 -56.71 -1.14
C LEU F 300 17.80 -57.76 -0.53
N GLN F 301 16.59 -57.35 -0.19
CA GLN F 301 15.55 -58.27 0.27
C GLN F 301 15.17 -59.28 -0.82
N ASP F 302 15.05 -58.81 -2.06
CA ASP F 302 14.74 -59.66 -3.21
C ASP F 302 15.74 -60.80 -3.39
N LEU F 303 17.01 -60.52 -3.10
CA LEU F 303 18.07 -61.51 -3.25
C LEU F 303 18.35 -62.30 -1.98
N PHE F 304 18.10 -61.67 -0.84
CA PHE F 304 18.35 -62.29 0.47
C PHE F 304 17.12 -62.13 1.35
N PRO F 305 16.36 -63.22 1.56
CA PRO F 305 15.18 -63.21 2.42
C PRO F 305 15.47 -62.73 3.84
N LYS F 306 16.64 -63.10 4.38
CA LYS F 306 17.05 -62.69 5.73
C LYS F 306 17.36 -61.19 5.85
N ALA F 307 17.47 -60.50 4.72
CA ALA F 307 17.71 -59.05 4.72
C ALA F 307 16.40 -58.25 4.74
N ALA F 308 15.29 -58.95 4.95
CA ALA F 308 13.95 -58.33 4.99
C ALA F 308 13.84 -57.30 6.11
N GLU F 309 14.38 -57.62 7.28
CA GLU F 309 14.32 -56.72 8.43
C GLU F 309 15.04 -55.39 8.18
N LEU F 310 15.99 -55.39 7.26
CA LEU F 310 16.71 -54.18 6.88
C LEU F 310 15.82 -53.23 6.10
N TYR F 311 15.10 -53.75 5.11
CA TYR F 311 14.13 -52.96 4.36
C TYR F 311 13.05 -52.40 5.29
N GLU F 312 12.57 -53.25 6.21
CA GLU F 312 11.52 -52.85 7.16
C GLU F 312 11.96 -51.65 8.00
N ARG F 313 13.19 -51.71 8.53
CA ARG F 313 13.74 -50.62 9.34
C ARG F 313 14.00 -49.33 8.58
N VAL F 314 14.43 -49.44 7.32
CA VAL F 314 14.57 -48.25 6.47
C VAL F 314 13.20 -47.63 6.21
N ALA F 315 12.22 -48.49 5.90
CA ALA F 315 10.84 -48.06 5.66
C ALA F 315 10.24 -47.33 6.86
N SER F 316 10.36 -47.91 8.05
CA SER F 316 9.82 -47.31 9.27
C SER F 316 10.54 -46.01 9.63
N ASN F 317 11.83 -45.93 9.30
CA ASN F 317 12.61 -44.70 9.43
C ASN F 317 12.11 -43.60 8.50
N ARG F 318 11.79 -43.99 7.26
CA ARG F 318 11.20 -43.08 6.29
C ARG F 318 9.83 -42.57 6.78
N GLU F 319 9.05 -43.48 7.38
CA GLU F 319 7.77 -43.13 7.99
C GLU F 319 7.94 -42.14 9.14
N HIS F 320 8.99 -42.36 9.95
CA HIS F 320 9.29 -41.48 11.07
C HIS F 320 9.66 -40.06 10.62
N TRP F 321 10.41 -39.96 9.53
CA TRP F 321 10.77 -38.67 8.96
C TRP F 321 9.55 -37.86 8.51
N THR F 322 8.57 -38.53 7.90
CA THR F 322 7.31 -37.90 7.49
C THR F 322 6.53 -37.41 8.71
N LYS F 323 6.61 -38.19 9.78
CA LYS F 323 5.92 -37.91 11.04
C LYS F 323 6.46 -36.64 11.73
N VAL F 324 7.73 -36.34 11.53
CA VAL F 324 8.37 -35.19 12.20
C VAL F 324 8.61 -33.97 11.29
N SER F 325 8.10 -34.04 10.05
CA SER F 325 8.28 -32.98 9.06
C SER F 325 7.63 -31.64 9.45
N HIS F 326 6.59 -31.70 10.28
CA HIS F 326 5.88 -30.49 10.72
C HIS F 326 6.72 -29.64 11.69
N LYS F 327 7.72 -30.27 12.31
CA LYS F 327 8.57 -29.59 13.29
C LYS F 327 9.54 -28.58 12.65
N PHE F 328 9.66 -28.62 11.31
CA PHE F 328 10.49 -27.66 10.59
C PHE F 328 9.77 -26.35 10.30
N THR F 329 8.72 -26.09 11.08
CA THR F 329 8.05 -24.80 11.09
C THR F 329 8.25 -24.21 12.48
N ILE F 330 8.72 -22.97 12.52
CA ILE F 330 9.01 -22.30 13.80
C ILE F 330 7.69 -22.03 14.54
N ARG F 331 7.48 -22.79 15.62
CA ARG F 331 6.35 -22.56 16.52
C ARG F 331 6.82 -21.65 17.67
N GLY F 332 5.98 -20.69 18.03
CA GLY F 332 6.35 -19.71 19.05
C GLY F 332 7.43 -18.77 18.56
N LEU F 333 8.28 -18.31 19.48
CA LEU F 333 9.41 -17.46 19.13
C LEU F 333 10.68 -18.30 18.99
N PRO F 334 11.56 -17.94 18.03
CA PRO F 334 12.77 -18.67 17.64
C PRO F 334 13.48 -19.46 18.76
N SER F 335 14.44 -18.83 19.42
CA SER F 335 15.23 -19.46 20.48
C SER F 335 15.74 -18.33 21.35
N ASN F 336 15.62 -17.13 20.79
CA ASN F 336 16.29 -15.95 21.34
C ASN F 336 15.27 -14.82 21.44
N ASN F 337 14.00 -15.19 21.34
CA ASN F 337 12.85 -14.30 21.55
C ASN F 337 12.81 -13.06 20.66
N SER F 338 13.42 -13.17 19.48
CA SER F 338 13.48 -12.08 18.55
C SER F 338 12.83 -12.44 17.21
N LEU F 339 12.09 -11.48 16.66
CA LEU F 339 11.54 -11.63 15.32
C LEU F 339 12.40 -10.85 14.32
N ASP F 340 13.67 -10.68 14.67
CA ASP F 340 14.60 -9.90 13.85
C ASP F 340 14.95 -10.63 12.55
N PHE F 341 14.79 -11.95 12.56
CA PHE F 341 15.16 -12.80 11.42
C PHE F 341 14.37 -12.53 10.14
N LEU F 342 13.19 -11.91 10.29
CA LEU F 342 12.41 -11.50 9.12
C LEU F 342 12.61 -10.03 8.73
N ASP F 343 13.57 -9.39 9.40
CA ASP F 343 14.05 -8.03 9.08
C ASP F 343 12.96 -6.96 9.10
#